data_4GXL
# 
_entry.id   4GXL 
# 
_audit_conform.dict_name       mmcif_pdbx.dic 
_audit_conform.dict_version    5.388 
_audit_conform.dict_location   http://mmcif.pdb.org/dictionaries/ascii/mmcif_pdbx.dic 
# 
loop_
_database_2.database_id 
_database_2.database_code 
_database_2.pdbx_database_accession 
_database_2.pdbx_DOI 
PDB   4GXL         pdb_00004gxl 10.2210/pdb4gxl/pdb 
RCSB  RCSB074759   ?            ?                   
WWPDB D_1000074759 ?            ?                   
# 
loop_
_pdbx_audit_revision_history.ordinal 
_pdbx_audit_revision_history.data_content_type 
_pdbx_audit_revision_history.major_revision 
_pdbx_audit_revision_history.minor_revision 
_pdbx_audit_revision_history.revision_date 
1 'Structure model' 1 0 2013-05-08 
2 'Structure model' 1 1 2017-11-15 
3 'Structure model' 1 2 2024-03-20 
# 
_pdbx_audit_revision_details.ordinal             1 
_pdbx_audit_revision_details.revision_ordinal    1 
_pdbx_audit_revision_details.data_content_type   'Structure model' 
_pdbx_audit_revision_details.provider            repository 
_pdbx_audit_revision_details.type                'Initial release' 
_pdbx_audit_revision_details.description         ? 
_pdbx_audit_revision_details.details             ? 
# 
loop_
_pdbx_audit_revision_group.ordinal 
_pdbx_audit_revision_group.revision_ordinal 
_pdbx_audit_revision_group.data_content_type 
_pdbx_audit_revision_group.group 
1 2 'Structure model' Advisory                 
2 2 'Structure model' 'Refinement description' 
3 3 'Structure model' Advisory                 
4 3 'Structure model' 'Data collection'        
5 3 'Structure model' 'Database references'    
6 3 'Structure model' 'Derived calculations'   
# 
loop_
_pdbx_audit_revision_category.ordinal 
_pdbx_audit_revision_category.revision_ordinal 
_pdbx_audit_revision_category.data_content_type 
_pdbx_audit_revision_category.category 
1 2 'Structure model' pdbx_unobs_or_zero_occ_atoms 
2 2 'Structure model' software                     
3 3 'Structure model' chem_comp_atom               
4 3 'Structure model' chem_comp_bond               
5 3 'Structure model' database_2                   
6 3 'Structure model' pdbx_unobs_or_zero_occ_atoms 
7 3 'Structure model' struct_ref_seq_dif           
8 3 'Structure model' struct_site                  
# 
loop_
_pdbx_audit_revision_item.ordinal 
_pdbx_audit_revision_item.revision_ordinal 
_pdbx_audit_revision_item.data_content_type 
_pdbx_audit_revision_item.item 
1 2 'Structure model' '_software.name'                      
2 3 'Structure model' '_database_2.pdbx_DOI'                
3 3 'Structure model' '_database_2.pdbx_database_accession' 
4 3 'Structure model' '_struct_ref_seq_dif.details'         
5 3 'Structure model' '_struct_site.pdbx_auth_asym_id'      
6 3 'Structure model' '_struct_site.pdbx_auth_comp_id'      
7 3 'Structure model' '_struct_site.pdbx_auth_seq_id'       
# 
_pdbx_database_status.entry_id                        4GXL 
_pdbx_database_status.methods_development_category    ? 
_pdbx_database_status.deposit_site                    RCSB 
_pdbx_database_status.process_site                    PDBJ 
_pdbx_database_status.recvd_initial_deposition_date   2012-09-04 
_pdbx_database_status.status_code                     REL 
_pdbx_database_status.status_code_sf                  REL 
_pdbx_database_status.status_code_mr                  ? 
_pdbx_database_status.SG_entry                        ? 
_pdbx_database_status.status_code_cs                  ? 
_pdbx_database_status.pdb_format_compatible           Y 
_pdbx_database_status.status_code_nmr_data            ? 
# 
loop_
_audit_author.name 
_audit_author.pdbx_ordinal 
'Li, S.'       1 
'Wandel, M.P.' 2 
'Li, F.'       3 
'Liu, Z.'      4 
'He, C.'       5 
'Wu, J.'       6 
'Shi, Y.'      7 
'Randow, F.'   8 
# 
_citation.id                        primary 
_citation.title                     
;Sterical hindrance promotes selectivity of the autophagy cargo receptor NDP52 for the danger receptor galectin-8 in antibacterial autophagy
;
_citation.journal_abbrev            Sci.Signal. 
_citation.journal_volume            6 
_citation.page_first                ra9 
_citation.page_last                 ra9 
_citation.year                      2013 
_citation.journal_id_ASTM           ? 
_citation.country                   US 
_citation.journal_id_ISSN           1937-9145 
_citation.journal_id_CSD            ? 
_citation.book_publisher            ? 
_citation.pdbx_database_id_PubMed   23386746 
_citation.pdbx_database_id_DOI      10.1126/scisignal.2003730 
# 
loop_
_citation_author.citation_id 
_citation_author.name 
_citation_author.ordinal 
_citation_author.identifier_ORCID 
primary 'Li, S.'       1 ? 
primary 'Wandel, M.P.' 2 ? 
primary 'Li, F.'       3 ? 
primary 'Liu, Z.'      4 ? 
primary 'He, C.'       5 ? 
primary 'Wu, J.'       6 ? 
primary 'Shi, Y.'      7 ? 
primary 'Randow, F.'   8 ? 
# 
loop_
_entity.id 
_entity.type 
_entity.src_method 
_entity.pdbx_description 
_entity.formula_weight 
_entity.pdbx_number_of_molecules 
_entity.pdbx_ec 
_entity.pdbx_mutation 
_entity.pdbx_fragment 
_entity.details 
1 polymer     man Galectin-8                                                                 17532.883 1   ? ? 
'UNP residues 186-317' ? 
2 polymer     syn 'Peptide from Calcium-binding and coiled-coil domain-containing protein 2' 1508.615  1   ? ? 
'UNP residues 368-381' ? 
3 non-polymer syn GLYCEROL                                                                   92.094    2   ? ? ? ? 
4 water       nat water                                                                      18.015    119 ? ? ? ? 
# 
loop_
_entity_name_com.entity_id 
_entity_name_com.name 
1 'Gal-8, Po66 carbohydrate-binding protein, Po66-CBP, Prostate carcinoma tumor antigen 1, PCTA-1'                            
2 'Antigen nuclear dot 52 kDa protein, Nuclear domain 10 protein NDP52, Nuclear domain 10 protein 52, Nuclear dot protein 52' 
# 
loop_
_entity_poly.entity_id 
_entity_poly.type 
_entity_poly.nstd_linkage 
_entity_poly.nstd_monomer 
_entity_poly.pdbx_seq_one_letter_code 
_entity_poly.pdbx_seq_one_letter_code_can 
_entity_poly.pdbx_strand_id 
_entity_poly.pdbx_target_identifier 
1 'polypeptide(L)' no no 
;MGSSHHHHHHSSGENLYFQHMPFAARLNTPMGPGRTVVVKGEVNANAKSFNVDLLAGKSKDIALHLNPRLNIKAFVRNSF
LQESWGEEERNITSFPFSPGMYFEMIIYCDVREFKVAVNGVHSLEYKHRFKELSSIDTLEINGDIHLLEVRSW
;
;MGSSHHHHHHSSGENLYFQHMPFAARLNTPMGPGRTVVVKGEVNANAKSFNVDLLAGKSKDIALHLNPRLNIKAFVRNSF
LQESWGEEERNITSFPFSPGMYFEMIIYCDVREFKVAVNGVHSLEYKHRFKELSSIDTLEINGDIHLLEVRSW
;
A ? 
2 'polypeptide(L)' no no ARQNPGLAYGNPYS ARQNPGLAYGNPYS B ? 
# 
loop_
_pdbx_entity_nonpoly.entity_id 
_pdbx_entity_nonpoly.name 
_pdbx_entity_nonpoly.comp_id 
3 GLYCEROL GOL 
4 water    HOH 
# 
loop_
_entity_poly_seq.entity_id 
_entity_poly_seq.num 
_entity_poly_seq.mon_id 
_entity_poly_seq.hetero 
1 1   MET n 
1 2   GLY n 
1 3   SER n 
1 4   SER n 
1 5   HIS n 
1 6   HIS n 
1 7   HIS n 
1 8   HIS n 
1 9   HIS n 
1 10  HIS n 
1 11  SER n 
1 12  SER n 
1 13  GLY n 
1 14  GLU n 
1 15  ASN n 
1 16  LEU n 
1 17  TYR n 
1 18  PHE n 
1 19  GLN n 
1 20  HIS n 
1 21  MET n 
1 22  PRO n 
1 23  PHE n 
1 24  ALA n 
1 25  ALA n 
1 26  ARG n 
1 27  LEU n 
1 28  ASN n 
1 29  THR n 
1 30  PRO n 
1 31  MET n 
1 32  GLY n 
1 33  PRO n 
1 34  GLY n 
1 35  ARG n 
1 36  THR n 
1 37  VAL n 
1 38  VAL n 
1 39  VAL n 
1 40  LYS n 
1 41  GLY n 
1 42  GLU n 
1 43  VAL n 
1 44  ASN n 
1 45  ALA n 
1 46  ASN n 
1 47  ALA n 
1 48  LYS n 
1 49  SER n 
1 50  PHE n 
1 51  ASN n 
1 52  VAL n 
1 53  ASP n 
1 54  LEU n 
1 55  LEU n 
1 56  ALA n 
1 57  GLY n 
1 58  LYS n 
1 59  SER n 
1 60  LYS n 
1 61  ASP n 
1 62  ILE n 
1 63  ALA n 
1 64  LEU n 
1 65  HIS n 
1 66  LEU n 
1 67  ASN n 
1 68  PRO n 
1 69  ARG n 
1 70  LEU n 
1 71  ASN n 
1 72  ILE n 
1 73  LYS n 
1 74  ALA n 
1 75  PHE n 
1 76  VAL n 
1 77  ARG n 
1 78  ASN n 
1 79  SER n 
1 80  PHE n 
1 81  LEU n 
1 82  GLN n 
1 83  GLU n 
1 84  SER n 
1 85  TRP n 
1 86  GLY n 
1 87  GLU n 
1 88  GLU n 
1 89  GLU n 
1 90  ARG n 
1 91  ASN n 
1 92  ILE n 
1 93  THR n 
1 94  SER n 
1 95  PHE n 
1 96  PRO n 
1 97  PHE n 
1 98  SER n 
1 99  PRO n 
1 100 GLY n 
1 101 MET n 
1 102 TYR n 
1 103 PHE n 
1 104 GLU n 
1 105 MET n 
1 106 ILE n 
1 107 ILE n 
1 108 TYR n 
1 109 CYS n 
1 110 ASP n 
1 111 VAL n 
1 112 ARG n 
1 113 GLU n 
1 114 PHE n 
1 115 LYS n 
1 116 VAL n 
1 117 ALA n 
1 118 VAL n 
1 119 ASN n 
1 120 GLY n 
1 121 VAL n 
1 122 HIS n 
1 123 SER n 
1 124 LEU n 
1 125 GLU n 
1 126 TYR n 
1 127 LYS n 
1 128 HIS n 
1 129 ARG n 
1 130 PHE n 
1 131 LYS n 
1 132 GLU n 
1 133 LEU n 
1 134 SER n 
1 135 SER n 
1 136 ILE n 
1 137 ASP n 
1 138 THR n 
1 139 LEU n 
1 140 GLU n 
1 141 ILE n 
1 142 ASN n 
1 143 GLY n 
1 144 ASP n 
1 145 ILE n 
1 146 HIS n 
1 147 LEU n 
1 148 LEU n 
1 149 GLU n 
1 150 VAL n 
1 151 ARG n 
1 152 SER n 
1 153 TRP n 
2 1   ALA n 
2 2   ARG n 
2 3   GLN n 
2 4   ASN n 
2 5   PRO n 
2 6   GLY n 
2 7   LEU n 
2 8   ALA n 
2 9   TYR n 
2 10  GLY n 
2 11  ASN n 
2 12  PRO n 
2 13  TYR n 
2 14  SER n 
# 
_entity_src_gen.entity_id                          1 
_entity_src_gen.pdbx_src_id                        1 
_entity_src_gen.pdbx_alt_source_flag               sample 
_entity_src_gen.pdbx_seq_type                      ? 
_entity_src_gen.pdbx_beg_seq_num                   ? 
_entity_src_gen.pdbx_end_seq_num                   ? 
_entity_src_gen.gene_src_common_name               human 
_entity_src_gen.gene_src_genus                     ? 
_entity_src_gen.pdbx_gene_src_gene                 LGALS8 
_entity_src_gen.gene_src_species                   ? 
_entity_src_gen.gene_src_strain                    ? 
_entity_src_gen.gene_src_tissue                    ? 
_entity_src_gen.gene_src_tissue_fraction           ? 
_entity_src_gen.gene_src_details                   ? 
_entity_src_gen.pdbx_gene_src_fragment             ? 
_entity_src_gen.pdbx_gene_src_scientific_name      'Homo sapiens' 
_entity_src_gen.pdbx_gene_src_ncbi_taxonomy_id     9606 
_entity_src_gen.pdbx_gene_src_variant              ? 
_entity_src_gen.pdbx_gene_src_cell_line            ? 
_entity_src_gen.pdbx_gene_src_atcc                 ? 
_entity_src_gen.pdbx_gene_src_organ                ? 
_entity_src_gen.pdbx_gene_src_organelle            ? 
_entity_src_gen.pdbx_gene_src_cell                 ? 
_entity_src_gen.pdbx_gene_src_cellular_location    ? 
_entity_src_gen.host_org_common_name               ? 
_entity_src_gen.pdbx_host_org_scientific_name      'Escherichia coli' 
_entity_src_gen.pdbx_host_org_ncbi_taxonomy_id     562 
_entity_src_gen.host_org_genus                     ? 
_entity_src_gen.pdbx_host_org_gene                 ? 
_entity_src_gen.pdbx_host_org_organ                ? 
_entity_src_gen.host_org_species                   ? 
_entity_src_gen.pdbx_host_org_tissue               ? 
_entity_src_gen.pdbx_host_org_tissue_fraction      ? 
_entity_src_gen.pdbx_host_org_strain               ? 
_entity_src_gen.pdbx_host_org_variant              ? 
_entity_src_gen.pdbx_host_org_cell_line            ? 
_entity_src_gen.pdbx_host_org_atcc                 ? 
_entity_src_gen.pdbx_host_org_culture_collection   ? 
_entity_src_gen.pdbx_host_org_cell                 ? 
_entity_src_gen.pdbx_host_org_organelle            ? 
_entity_src_gen.pdbx_host_org_cellular_location    ? 
_entity_src_gen.pdbx_host_org_vector_type          plasmid 
_entity_src_gen.pdbx_host_org_vector               ? 
_entity_src_gen.host_org_details                   ? 
_entity_src_gen.expression_system_id               ? 
_entity_src_gen.plasmid_name                       ? 
_entity_src_gen.plasmid_details                    ? 
_entity_src_gen.pdbx_description                   ? 
# 
_pdbx_entity_src_syn.entity_id              2 
_pdbx_entity_src_syn.pdbx_src_id            1 
_pdbx_entity_src_syn.pdbx_alt_source_flag   sample 
_pdbx_entity_src_syn.pdbx_beg_seq_num       ? 
_pdbx_entity_src_syn.pdbx_end_seq_num       ? 
_pdbx_entity_src_syn.organism_scientific    'Homo sapiens' 
_pdbx_entity_src_syn.organism_common_name   human 
_pdbx_entity_src_syn.ncbi_taxonomy_id       9606 
_pdbx_entity_src_syn.details                ? 
# 
loop_
_chem_comp.id 
_chem_comp.type 
_chem_comp.mon_nstd_flag 
_chem_comp.name 
_chem_comp.pdbx_synonyms 
_chem_comp.formula 
_chem_comp.formula_weight 
ALA 'L-peptide linking' y ALANINE         ?                               'C3 H7 N O2'     89.093  
ARG 'L-peptide linking' y ARGININE        ?                               'C6 H15 N4 O2 1' 175.209 
ASN 'L-peptide linking' y ASPARAGINE      ?                               'C4 H8 N2 O3'    132.118 
ASP 'L-peptide linking' y 'ASPARTIC ACID' ?                               'C4 H7 N O4'     133.103 
CYS 'L-peptide linking' y CYSTEINE        ?                               'C3 H7 N O2 S'   121.158 
GLN 'L-peptide linking' y GLUTAMINE       ?                               'C5 H10 N2 O3'   146.144 
GLU 'L-peptide linking' y 'GLUTAMIC ACID' ?                               'C5 H9 N O4'     147.129 
GLY 'peptide linking'   y GLYCINE         ?                               'C2 H5 N O2'     75.067  
GOL non-polymer         . GLYCEROL        'GLYCERIN; PROPANE-1,2,3-TRIOL' 'C3 H8 O3'       92.094  
HIS 'L-peptide linking' y HISTIDINE       ?                               'C6 H10 N3 O2 1' 156.162 
HOH non-polymer         . WATER           ?                               'H2 O'           18.015  
ILE 'L-peptide linking' y ISOLEUCINE      ?                               'C6 H13 N O2'    131.173 
LEU 'L-peptide linking' y LEUCINE         ?                               'C6 H13 N O2'    131.173 
LYS 'L-peptide linking' y LYSINE          ?                               'C6 H15 N2 O2 1' 147.195 
MET 'L-peptide linking' y METHIONINE      ?                               'C5 H11 N O2 S'  149.211 
PHE 'L-peptide linking' y PHENYLALANINE   ?                               'C9 H11 N O2'    165.189 
PRO 'L-peptide linking' y PROLINE         ?                               'C5 H9 N O2'     115.130 
SER 'L-peptide linking' y SERINE          ?                               'C3 H7 N O3'     105.093 
THR 'L-peptide linking' y THREONINE       ?                               'C4 H9 N O3'     119.119 
TRP 'L-peptide linking' y TRYPTOPHAN      ?                               'C11 H12 N2 O2'  204.225 
TYR 'L-peptide linking' y TYROSINE        ?                               'C9 H11 N O3'    181.189 
VAL 'L-peptide linking' y VALINE          ?                               'C5 H11 N O2'    117.146 
# 
loop_
_pdbx_poly_seq_scheme.asym_id 
_pdbx_poly_seq_scheme.entity_id 
_pdbx_poly_seq_scheme.seq_id 
_pdbx_poly_seq_scheme.mon_id 
_pdbx_poly_seq_scheme.ndb_seq_num 
_pdbx_poly_seq_scheme.pdb_seq_num 
_pdbx_poly_seq_scheme.auth_seq_num 
_pdbx_poly_seq_scheme.pdb_mon_id 
_pdbx_poly_seq_scheme.auth_mon_id 
_pdbx_poly_seq_scheme.pdb_strand_id 
_pdbx_poly_seq_scheme.pdb_ins_code 
_pdbx_poly_seq_scheme.hetero 
A 1 1   MET 1   207 ?   ?   ?   A . n 
A 1 2   GLY 2   208 ?   ?   ?   A . n 
A 1 3   SER 3   209 ?   ?   ?   A . n 
A 1 4   SER 4   210 ?   ?   ?   A . n 
A 1 5   HIS 5   211 ?   ?   ?   A . n 
A 1 6   HIS 6   212 ?   ?   ?   A . n 
A 1 7   HIS 7   213 ?   ?   ?   A . n 
A 1 8   HIS 8   214 ?   ?   ?   A . n 
A 1 9   HIS 9   215 ?   ?   ?   A . n 
A 1 10  HIS 10  216 ?   ?   ?   A . n 
A 1 11  SER 11  217 217 SER SER A . n 
A 1 12  SER 12  218 218 SER SER A . n 
A 1 13  GLY 13  219 219 GLY GLY A . n 
A 1 14  GLU 14  220 220 GLU GLU A . n 
A 1 15  ASN 15  221 221 ASN ASN A . n 
A 1 16  LEU 16  222 222 LEU LEU A . n 
A 1 17  TYR 17  223 223 TYR TYR A . n 
A 1 18  PHE 18  224 224 PHE PHE A . n 
A 1 19  GLN 19  225 225 GLN GLN A . n 
A 1 20  HIS 20  226 226 HIS HIS A . n 
A 1 21  MET 21  227 227 MET MET A . n 
A 1 22  PRO 22  228 228 PRO PRO A . n 
A 1 23  PHE 23  229 229 PHE PHE A . n 
A 1 24  ALA 24  230 230 ALA ALA A . n 
A 1 25  ALA 25  231 231 ALA ALA A . n 
A 1 26  ARG 26  232 232 ARG ARG A . n 
A 1 27  LEU 27  233 233 LEU LEU A . n 
A 1 28  ASN 28  234 234 ASN ASN A . n 
A 1 29  THR 29  235 235 THR THR A . n 
A 1 30  PRO 30  236 236 PRO PRO A . n 
A 1 31  MET 31  237 237 MET MET A . n 
A 1 32  GLY 32  238 238 GLY GLY A . n 
A 1 33  PRO 33  239 239 PRO PRO A . n 
A 1 34  GLY 34  240 240 GLY GLY A . n 
A 1 35  ARG 35  241 241 ARG ARG A . n 
A 1 36  THR 36  242 242 THR THR A . n 
A 1 37  VAL 37  243 243 VAL VAL A . n 
A 1 38  VAL 38  244 244 VAL VAL A . n 
A 1 39  VAL 39  245 245 VAL VAL A . n 
A 1 40  LYS 40  246 246 LYS LYS A . n 
A 1 41  GLY 41  247 247 GLY GLY A . n 
A 1 42  GLU 42  248 248 GLU GLU A . n 
A 1 43  VAL 43  249 249 VAL VAL A . n 
A 1 44  ASN 44  250 250 ASN ASN A . n 
A 1 45  ALA 45  251 251 ALA ALA A . n 
A 1 46  ASN 46  252 252 ASN ASN A . n 
A 1 47  ALA 47  253 253 ALA ALA A . n 
A 1 48  LYS 48  254 254 LYS LYS A . n 
A 1 49  SER 49  255 255 SER SER A . n 
A 1 50  PHE 50  256 256 PHE PHE A . n 
A 1 51  ASN 51  257 257 ASN ASN A . n 
A 1 52  VAL 52  258 258 VAL VAL A . n 
A 1 53  ASP 53  259 259 ASP ASP A . n 
A 1 54  LEU 54  260 260 LEU LEU A . n 
A 1 55  LEU 55  261 261 LEU LEU A . n 
A 1 56  ALA 56  262 262 ALA ALA A . n 
A 1 57  GLY 57  263 263 GLY GLY A . n 
A 1 58  LYS 58  264 264 LYS LYS A . n 
A 1 59  SER 59  265 265 SER SER A . n 
A 1 60  LYS 60  266 266 LYS LYS A . n 
A 1 61  ASP 61  267 267 ASP ASP A . n 
A 1 62  ILE 62  268 268 ILE ILE A . n 
A 1 63  ALA 63  269 269 ALA ALA A . n 
A 1 64  LEU 64  270 270 LEU LEU A . n 
A 1 65  HIS 65  271 271 HIS HIS A . n 
A 1 66  LEU 66  272 272 LEU LEU A . n 
A 1 67  ASN 67  273 273 ASN ASN A . n 
A 1 68  PRO 68  274 274 PRO PRO A . n 
A 1 69  ARG 69  275 275 ARG ARG A . n 
A 1 70  LEU 70  276 276 LEU LEU A . n 
A 1 71  ASN 71  277 277 ASN ASN A . n 
A 1 72  ILE 72  278 278 ILE ILE A . n 
A 1 73  LYS 73  279 279 LYS LYS A . n 
A 1 74  ALA 74  280 280 ALA ALA A . n 
A 1 75  PHE 75  281 281 PHE PHE A . n 
A 1 76  VAL 76  282 282 VAL VAL A . n 
A 1 77  ARG 77  283 283 ARG ARG A . n 
A 1 78  ASN 78  284 284 ASN ASN A . n 
A 1 79  SER 79  285 285 SER SER A . n 
A 1 80  PHE 80  286 286 PHE PHE A . n 
A 1 81  LEU 81  287 287 LEU LEU A . n 
A 1 82  GLN 82  288 288 GLN GLN A . n 
A 1 83  GLU 83  289 289 GLU GLU A . n 
A 1 84  SER 84  290 290 SER SER A . n 
A 1 85  TRP 85  291 291 TRP TRP A . n 
A 1 86  GLY 86  292 292 GLY GLY A . n 
A 1 87  GLU 87  293 293 GLU GLU A . n 
A 1 88  GLU 88  294 294 GLU GLU A . n 
A 1 89  GLU 89  295 295 GLU GLU A . n 
A 1 90  ARG 90  296 296 ARG ARG A . n 
A 1 91  ASN 91  297 297 ASN ASN A . n 
A 1 92  ILE 92  298 298 ILE ILE A . n 
A 1 93  THR 93  299 299 THR THR A . n 
A 1 94  SER 94  300 300 SER SER A . n 
A 1 95  PHE 95  301 301 PHE PHE A . n 
A 1 96  PRO 96  302 302 PRO PRO A . n 
A 1 97  PHE 97  303 303 PHE PHE A . n 
A 1 98  SER 98  304 304 SER SER A . n 
A 1 99  PRO 99  305 305 PRO PRO A . n 
A 1 100 GLY 100 306 306 GLY GLY A . n 
A 1 101 MET 101 307 307 MET MET A . n 
A 1 102 TYR 102 308 308 TYR TYR A . n 
A 1 103 PHE 103 309 309 PHE PHE A . n 
A 1 104 GLU 104 310 310 GLU GLU A . n 
A 1 105 MET 105 311 311 MET MET A . n 
A 1 106 ILE 106 312 312 ILE ILE A . n 
A 1 107 ILE 107 313 313 ILE ILE A . n 
A 1 108 TYR 108 314 314 TYR TYR A . n 
A 1 109 CYS 109 315 315 CYS CYS A . n 
A 1 110 ASP 110 316 316 ASP ASP A . n 
A 1 111 VAL 111 317 317 VAL VAL A . n 
A 1 112 ARG 112 318 318 ARG ARG A . n 
A 1 113 GLU 113 319 319 GLU GLU A . n 
A 1 114 PHE 114 320 320 PHE PHE A . n 
A 1 115 LYS 115 321 321 LYS LYS A . n 
A 1 116 VAL 116 322 322 VAL VAL A . n 
A 1 117 ALA 117 323 323 ALA ALA A . n 
A 1 118 VAL 118 324 324 VAL VAL A . n 
A 1 119 ASN 119 325 325 ASN ASN A . n 
A 1 120 GLY 120 326 326 GLY GLY A . n 
A 1 121 VAL 121 327 327 VAL VAL A . n 
A 1 122 HIS 122 328 328 HIS HIS A . n 
A 1 123 SER 123 329 329 SER SER A . n 
A 1 124 LEU 124 330 330 LEU LEU A . n 
A 1 125 GLU 125 331 331 GLU GLU A . n 
A 1 126 TYR 126 332 332 TYR TYR A . n 
A 1 127 LYS 127 333 333 LYS LYS A . n 
A 1 128 HIS 128 334 334 HIS HIS A . n 
A 1 129 ARG 129 335 335 ARG ARG A . n 
A 1 130 PHE 130 336 336 PHE PHE A . n 
A 1 131 LYS 131 337 337 LYS LYS A . n 
A 1 132 GLU 132 338 338 GLU GLU A . n 
A 1 133 LEU 133 339 339 LEU LEU A . n 
A 1 134 SER 134 340 340 SER SER A . n 
A 1 135 SER 135 341 341 SER SER A . n 
A 1 136 ILE 136 342 342 ILE ILE A . n 
A 1 137 ASP 137 343 343 ASP ASP A . n 
A 1 138 THR 138 344 344 THR THR A . n 
A 1 139 LEU 139 345 345 LEU LEU A . n 
A 1 140 GLU 140 346 346 GLU GLU A . n 
A 1 141 ILE 141 347 347 ILE ILE A . n 
A 1 142 ASN 142 348 348 ASN ASN A . n 
A 1 143 GLY 143 349 349 GLY GLY A . n 
A 1 144 ASP 144 350 350 ASP ASP A . n 
A 1 145 ILE 145 351 351 ILE ILE A . n 
A 1 146 HIS 146 352 352 HIS HIS A . n 
A 1 147 LEU 147 353 353 LEU LEU A . n 
A 1 148 LEU 148 354 354 LEU LEU A . n 
A 1 149 GLU 149 355 355 GLU GLU A . n 
A 1 150 VAL 150 356 356 VAL VAL A . n 
A 1 151 ARG 151 357 357 ARG ARG A . n 
A 1 152 SER 152 358 358 SER SER A . n 
A 1 153 TRP 153 359 359 TRP TRP A . n 
B 2 1   ALA 1   368 ?   ?   ?   B . n 
B 2 2   ARG 2   369 ?   ?   ?   B . n 
B 2 3   GLN 3   370 ?   ?   ?   B . n 
B 2 4   ASN 4   371 371 ASN ASN B . n 
B 2 5   PRO 5   372 372 PRO PRO B . n 
B 2 6   GLY 6   373 373 GLY GLY B . n 
B 2 7   LEU 7   374 374 LEU LEU B . n 
B 2 8   ALA 8   375 375 ALA ALA B . n 
B 2 9   TYR 9   376 376 TYR TYR B . n 
B 2 10  GLY 10  377 377 GLY GLY B . n 
B 2 11  ASN 11  378 378 ASN ASN B . n 
B 2 12  PRO 12  379 379 PRO PRO B . n 
B 2 13  TYR 13  380 380 TYR TYR B . n 
B 2 14  SER 14  381 381 SER SER B . n 
# 
loop_
_pdbx_nonpoly_scheme.asym_id 
_pdbx_nonpoly_scheme.entity_id 
_pdbx_nonpoly_scheme.mon_id 
_pdbx_nonpoly_scheme.ndb_seq_num 
_pdbx_nonpoly_scheme.pdb_seq_num 
_pdbx_nonpoly_scheme.auth_seq_num 
_pdbx_nonpoly_scheme.pdb_mon_id 
_pdbx_nonpoly_scheme.auth_mon_id 
_pdbx_nonpoly_scheme.pdb_strand_id 
_pdbx_nonpoly_scheme.pdb_ins_code 
C 3 GOL 1   401 1   GOL GOL A . 
D 3 GOL 1   402 1   GOL GOL A . 
E 4 HOH 1   501 1   HOH HOH A . 
E 4 HOH 2   502 2   HOH HOH A . 
E 4 HOH 3   503 3   HOH HOH A . 
E 4 HOH 4   504 4   HOH HOH A . 
E 4 HOH 5   505 5   HOH HOH A . 
E 4 HOH 6   506 6   HOH HOH A . 
E 4 HOH 7   507 7   HOH HOH A . 
E 4 HOH 8   508 8   HOH HOH A . 
E 4 HOH 9   509 9   HOH HOH A . 
E 4 HOH 10  510 11  HOH HOH A . 
E 4 HOH 11  511 12  HOH HOH A . 
E 4 HOH 12  512 13  HOH HOH A . 
E 4 HOH 13  513 14  HOH HOH A . 
E 4 HOH 14  514 15  HOH HOH A . 
E 4 HOH 15  515 16  HOH HOH A . 
E 4 HOH 16  516 17  HOH HOH A . 
E 4 HOH 17  517 18  HOH HOH A . 
E 4 HOH 18  518 19  HOH HOH A . 
E 4 HOH 19  519 20  HOH HOH A . 
E 4 HOH 20  520 21  HOH HOH A . 
E 4 HOH 21  521 22  HOH HOH A . 
E 4 HOH 22  522 23  HOH HOH A . 
E 4 HOH 23  523 24  HOH HOH A . 
E 4 HOH 24  524 25  HOH HOH A . 
E 4 HOH 25  525 26  HOH HOH A . 
E 4 HOH 26  526 28  HOH HOH A . 
E 4 HOH 27  527 29  HOH HOH A . 
E 4 HOH 28  528 30  HOH HOH A . 
E 4 HOH 29  529 31  HOH HOH A . 
E 4 HOH 30  530 32  HOH HOH A . 
E 4 HOH 31  531 34  HOH HOH A . 
E 4 HOH 32  532 35  HOH HOH A . 
E 4 HOH 33  533 36  HOH HOH A . 
E 4 HOH 34  534 39  HOH HOH A . 
E 4 HOH 35  535 40  HOH HOH A . 
E 4 HOH 36  536 41  HOH HOH A . 
E 4 HOH 37  537 42  HOH HOH A . 
E 4 HOH 38  538 43  HOH HOH A . 
E 4 HOH 39  539 44  HOH HOH A . 
E 4 HOH 40  540 45  HOH HOH A . 
E 4 HOH 41  541 46  HOH HOH A . 
E 4 HOH 42  542 48  HOH HOH A . 
E 4 HOH 43  543 49  HOH HOH A . 
E 4 HOH 44  544 51  HOH HOH A . 
E 4 HOH 45  545 53  HOH HOH A . 
E 4 HOH 46  546 54  HOH HOH A . 
E 4 HOH 47  547 55  HOH HOH A . 
E 4 HOH 48  548 57  HOH HOH A . 
E 4 HOH 49  549 58  HOH HOH A . 
E 4 HOH 50  550 60  HOH HOH A . 
E 4 HOH 51  551 61  HOH HOH A . 
E 4 HOH 52  552 62  HOH HOH A . 
E 4 HOH 53  553 63  HOH HOH A . 
E 4 HOH 54  554 65  HOH HOH A . 
E 4 HOH 55  555 66  HOH HOH A . 
E 4 HOH 56  556 67  HOH HOH A . 
E 4 HOH 57  557 68  HOH HOH A . 
E 4 HOH 58  558 69  HOH HOH A . 
E 4 HOH 59  559 70  HOH HOH A . 
E 4 HOH 60  560 71  HOH HOH A . 
E 4 HOH 61  561 72  HOH HOH A . 
E 4 HOH 62  562 74  HOH HOH A . 
E 4 HOH 63  563 75  HOH HOH A . 
E 4 HOH 64  564 77  HOH HOH A . 
E 4 HOH 65  565 78  HOH HOH A . 
E 4 HOH 66  566 79  HOH HOH A . 
E 4 HOH 67  567 83  HOH HOH A . 
E 4 HOH 68  568 84  HOH HOH A . 
E 4 HOH 69  569 85  HOH HOH A . 
E 4 HOH 70  570 86  HOH HOH A . 
E 4 HOH 71  571 89  HOH HOH A . 
E 4 HOH 72  572 91  HOH HOH A . 
E 4 HOH 73  573 93  HOH HOH A . 
E 4 HOH 74  574 94  HOH HOH A . 
E 4 HOH 75  575 95  HOH HOH A . 
E 4 HOH 76  576 96  HOH HOH A . 
E 4 HOH 77  577 98  HOH HOH A . 
E 4 HOH 78  578 99  HOH HOH A . 
E 4 HOH 79  579 102 HOH HOH A . 
E 4 HOH 80  580 103 HOH HOH A . 
E 4 HOH 81  581 104 HOH HOH A . 
E 4 HOH 82  582 105 HOH HOH A . 
E 4 HOH 83  583 106 HOH HOH A . 
E 4 HOH 84  584 107 HOH HOH A . 
E 4 HOH 85  585 108 HOH HOH A . 
E 4 HOH 86  586 109 HOH HOH A . 
E 4 HOH 87  587 110 HOH HOH A . 
E 4 HOH 88  588 111 HOH HOH A . 
E 4 HOH 89  589 112 HOH HOH A . 
E 4 HOH 90  590 113 HOH HOH A . 
E 4 HOH 91  591 114 HOH HOH A . 
E 4 HOH 92  592 117 HOH HOH A . 
E 4 HOH 93  593 118 HOH HOH A . 
E 4 HOH 94  594 122 HOH HOH A . 
E 4 HOH 95  595 123 HOH HOH A . 
E 4 HOH 96  596 126 HOH HOH A . 
E 4 HOH 97  597 127 HOH HOH A . 
E 4 HOH 98  598 130 HOH HOH A . 
E 4 HOH 99  599 131 HOH HOH A . 
E 4 HOH 100 600 132 HOH HOH A . 
E 4 HOH 101 601 134 HOH HOH A . 
E 4 HOH 102 602 138 HOH HOH A . 
E 4 HOH 103 603 141 HOH HOH A . 
E 4 HOH 104 604 143 HOH HOH A . 
E 4 HOH 105 605 145 HOH HOH A . 
E 4 HOH 106 606 146 HOH HOH A . 
E 4 HOH 107 607 147 HOH HOH A . 
E 4 HOH 108 608 148 HOH HOH A . 
E 4 HOH 109 609 150 HOH HOH A . 
E 4 HOH 110 610 151 HOH HOH A . 
E 4 HOH 111 611 152 HOH HOH A . 
F 4 HOH 1   401 10  HOH HOH B . 
F 4 HOH 2   402 33  HOH HOH B . 
F 4 HOH 3   403 37  HOH HOH B . 
F 4 HOH 4   404 47  HOH HOH B . 
F 4 HOH 5   405 50  HOH HOH B . 
F 4 HOH 6   406 73  HOH HOH B . 
F 4 HOH 7   407 90  HOH HOH B . 
F 4 HOH 8   408 144 HOH HOH B . 
# 
loop_
_pdbx_unobs_or_zero_occ_atoms.id 
_pdbx_unobs_or_zero_occ_atoms.PDB_model_num 
_pdbx_unobs_or_zero_occ_atoms.polymer_flag 
_pdbx_unobs_or_zero_occ_atoms.occupancy_flag 
_pdbx_unobs_or_zero_occ_atoms.auth_asym_id 
_pdbx_unobs_or_zero_occ_atoms.auth_comp_id 
_pdbx_unobs_or_zero_occ_atoms.auth_seq_id 
_pdbx_unobs_or_zero_occ_atoms.PDB_ins_code 
_pdbx_unobs_or_zero_occ_atoms.auth_atom_id 
_pdbx_unobs_or_zero_occ_atoms.label_alt_id 
_pdbx_unobs_or_zero_occ_atoms.label_asym_id 
_pdbx_unobs_or_zero_occ_atoms.label_comp_id 
_pdbx_unobs_or_zero_occ_atoms.label_seq_id 
_pdbx_unobs_or_zero_occ_atoms.label_atom_id 
1 1 Y 0 A ASN 234 ? CG ? A ASN 28 CG 
2 1 Y 0 A GLU 289 ? CD ? A GLU 83 CD 
3 1 Y 0 A GLU 293 ? CD ? A GLU 87 CD 
# 
loop_
_software.pdbx_ordinal 
_software.name 
_software.version 
_software.date 
_software.type 
_software.contact_author 
_software.contact_author_email 
_software.classification 
_software.location 
_software.language 
_software.citation_id 
1 SCALEPACK   .         ?                program 'Zbyszek Otwinowski' hkl@hkl-xray.com         'data scaling'    
http://www.hkl-xray.com/                    ?          ? 
2 MOLREP      .         ?                program 'Alexei Vaguine'     alexei@ysbl.york.ac.uk   phasing           
http://www.ccp4.ac.uk/dist/html/molrep.html Fortran_77 ? 
3 PHENIX      1.7.3_928 ?                package 'Paul D. Adams'      PDAdams@lbl.gov          refinement        
http://www.phenix-online.org/               C++        ? 
4 PDB_EXTRACT 3.11      'April 22, 2011' package PDB                  deposit@deposit.rcsb.org 'data extraction' 
http://sw-tools.pdb.org/apps/PDB_EXTRACT/   C++        ? 
5 ADSC        Quantum   ?                ?       ?                    ?                        'data collection' ? ?          ? 
6 DENZO       .         ?                ?       ?                    ?                        'data reduction'  ? ?          ? 
# 
_cell.length_a           76.087 
_cell.length_b           124.826 
_cell.length_c           43.737 
_cell.angle_alpha        90.000 
_cell.angle_beta         90.000 
_cell.angle_gamma        90.000 
_cell.entry_id           4GXL 
_cell.pdbx_unique_axis   ? 
_cell.Z_PDB              8 
_cell.length_a_esd       ? 
_cell.length_b_esd       ? 
_cell.length_c_esd       ? 
_cell.angle_alpha_esd    ? 
_cell.angle_beta_esd     ? 
_cell.angle_gamma_esd    ? 
# 
_symmetry.space_group_name_H-M             'C 2 2 2' 
_symmetry.entry_id                         4GXL 
_symmetry.Int_Tables_number                21 
_symmetry.pdbx_full_space_group_name_H-M   ? 
_symmetry.cell_setting                     ? 
_symmetry.space_group_name_Hall            ? 
# 
_exptl.crystals_number   1 
_exptl.entry_id          4GXL 
_exptl.method            'X-RAY DIFFRACTION' 
# 
_exptl_crystal.id                    1 
_exptl_crystal.pdbx_mosaicity        0.465 
_exptl_crystal.pdbx_mosaicity_esd    ? 
_exptl_crystal.density_Matthews      2.73 
_exptl_crystal.density_diffrn        ? 
_exptl_crystal.density_meas          ? 
_exptl_crystal.density_meas_temp     ? 
_exptl_crystal.density_percent_sol   54.89 
_exptl_crystal.size_max              ? 
_exptl_crystal.size_mid              ? 
_exptl_crystal.size_min              ? 
_exptl_crystal.size_rad              ? 
_exptl_crystal.description           ? 
_exptl_crystal.F_000                 ? 
_exptl_crystal.preparation           ? 
# 
_exptl_crystal_grow.crystal_id      1 
_exptl_crystal_grow.method          'VAPOR DIFFUSION, SITTING DROP' 
_exptl_crystal_grow.pH              7.5 
_exptl_crystal_grow.temp            283 
_exptl_crystal_grow.temp_details    ? 
_exptl_crystal_grow.pdbx_details    
'2% PEG 400, 0.1M HEPES sodium pH 7.5, 2.0M ammonium sulfate, VAPOR DIFFUSION, SITTING DROP, temperature 283K' 
_exptl_crystal_grow.pdbx_pH_range   . 
# 
_diffrn.id                     1 
_diffrn.ambient_temp           100 
_diffrn.ambient_temp_details   ? 
_diffrn.crystal_id             1 
# 
_diffrn_detector.diffrn_id              1 
_diffrn_detector.detector               CCD 
_diffrn_detector.type                   'ADSC QUANTUM 315r' 
_diffrn_detector.pdbx_collection_date   2012-03-18 
_diffrn_detector.details                ? 
# 
_diffrn_radiation.diffrn_id                        1 
_diffrn_radiation.wavelength_id                    1 
_diffrn_radiation.pdbx_diffrn_protocol             'SINGLE WAVELENGTH' 
_diffrn_radiation.monochromator                    'Si 111 CHANNEL' 
_diffrn_radiation.pdbx_monochromatic_or_laue_m_l   M 
_diffrn_radiation.pdbx_scattering_type             x-ray 
# 
_diffrn_radiation_wavelength.id           1 
_diffrn_radiation_wavelength.wavelength   0.9793 
_diffrn_radiation_wavelength.wt           1.0 
# 
_diffrn_source.diffrn_id                   1 
_diffrn_source.source                      SYNCHROTRON 
_diffrn_source.type                        'SSRF BEAMLINE BL17U' 
_diffrn_source.pdbx_wavelength             ? 
_diffrn_source.pdbx_wavelength_list        0.9793 
_diffrn_source.pdbx_synchrotron_site       SSRF 
_diffrn_source.pdbx_synchrotron_beamline   BL17U 
# 
_reflns.entry_id                     4GXL 
_reflns.d_resolution_high            2.020 
_reflns.d_resolution_low             50.000 
_reflns.number_obs                   13995 
_reflns.pdbx_Rmerge_I_obs            0.085 
_reflns.pdbx_netI_over_sigmaI        11.700 
_reflns.pdbx_chi_squared             1.051 
_reflns.pdbx_redundancy              5.300 
_reflns.percent_possible_obs         99.900 
_reflns.observed_criterion_sigma_F   2 
_reflns.observed_criterion_sigma_I   2 
_reflns.number_all                   14009 
_reflns.pdbx_Rsym_value              ? 
_reflns.B_iso_Wilson_estimate        ? 
_reflns.R_free_details               ? 
_reflns.limit_h_max                  ? 
_reflns.limit_h_min                  ? 
_reflns.limit_k_max                  ? 
_reflns.limit_k_min                  ? 
_reflns.limit_l_max                  ? 
_reflns.limit_l_min                  ? 
_reflns.observed_criterion_F_max     ? 
_reflns.observed_criterion_F_min     ? 
_reflns.pdbx_scaling_rejects         ? 
_reflns.pdbx_ordinal                 1 
_reflns.pdbx_diffrn_id               1 
# 
loop_
_reflns_shell.d_res_high 
_reflns_shell.d_res_low 
_reflns_shell.number_measured_obs 
_reflns_shell.number_measured_all 
_reflns_shell.number_unique_obs 
_reflns_shell.pdbx_rejects 
_reflns_shell.Rmerge_I_obs 
_reflns_shell.meanI_over_sigI_obs 
_reflns_shell.pdbx_Rsym_value 
_reflns_shell.pdbx_chi_squared 
_reflns_shell.pdbx_redundancy 
_reflns_shell.percent_possible_obs 
_reflns_shell.pdbx_netI_over_sigmaI_obs 
_reflns_shell.number_possible 
_reflns_shell.number_unique_all 
_reflns_shell.Rmerge_F_all 
_reflns_shell.Rmerge_F_obs 
_reflns_shell.Rmerge_I_all 
_reflns_shell.meanI_over_sigI_all 
_reflns_shell.percent_possible_all 
_reflns_shell.pdbx_Rrim_I_all 
_reflns_shell.pdbx_Rpim_I_all 
_reflns_shell.pdbx_ordinal 
_reflns_shell.pdbx_diffrn_id 
2.020 2.050  ? ? ? ? 0.333 ? ? 1.090 4.800 ? ? ? 682 ? ? ? ? 100.000 ? ? 1  1 
2.050 2.090  ? ? ? ? 0.293 ? ? 1.107 5.200 ? ? ? 689 ? ? ? ? 99.900  ? ? 2  1 
2.090 2.130  ? ? ? ? 0.266 ? ? 1.086 5.300 ? ? ? 693 ? ? ? ? 100.000 ? ? 3  1 
2.130 2.180  ? ? ? ? 0.210 ? ? 1.085 5.400 ? ? ? 695 ? ? ? ? 100.000 ? ? 4  1 
2.180 2.220  ? ? ? ? 0.196 ? ? 1.036 5.300 ? ? ? 681 ? ? ? ? 100.000 ? ? 5  1 
2.220 2.270  ? ? ? ? 0.177 ? ? 1.089 5.400 ? ? ? 693 ? ? ? ? 100.000 ? ? 6  1 
2.270 2.330  ? ? ? ? 0.157 ? ? 1.061 5.300 ? ? ? 675 ? ? ? ? 100.000 ? ? 7  1 
2.330 2.390  ? ? ? ? 0.162 ? ? 1.097 5.400 ? ? ? 693 ? ? ? ? 100.000 ? ? 8  1 
2.390 2.470  ? ? ? ? 0.145 ? ? 1.038 5.400 ? ? ? 681 ? ? ? ? 100.000 ? ? 9  1 
2.470 2.540  ? ? ? ? 0.133 ? ? 1.043 5.400 ? ? ? 709 ? ? ? ? 100.000 ? ? 10 1 
2.540 2.640  ? ? ? ? 0.116 ? ? 1.059 5.300 ? ? ? 686 ? ? ? ? 100.000 ? ? 11 1 
2.640 2.740  ? ? ? ? 0.099 ? ? 1.043 5.400 ? ? ? 702 ? ? ? ? 100.000 ? ? 12 1 
2.740 2.870  ? ? ? ? 0.086 ? ? 1.033 5.400 ? ? ? 686 ? ? ? ? 100.000 ? ? 13 1 
2.870 3.020  ? ? ? ? 0.075 ? ? 1.056 5.300 ? ? ? 710 ? ? ? ? 100.000 ? ? 14 1 
3.020 3.210  ? ? ? ? 0.063 ? ? 1.028 5.300 ? ? ? 695 ? ? ? ? 100.000 ? ? 15 1 
3.210 3.450  ? ? ? ? 0.056 ? ? 1.021 5.300 ? ? ? 708 ? ? ? ? 99.900  ? ? 16 1 
3.450 3.800  ? ? ? ? 0.068 ? ? 0.999 5.200 ? ? ? 708 ? ? ? ? 99.900  ? ? 17 1 
3.800 4.350  ? ? ? ? 0.077 ? ? 1.049 5.200 ? ? ? 717 ? ? ? ? 99.900  ? ? 18 1 
4.350 5.480  ? ? ? ? 0.061 ? ? 1.065 5.000 ? ? ? 722 ? ? ? ? 99.600  ? ? 19 1 
5.480 50.000 ? ? ? ? 0.043 ? ? 0.936 4.800 ? ? ? 770 ? ? ? ? 99.000  ? ? 20 1 
# 
_refine.entry_id                                 4GXL 
_refine.ls_d_res_high                            2.0230 
_refine.ls_d_res_low                             35.8180 
_refine.pdbx_ls_sigma_F                          1.360 
_refine.pdbx_data_cutoff_high_absF               ? 
_refine.pdbx_data_cutoff_low_absF                ? 
_refine.ls_percent_reflns_obs                    99.7600 
_refine.ls_number_reflns_obs                     13992 
_refine.ls_number_reflns_all                     14009 
_refine.pdbx_ls_cross_valid_method               ? 
_refine.pdbx_R_Free_selection_details            RANDOM 
_refine.details                                  ? 
_refine.ls_R_factor_all                          ? 
_refine.ls_R_factor_obs                          0.1786 
_refine.ls_R_factor_R_work                       0.1767 
_refine.ls_wR_factor_R_work                      ? 
_refine.ls_R_factor_R_free                       0.2161 
_refine.ls_wR_factor_R_free                      ? 
_refine.ls_percent_reflns_R_free                 5.0100 
_refine.ls_number_reflns_R_free                  701 
_refine.ls_R_factor_R_free_error                 ? 
_refine.B_iso_mean                               22.8292 
_refine.solvent_model_param_bsol                 30.8440 
_refine.solvent_model_param_ksol                 0.3640 
_refine.pdbx_isotropic_thermal_model             ? 
_refine.aniso_B[1][1]                            0.0630 
_refine.aniso_B[2][2]                            -0.4398 
_refine.aniso_B[3][3]                            0.3768 
_refine.aniso_B[1][2]                            -0.0000 
_refine.aniso_B[1][3]                            -0.0000 
_refine.aniso_B[2][3]                            -0.0000 
_refine.correlation_coeff_Fo_to_Fc               ? 
_refine.correlation_coeff_Fo_to_Fc_free          ? 
_refine.overall_SU_R_Cruickshank_DPI             ? 
_refine.overall_SU_R_free                        ? 
_refine.pdbx_overall_ESU_R                       ? 
_refine.pdbx_overall_ESU_R_Free                  ? 
_refine.overall_SU_ML                            0.1300 
_refine.overall_SU_B                             ? 
_refine.solvent_model_details                    'FLAT BULK SOLVENT MODEL' 
_refine.pdbx_solvent_vdw_probe_radii             1.3000 
_refine.pdbx_solvent_ion_probe_radii             ? 
_refine.pdbx_solvent_shrinkage_radii             1.1100 
_refine.ls_number_parameters                     ? 
_refine.ls_number_restraints                     ? 
_refine.pdbx_starting_model                      ? 
_refine.pdbx_method_to_determine_struct          'MOLECULAR REPLACEMENT' 
_refine.pdbx_stereochemistry_target_values       ML 
_refine.pdbx_stereochem_target_val_spec_case     ? 
_refine.overall_FOM_work_R_set                   0.8796 
_refine.B_iso_max                                66.320 
_refine.B_iso_min                                10.030 
_refine.pdbx_overall_phase_error                 18.4200 
_refine.occupancy_max                            1.000 
_refine.occupancy_min                            0.000 
_refine.pdbx_ls_sigma_I                          ? 
_refine.ls_redundancy_reflns_obs                 ? 
_refine.ls_R_factor_R_free_error_details         ? 
_refine.pdbx_data_cutoff_high_rms_absF           ? 
_refine.overall_FOM_free_R_set                   ? 
_refine.pdbx_diffrn_id                           1 
_refine.pdbx_refine_id                           'X-RAY DIFFRACTION' 
_refine.pdbx_TLS_residual_ADP_flag               ? 
_refine.pdbx_overall_SU_R_free_Cruickshank_DPI   ? 
_refine.pdbx_overall_SU_R_Blow_DPI               ? 
_refine.pdbx_overall_SU_R_free_Blow_DPI          ? 
# 
_refine_hist.pdbx_refine_id                   'X-RAY DIFFRACTION' 
_refine_hist.cycle_id                         LAST 
_refine_hist.pdbx_number_atoms_protein        1233 
_refine_hist.pdbx_number_atoms_nucleic_acid   0 
_refine_hist.pdbx_number_atoms_ligand         12 
_refine_hist.number_atoms_solvent             119 
_refine_hist.number_atoms_total               1364 
_refine_hist.d_res_high                       2.0230 
_refine_hist.d_res_low                        35.8180 
# 
loop_
_refine_ls_restr.type 
_refine_ls_restr.number 
_refine_ls_restr.dev_ideal 
_refine_ls_restr.dev_ideal_target 
_refine_ls_restr.weight 
_refine_ls_restr.pdbx_restraint_function 
_refine_ls_restr.pdbx_refine_id 
f_bond_d           1287 0.008  ? ? ? 'X-RAY DIFFRACTION' 
f_angle_d          1740 1.257  ? ? ? 'X-RAY DIFFRACTION' 
f_chiral_restr     182  0.092  ? ? ? 'X-RAY DIFFRACTION' 
f_plane_restr      227  0.005  ? ? ? 'X-RAY DIFFRACTION' 
f_dihedral_angle_d 475  12.730 ? ? ? 'X-RAY DIFFRACTION' 
# 
loop_
_refine_ls_shell.d_res_high 
_refine_ls_shell.d_res_low 
_refine_ls_shell.pdbx_total_number_of_bins_used 
_refine_ls_shell.percent_reflns_obs 
_refine_ls_shell.number_reflns_R_work 
_refine_ls_shell.R_factor_all 
_refine_ls_shell.R_factor_R_work 
_refine_ls_shell.R_factor_R_free 
_refine_ls_shell.percent_reflns_R_free 
_refine_ls_shell.number_reflns_R_free 
_refine_ls_shell.R_factor_R_free_error 
_refine_ls_shell.number_reflns_all 
_refine_ls_shell.number_reflns_obs 
_refine_ls_shell.pdbx_refine_id 
_refine_ls_shell.redundancy_reflns_obs 
2.0232 2.1794  5 99.0000  2602 . 0.1708 0.2152 . 142 . 2744 . 'X-RAY DIFFRACTION' . 
2.1794 2.3986  5 100.0000 2586 . 0.1635 0.2123 . 155 . 2741 . 'X-RAY DIFFRACTION' . 
2.3986 2.7456  5 100.0000 2642 . 0.1702 0.2059 . 142 . 2784 . 'X-RAY DIFFRACTION' . 
2.7456 3.4587  5 100.0000 2680 . 0.1694 0.2112 . 123 . 2803 . 'X-RAY DIFFRACTION' . 
3.4587 35.8234 5 100.0000 2781 . 0.1894 0.2245 . 139 . 2920 . 'X-RAY DIFFRACTION' . 
# 
_struct.entry_id                  4GXL 
_struct.title                     'The crystal structure of Galectin-8 C-CRD in complex with NDP52' 
_struct.pdbx_model_details        ? 
_struct.pdbx_CASP_flag            ? 
_struct.pdbx_model_type_details   ? 
# 
_struct_keywords.entry_id        4GXL 
_struct_keywords.pdbx_keywords   'PROTEIN BINDING' 
_struct_keywords.text            'protein-protein interaction, carbohydrate recognition, NDP52, PROTEIN BINDING' 
# 
loop_
_struct_asym.id 
_struct_asym.pdbx_blank_PDB_chainid_flag 
_struct_asym.pdbx_modified 
_struct_asym.entity_id 
_struct_asym.details 
A N N 1 ? 
B N N 2 ? 
C N N 3 ? 
D N N 3 ? 
E N N 4 ? 
F N N 4 ? 
# 
loop_
_struct_ref.id 
_struct_ref.db_name 
_struct_ref.db_code 
_struct_ref.pdbx_db_accession 
_struct_ref.entity_id 
_struct_ref.pdbx_seq_one_letter_code 
_struct_ref.pdbx_align_begin 
_struct_ref.pdbx_db_isoform 
1 UNP LEG8_HUMAN  O00214 1 
;PFAARLNTPMGPGRTVVVKGEVNANAKSFNVDLLAGKSKDIALHLNPRLNIKAFVRNSFLQESWGEEERNITSFPFSPGM
YFEMIIYCDVREFKVAVNGVHSLEYKHRFKELSSIDTLEINGDIHLLEVRSW
;
186 ? 
2 UNP CACO2_HUMAN Q13137 2 ARQNPGLAYGNPYS 368 ? 
# 
loop_
_struct_ref_seq.align_id 
_struct_ref_seq.ref_id 
_struct_ref_seq.pdbx_PDB_id_code 
_struct_ref_seq.pdbx_strand_id 
_struct_ref_seq.seq_align_beg 
_struct_ref_seq.pdbx_seq_align_beg_ins_code 
_struct_ref_seq.seq_align_end 
_struct_ref_seq.pdbx_seq_align_end_ins_code 
_struct_ref_seq.pdbx_db_accession 
_struct_ref_seq.db_align_beg 
_struct_ref_seq.pdbx_db_align_beg_ins_code 
_struct_ref_seq.db_align_end 
_struct_ref_seq.pdbx_db_align_end_ins_code 
_struct_ref_seq.pdbx_auth_seq_align_beg 
_struct_ref_seq.pdbx_auth_seq_align_end 
1 1 4GXL A 22 ? 153 ? O00214 186 ? 317 ? 228 359 
2 2 4GXL B 1  ? 14  ? Q13137 368 ? 381 ? 368 381 
# 
loop_
_struct_ref_seq_dif.align_id 
_struct_ref_seq_dif.pdbx_pdb_id_code 
_struct_ref_seq_dif.mon_id 
_struct_ref_seq_dif.pdbx_pdb_strand_id 
_struct_ref_seq_dif.seq_num 
_struct_ref_seq_dif.pdbx_pdb_ins_code 
_struct_ref_seq_dif.pdbx_seq_db_name 
_struct_ref_seq_dif.pdbx_seq_db_accession_code 
_struct_ref_seq_dif.db_mon_id 
_struct_ref_seq_dif.pdbx_seq_db_seq_num 
_struct_ref_seq_dif.details 
_struct_ref_seq_dif.pdbx_auth_seq_num 
_struct_ref_seq_dif.pdbx_ordinal 
1 4GXL MET A 1  ? UNP O00214 ? ? 'expression tag' 207 1  
1 4GXL GLY A 2  ? UNP O00214 ? ? 'expression tag' 208 2  
1 4GXL SER A 3  ? UNP O00214 ? ? 'expression tag' 209 3  
1 4GXL SER A 4  ? UNP O00214 ? ? 'expression tag' 210 4  
1 4GXL HIS A 5  ? UNP O00214 ? ? 'expression tag' 211 5  
1 4GXL HIS A 6  ? UNP O00214 ? ? 'expression tag' 212 6  
1 4GXL HIS A 7  ? UNP O00214 ? ? 'expression tag' 213 7  
1 4GXL HIS A 8  ? UNP O00214 ? ? 'expression tag' 214 8  
1 4GXL HIS A 9  ? UNP O00214 ? ? 'expression tag' 215 9  
1 4GXL HIS A 10 ? UNP O00214 ? ? 'expression tag' 216 10 
1 4GXL SER A 11 ? UNP O00214 ? ? 'expression tag' 217 11 
1 4GXL SER A 12 ? UNP O00214 ? ? 'expression tag' 218 12 
1 4GXL GLY A 13 ? UNP O00214 ? ? 'expression tag' 219 13 
1 4GXL GLU A 14 ? UNP O00214 ? ? 'expression tag' 220 14 
1 4GXL ASN A 15 ? UNP O00214 ? ? 'expression tag' 221 15 
1 4GXL LEU A 16 ? UNP O00214 ? ? 'expression tag' 222 16 
1 4GXL TYR A 17 ? UNP O00214 ? ? 'expression tag' 223 17 
1 4GXL PHE A 18 ? UNP O00214 ? ? 'expression tag' 224 18 
1 4GXL GLN A 19 ? UNP O00214 ? ? 'expression tag' 225 19 
1 4GXL HIS A 20 ? UNP O00214 ? ? 'expression tag' 226 20 
1 4GXL MET A 21 ? UNP O00214 ? ? 'expression tag' 227 21 
# 
_pdbx_struct_assembly.id                   1 
_pdbx_struct_assembly.details              author_and_software_defined_assembly 
_pdbx_struct_assembly.method_details       PISA 
_pdbx_struct_assembly.oligomeric_details   dimeric 
_pdbx_struct_assembly.oligomeric_count     2 
# 
loop_
_pdbx_struct_assembly_prop.biol_id 
_pdbx_struct_assembly_prop.type 
_pdbx_struct_assembly_prop.value 
_pdbx_struct_assembly_prop.details 
1 'ABSA (A^2)' 1390 ? 
1 MORE         -7   ? 
1 'SSA (A^2)'  7860 ? 
# 
_pdbx_struct_assembly_gen.assembly_id       1 
_pdbx_struct_assembly_gen.oper_expression   1 
_pdbx_struct_assembly_gen.asym_id_list      A,B,C,D,E,F 
# 
_pdbx_struct_oper_list.id                   1 
_pdbx_struct_oper_list.type                 'identity operation' 
_pdbx_struct_oper_list.name                 1_555 
_pdbx_struct_oper_list.symmetry_operation   x,y,z 
_pdbx_struct_oper_list.matrix[1][1]         1.0000000000 
_pdbx_struct_oper_list.matrix[1][2]         0.0000000000 
_pdbx_struct_oper_list.matrix[1][3]         0.0000000000 
_pdbx_struct_oper_list.vector[1]            0.0000000000 
_pdbx_struct_oper_list.matrix[2][1]         0.0000000000 
_pdbx_struct_oper_list.matrix[2][2]         1.0000000000 
_pdbx_struct_oper_list.matrix[2][3]         0.0000000000 
_pdbx_struct_oper_list.vector[2]            0.0000000000 
_pdbx_struct_oper_list.matrix[3][1]         0.0000000000 
_pdbx_struct_oper_list.matrix[3][2]         0.0000000000 
_pdbx_struct_oper_list.matrix[3][3]         1.0000000000 
_pdbx_struct_oper_list.vector[3]            0.0000000000 
# 
_struct_biol.id        1 
_struct_biol.details   ? 
# 
_struct_conf.conf_type_id            HELX_P 
_struct_conf.id                      HELX_P1 
_struct_conf.pdbx_PDB_helix_id       1 
_struct_conf.beg_label_comp_id       GLU 
_struct_conf.beg_label_asym_id       A 
_struct_conf.beg_label_seq_id        132 
_struct_conf.pdbx_beg_PDB_ins_code   ? 
_struct_conf.end_label_comp_id       ILE 
_struct_conf.end_label_asym_id       A 
_struct_conf.end_label_seq_id        136 
_struct_conf.pdbx_end_PDB_ins_code   ? 
_struct_conf.beg_auth_comp_id        GLU 
_struct_conf.beg_auth_asym_id        A 
_struct_conf.beg_auth_seq_id         338 
_struct_conf.end_auth_comp_id        ILE 
_struct_conf.end_auth_asym_id        A 
_struct_conf.end_auth_seq_id         342 
_struct_conf.pdbx_PDB_helix_class    5 
_struct_conf.details                 ? 
_struct_conf.pdbx_PDB_helix_length   5 
# 
_struct_conf_type.id          HELX_P 
_struct_conf_type.criteria    ? 
_struct_conf_type.reference   ? 
# 
_struct_mon_prot_cis.pdbx_id                1 
_struct_mon_prot_cis.label_comp_id          MET 
_struct_mon_prot_cis.label_seq_id           21 
_struct_mon_prot_cis.label_asym_id          A 
_struct_mon_prot_cis.label_alt_id           . 
_struct_mon_prot_cis.pdbx_PDB_ins_code      ? 
_struct_mon_prot_cis.auth_comp_id           MET 
_struct_mon_prot_cis.auth_seq_id            227 
_struct_mon_prot_cis.auth_asym_id           A 
_struct_mon_prot_cis.pdbx_label_comp_id_2   PRO 
_struct_mon_prot_cis.pdbx_label_seq_id_2    22 
_struct_mon_prot_cis.pdbx_label_asym_id_2   A 
_struct_mon_prot_cis.pdbx_PDB_ins_code_2    ? 
_struct_mon_prot_cis.pdbx_auth_comp_id_2    PRO 
_struct_mon_prot_cis.pdbx_auth_seq_id_2     228 
_struct_mon_prot_cis.pdbx_auth_asym_id_2    A 
_struct_mon_prot_cis.pdbx_PDB_model_num     1 
_struct_mon_prot_cis.pdbx_omega_angle       6.64 
# 
loop_
_struct_sheet.id 
_struct_sheet.type 
_struct_sheet.number_strands 
_struct_sheet.details 
A ? 6 ? 
B ? 5 ? 
# 
loop_
_struct_sheet_order.sheet_id 
_struct_sheet_order.range_id_1 
_struct_sheet_order.range_id_2 
_struct_sheet_order.offset 
_struct_sheet_order.sense 
A 1 2 ? anti-parallel 
A 2 3 ? anti-parallel 
A 3 4 ? anti-parallel 
A 4 5 ? anti-parallel 
A 5 6 ? anti-parallel 
B 1 2 ? anti-parallel 
B 2 3 ? anti-parallel 
B 3 4 ? anti-parallel 
B 4 5 ? anti-parallel 
# 
loop_
_struct_sheet_range.sheet_id 
_struct_sheet_range.id 
_struct_sheet_range.beg_label_comp_id 
_struct_sheet_range.beg_label_asym_id 
_struct_sheet_range.beg_label_seq_id 
_struct_sheet_range.pdbx_beg_PDB_ins_code 
_struct_sheet_range.end_label_comp_id 
_struct_sheet_range.end_label_asym_id 
_struct_sheet_range.end_label_seq_id 
_struct_sheet_range.pdbx_end_PDB_ins_code 
_struct_sheet_range.beg_auth_comp_id 
_struct_sheet_range.beg_auth_asym_id 
_struct_sheet_range.beg_auth_seq_id 
_struct_sheet_range.end_auth_comp_id 
_struct_sheet_range.end_auth_asym_id 
_struct_sheet_range.end_auth_seq_id 
A 1 PHE A 23  ? ARG A 26  ? PHE A 229 ARG A 232 
A 2 THR A 138 ? GLY A 143 ? THR A 344 GLY A 349 
A 3 PHE A 50  ? ALA A 56  ? PHE A 256 ALA A 262 
A 4 ASP A 61  ? ARG A 69  ? ASP A 267 ARG A 275 
A 5 ALA A 74  ? LEU A 81  ? ALA A 280 LEU A 287 
A 6 SER A 84  ? TRP A 85  ? SER A 290 TRP A 291 
B 1 VAL A 121 ? LYS A 127 ? VAL A 327 LYS A 333 
B 2 GLU A 113 ? VAL A 118 ? GLU A 319 VAL A 324 
B 3 TYR A 102 ? CYS A 109 ? TYR A 308 CYS A 315 
B 4 THR A 36  ? VAL A 43  ? THR A 242 VAL A 249 
B 5 ILE A 145 ? TRP A 153 ? ILE A 351 TRP A 359 
# 
loop_
_pdbx_struct_sheet_hbond.sheet_id 
_pdbx_struct_sheet_hbond.range_id_1 
_pdbx_struct_sheet_hbond.range_id_2 
_pdbx_struct_sheet_hbond.range_1_label_atom_id 
_pdbx_struct_sheet_hbond.range_1_label_comp_id 
_pdbx_struct_sheet_hbond.range_1_label_asym_id 
_pdbx_struct_sheet_hbond.range_1_label_seq_id 
_pdbx_struct_sheet_hbond.range_1_PDB_ins_code 
_pdbx_struct_sheet_hbond.range_1_auth_atom_id 
_pdbx_struct_sheet_hbond.range_1_auth_comp_id 
_pdbx_struct_sheet_hbond.range_1_auth_asym_id 
_pdbx_struct_sheet_hbond.range_1_auth_seq_id 
_pdbx_struct_sheet_hbond.range_2_label_atom_id 
_pdbx_struct_sheet_hbond.range_2_label_comp_id 
_pdbx_struct_sheet_hbond.range_2_label_asym_id 
_pdbx_struct_sheet_hbond.range_2_label_seq_id 
_pdbx_struct_sheet_hbond.range_2_PDB_ins_code 
_pdbx_struct_sheet_hbond.range_2_auth_atom_id 
_pdbx_struct_sheet_hbond.range_2_auth_comp_id 
_pdbx_struct_sheet_hbond.range_2_auth_asym_id 
_pdbx_struct_sheet_hbond.range_2_auth_seq_id 
A 1 2 N PHE A 23  ? N PHE A 229 O ILE A 141 ? O ILE A 347 
A 2 3 O GLU A 140 ? O GLU A 346 N ASP A 53  ? N ASP A 259 
A 3 4 N LEU A 54  ? N LEU A 260 O LEU A 64  ? O LEU A 270 
A 4 5 N ARG A 69  ? N ARG A 275 O ALA A 74  ? O ALA A 280 
A 5 6 N LEU A 81  ? N LEU A 287 O SER A 84  ? O SER A 290 
B 1 2 O SER A 123 ? O SER A 329 N VAL A 116 ? N VAL A 322 
B 2 3 O LYS A 115 ? O LYS A 321 N TYR A 108 ? N TYR A 314 
B 3 4 O ILE A 107 ? O ILE A 313 N VAL A 37  ? N VAL A 243 
B 4 5 N VAL A 38  ? N VAL A 244 O ARG A 151 ? O ARG A 357 
# 
loop_
_struct_site.id 
_struct_site.pdbx_evidence_code 
_struct_site.pdbx_auth_asym_id 
_struct_site.pdbx_auth_comp_id 
_struct_site.pdbx_auth_seq_id 
_struct_site.pdbx_auth_ins_code 
_struct_site.pdbx_num_residues 
_struct_site.details 
AC1 Software A GOL 401 ? 8 'BINDING SITE FOR RESIDUE GOL A 401' 
AC2 Software A GOL 402 ? 7 'BINDING SITE FOR RESIDUE GOL A 402' 
# 
loop_
_struct_site_gen.id 
_struct_site_gen.site_id 
_struct_site_gen.pdbx_num_res 
_struct_site_gen.label_comp_id 
_struct_site_gen.label_asym_id 
_struct_site_gen.label_seq_id 
_struct_site_gen.pdbx_auth_ins_code 
_struct_site_gen.auth_comp_id 
_struct_site_gen.auth_asym_id 
_struct_site_gen.auth_seq_id 
_struct_site_gen.label_atom_id 
_struct_site_gen.label_alt_id 
_struct_site_gen.symmetry 
_struct_site_gen.details 
1  AC1 8 HIS A 20  ? HIS A 226 . ? 1_555 ? 
2  AC1 8 MET A 21  ? MET A 227 . ? 1_555 ? 
3  AC1 8 ASN A 44  ? ASN A 250 . ? 1_555 ? 
4  AC1 8 ASN A 44  ? ASN A 250 . ? 4_555 ? 
5  AC1 8 ASN A 46  ? ASN A 252 . ? 4_555 ? 
6  AC1 8 GLY A 143 ? GLY A 349 . ? 1_555 ? 
7  AC1 8 ASP A 144 ? ASP A 350 . ? 4_555 ? 
8  AC1 8 ILE A 145 ? ILE A 351 . ? 1_555 ? 
9  AC2 7 HIS A 65  ? HIS A 271 . ? 1_555 ? 
10 AC2 7 ASN A 67  ? ASN A 273 . ? 1_555 ? 
11 AC2 7 ARG A 69  ? ARG A 275 . ? 1_555 ? 
12 AC2 7 ASN A 78  ? ASN A 284 . ? 1_555 ? 
13 AC2 7 TRP A 85  ? TRP A 291 . ? 1_555 ? 
14 AC2 7 GLU A 88  ? GLU A 294 . ? 1_555 ? 
15 AC2 7 HOH E .   ? HOH A 584 . ? 1_555 ? 
# 
loop_
_pdbx_struct_special_symmetry.id 
_pdbx_struct_special_symmetry.PDB_model_num 
_pdbx_struct_special_symmetry.auth_asym_id 
_pdbx_struct_special_symmetry.auth_comp_id 
_pdbx_struct_special_symmetry.auth_seq_id 
_pdbx_struct_special_symmetry.PDB_ins_code 
_pdbx_struct_special_symmetry.label_asym_id 
_pdbx_struct_special_symmetry.label_comp_id 
_pdbx_struct_special_symmetry.label_seq_id 
1 1 A HOH 509 ? E HOH . 
2 1 A HOH 575 ? E HOH . 
3 1 A HOH 581 ? E HOH . 
4 1 A HOH 585 ? E HOH . 
# 
_phasing.method   MR 
# 
loop_
_pdbx_unobs_or_zero_occ_residues.id 
_pdbx_unobs_or_zero_occ_residues.PDB_model_num 
_pdbx_unobs_or_zero_occ_residues.polymer_flag 
_pdbx_unobs_or_zero_occ_residues.occupancy_flag 
_pdbx_unobs_or_zero_occ_residues.auth_asym_id 
_pdbx_unobs_or_zero_occ_residues.auth_comp_id 
_pdbx_unobs_or_zero_occ_residues.auth_seq_id 
_pdbx_unobs_or_zero_occ_residues.PDB_ins_code 
_pdbx_unobs_or_zero_occ_residues.label_asym_id 
_pdbx_unobs_or_zero_occ_residues.label_comp_id 
_pdbx_unobs_or_zero_occ_residues.label_seq_id 
1  1 Y 1 A MET 207 ? A MET 1  
2  1 Y 1 A GLY 208 ? A GLY 2  
3  1 Y 1 A SER 209 ? A SER 3  
4  1 Y 1 A SER 210 ? A SER 4  
5  1 Y 1 A HIS 211 ? A HIS 5  
6  1 Y 1 A HIS 212 ? A HIS 6  
7  1 Y 1 A HIS 213 ? A HIS 7  
8  1 Y 1 A HIS 214 ? A HIS 8  
9  1 Y 1 A HIS 215 ? A HIS 9  
10 1 Y 1 A HIS 216 ? A HIS 10 
11 1 Y 1 B ALA 368 ? B ALA 1  
12 1 Y 1 B ARG 369 ? B ARG 2  
13 1 Y 1 B GLN 370 ? B GLN 3  
# 
loop_
_chem_comp_atom.comp_id 
_chem_comp_atom.atom_id 
_chem_comp_atom.type_symbol 
_chem_comp_atom.pdbx_aromatic_flag 
_chem_comp_atom.pdbx_stereo_config 
_chem_comp_atom.pdbx_ordinal 
ALA N    N N N 1   
ALA CA   C N S 2   
ALA C    C N N 3   
ALA O    O N N 4   
ALA CB   C N N 5   
ALA OXT  O N N 6   
ALA H    H N N 7   
ALA H2   H N N 8   
ALA HA   H N N 9   
ALA HB1  H N N 10  
ALA HB2  H N N 11  
ALA HB3  H N N 12  
ALA HXT  H N N 13  
ARG N    N N N 14  
ARG CA   C N S 15  
ARG C    C N N 16  
ARG O    O N N 17  
ARG CB   C N N 18  
ARG CG   C N N 19  
ARG CD   C N N 20  
ARG NE   N N N 21  
ARG CZ   C N N 22  
ARG NH1  N N N 23  
ARG NH2  N N N 24  
ARG OXT  O N N 25  
ARG H    H N N 26  
ARG H2   H N N 27  
ARG HA   H N N 28  
ARG HB2  H N N 29  
ARG HB3  H N N 30  
ARG HG2  H N N 31  
ARG HG3  H N N 32  
ARG HD2  H N N 33  
ARG HD3  H N N 34  
ARG HE   H N N 35  
ARG HH11 H N N 36  
ARG HH12 H N N 37  
ARG HH21 H N N 38  
ARG HH22 H N N 39  
ARG HXT  H N N 40  
ASN N    N N N 41  
ASN CA   C N S 42  
ASN C    C N N 43  
ASN O    O N N 44  
ASN CB   C N N 45  
ASN CG   C N N 46  
ASN OD1  O N N 47  
ASN ND2  N N N 48  
ASN OXT  O N N 49  
ASN H    H N N 50  
ASN H2   H N N 51  
ASN HA   H N N 52  
ASN HB2  H N N 53  
ASN HB3  H N N 54  
ASN HD21 H N N 55  
ASN HD22 H N N 56  
ASN HXT  H N N 57  
ASP N    N N N 58  
ASP CA   C N S 59  
ASP C    C N N 60  
ASP O    O N N 61  
ASP CB   C N N 62  
ASP CG   C N N 63  
ASP OD1  O N N 64  
ASP OD2  O N N 65  
ASP OXT  O N N 66  
ASP H    H N N 67  
ASP H2   H N N 68  
ASP HA   H N N 69  
ASP HB2  H N N 70  
ASP HB3  H N N 71  
ASP HD2  H N N 72  
ASP HXT  H N N 73  
CYS N    N N N 74  
CYS CA   C N R 75  
CYS C    C N N 76  
CYS O    O N N 77  
CYS CB   C N N 78  
CYS SG   S N N 79  
CYS OXT  O N N 80  
CYS H    H N N 81  
CYS H2   H N N 82  
CYS HA   H N N 83  
CYS HB2  H N N 84  
CYS HB3  H N N 85  
CYS HG   H N N 86  
CYS HXT  H N N 87  
GLN N    N N N 88  
GLN CA   C N S 89  
GLN C    C N N 90  
GLN O    O N N 91  
GLN CB   C N N 92  
GLN CG   C N N 93  
GLN CD   C N N 94  
GLN OE1  O N N 95  
GLN NE2  N N N 96  
GLN OXT  O N N 97  
GLN H    H N N 98  
GLN H2   H N N 99  
GLN HA   H N N 100 
GLN HB2  H N N 101 
GLN HB3  H N N 102 
GLN HG2  H N N 103 
GLN HG3  H N N 104 
GLN HE21 H N N 105 
GLN HE22 H N N 106 
GLN HXT  H N N 107 
GLU N    N N N 108 
GLU CA   C N S 109 
GLU C    C N N 110 
GLU O    O N N 111 
GLU CB   C N N 112 
GLU CG   C N N 113 
GLU CD   C N N 114 
GLU OE1  O N N 115 
GLU OE2  O N N 116 
GLU OXT  O N N 117 
GLU H    H N N 118 
GLU H2   H N N 119 
GLU HA   H N N 120 
GLU HB2  H N N 121 
GLU HB3  H N N 122 
GLU HG2  H N N 123 
GLU HG3  H N N 124 
GLU HE2  H N N 125 
GLU HXT  H N N 126 
GLY N    N N N 127 
GLY CA   C N N 128 
GLY C    C N N 129 
GLY O    O N N 130 
GLY OXT  O N N 131 
GLY H    H N N 132 
GLY H2   H N N 133 
GLY HA2  H N N 134 
GLY HA3  H N N 135 
GLY HXT  H N N 136 
GOL C1   C N N 137 
GOL O1   O N N 138 
GOL C2   C N N 139 
GOL O2   O N N 140 
GOL C3   C N N 141 
GOL O3   O N N 142 
GOL H11  H N N 143 
GOL H12  H N N 144 
GOL HO1  H N N 145 
GOL H2   H N N 146 
GOL HO2  H N N 147 
GOL H31  H N N 148 
GOL H32  H N N 149 
GOL HO3  H N N 150 
HIS N    N N N 151 
HIS CA   C N S 152 
HIS C    C N N 153 
HIS O    O N N 154 
HIS CB   C N N 155 
HIS CG   C Y N 156 
HIS ND1  N Y N 157 
HIS CD2  C Y N 158 
HIS CE1  C Y N 159 
HIS NE2  N Y N 160 
HIS OXT  O N N 161 
HIS H    H N N 162 
HIS H2   H N N 163 
HIS HA   H N N 164 
HIS HB2  H N N 165 
HIS HB3  H N N 166 
HIS HD1  H N N 167 
HIS HD2  H N N 168 
HIS HE1  H N N 169 
HIS HE2  H N N 170 
HIS HXT  H N N 171 
HOH O    O N N 172 
HOH H1   H N N 173 
HOH H2   H N N 174 
ILE N    N N N 175 
ILE CA   C N S 176 
ILE C    C N N 177 
ILE O    O N N 178 
ILE CB   C N S 179 
ILE CG1  C N N 180 
ILE CG2  C N N 181 
ILE CD1  C N N 182 
ILE OXT  O N N 183 
ILE H    H N N 184 
ILE H2   H N N 185 
ILE HA   H N N 186 
ILE HB   H N N 187 
ILE HG12 H N N 188 
ILE HG13 H N N 189 
ILE HG21 H N N 190 
ILE HG22 H N N 191 
ILE HG23 H N N 192 
ILE HD11 H N N 193 
ILE HD12 H N N 194 
ILE HD13 H N N 195 
ILE HXT  H N N 196 
LEU N    N N N 197 
LEU CA   C N S 198 
LEU C    C N N 199 
LEU O    O N N 200 
LEU CB   C N N 201 
LEU CG   C N N 202 
LEU CD1  C N N 203 
LEU CD2  C N N 204 
LEU OXT  O N N 205 
LEU H    H N N 206 
LEU H2   H N N 207 
LEU HA   H N N 208 
LEU HB2  H N N 209 
LEU HB3  H N N 210 
LEU HG   H N N 211 
LEU HD11 H N N 212 
LEU HD12 H N N 213 
LEU HD13 H N N 214 
LEU HD21 H N N 215 
LEU HD22 H N N 216 
LEU HD23 H N N 217 
LEU HXT  H N N 218 
LYS N    N N N 219 
LYS CA   C N S 220 
LYS C    C N N 221 
LYS O    O N N 222 
LYS CB   C N N 223 
LYS CG   C N N 224 
LYS CD   C N N 225 
LYS CE   C N N 226 
LYS NZ   N N N 227 
LYS OXT  O N N 228 
LYS H    H N N 229 
LYS H2   H N N 230 
LYS HA   H N N 231 
LYS HB2  H N N 232 
LYS HB3  H N N 233 
LYS HG2  H N N 234 
LYS HG3  H N N 235 
LYS HD2  H N N 236 
LYS HD3  H N N 237 
LYS HE2  H N N 238 
LYS HE3  H N N 239 
LYS HZ1  H N N 240 
LYS HZ2  H N N 241 
LYS HZ3  H N N 242 
LYS HXT  H N N 243 
MET N    N N N 244 
MET CA   C N S 245 
MET C    C N N 246 
MET O    O N N 247 
MET CB   C N N 248 
MET CG   C N N 249 
MET SD   S N N 250 
MET CE   C N N 251 
MET OXT  O N N 252 
MET H    H N N 253 
MET H2   H N N 254 
MET HA   H N N 255 
MET HB2  H N N 256 
MET HB3  H N N 257 
MET HG2  H N N 258 
MET HG3  H N N 259 
MET HE1  H N N 260 
MET HE2  H N N 261 
MET HE3  H N N 262 
MET HXT  H N N 263 
PHE N    N N N 264 
PHE CA   C N S 265 
PHE C    C N N 266 
PHE O    O N N 267 
PHE CB   C N N 268 
PHE CG   C Y N 269 
PHE CD1  C Y N 270 
PHE CD2  C Y N 271 
PHE CE1  C Y N 272 
PHE CE2  C Y N 273 
PHE CZ   C Y N 274 
PHE OXT  O N N 275 
PHE H    H N N 276 
PHE H2   H N N 277 
PHE HA   H N N 278 
PHE HB2  H N N 279 
PHE HB3  H N N 280 
PHE HD1  H N N 281 
PHE HD2  H N N 282 
PHE HE1  H N N 283 
PHE HE2  H N N 284 
PHE HZ   H N N 285 
PHE HXT  H N N 286 
PRO N    N N N 287 
PRO CA   C N S 288 
PRO C    C N N 289 
PRO O    O N N 290 
PRO CB   C N N 291 
PRO CG   C N N 292 
PRO CD   C N N 293 
PRO OXT  O N N 294 
PRO H    H N N 295 
PRO HA   H N N 296 
PRO HB2  H N N 297 
PRO HB3  H N N 298 
PRO HG2  H N N 299 
PRO HG3  H N N 300 
PRO HD2  H N N 301 
PRO HD3  H N N 302 
PRO HXT  H N N 303 
SER N    N N N 304 
SER CA   C N S 305 
SER C    C N N 306 
SER O    O N N 307 
SER CB   C N N 308 
SER OG   O N N 309 
SER OXT  O N N 310 
SER H    H N N 311 
SER H2   H N N 312 
SER HA   H N N 313 
SER HB2  H N N 314 
SER HB3  H N N 315 
SER HG   H N N 316 
SER HXT  H N N 317 
THR N    N N N 318 
THR CA   C N S 319 
THR C    C N N 320 
THR O    O N N 321 
THR CB   C N R 322 
THR OG1  O N N 323 
THR CG2  C N N 324 
THR OXT  O N N 325 
THR H    H N N 326 
THR H2   H N N 327 
THR HA   H N N 328 
THR HB   H N N 329 
THR HG1  H N N 330 
THR HG21 H N N 331 
THR HG22 H N N 332 
THR HG23 H N N 333 
THR HXT  H N N 334 
TRP N    N N N 335 
TRP CA   C N S 336 
TRP C    C N N 337 
TRP O    O N N 338 
TRP CB   C N N 339 
TRP CG   C Y N 340 
TRP CD1  C Y N 341 
TRP CD2  C Y N 342 
TRP NE1  N Y N 343 
TRP CE2  C Y N 344 
TRP CE3  C Y N 345 
TRP CZ2  C Y N 346 
TRP CZ3  C Y N 347 
TRP CH2  C Y N 348 
TRP OXT  O N N 349 
TRP H    H N N 350 
TRP H2   H N N 351 
TRP HA   H N N 352 
TRP HB2  H N N 353 
TRP HB3  H N N 354 
TRP HD1  H N N 355 
TRP HE1  H N N 356 
TRP HE3  H N N 357 
TRP HZ2  H N N 358 
TRP HZ3  H N N 359 
TRP HH2  H N N 360 
TRP HXT  H N N 361 
TYR N    N N N 362 
TYR CA   C N S 363 
TYR C    C N N 364 
TYR O    O N N 365 
TYR CB   C N N 366 
TYR CG   C Y N 367 
TYR CD1  C Y N 368 
TYR CD2  C Y N 369 
TYR CE1  C Y N 370 
TYR CE2  C Y N 371 
TYR CZ   C Y N 372 
TYR OH   O N N 373 
TYR OXT  O N N 374 
TYR H    H N N 375 
TYR H2   H N N 376 
TYR HA   H N N 377 
TYR HB2  H N N 378 
TYR HB3  H N N 379 
TYR HD1  H N N 380 
TYR HD2  H N N 381 
TYR HE1  H N N 382 
TYR HE2  H N N 383 
TYR HH   H N N 384 
TYR HXT  H N N 385 
VAL N    N N N 386 
VAL CA   C N S 387 
VAL C    C N N 388 
VAL O    O N N 389 
VAL CB   C N N 390 
VAL CG1  C N N 391 
VAL CG2  C N N 392 
VAL OXT  O N N 393 
VAL H    H N N 394 
VAL H2   H N N 395 
VAL HA   H N N 396 
VAL HB   H N N 397 
VAL HG11 H N N 398 
VAL HG12 H N N 399 
VAL HG13 H N N 400 
VAL HG21 H N N 401 
VAL HG22 H N N 402 
VAL HG23 H N N 403 
VAL HXT  H N N 404 
# 
loop_
_chem_comp_bond.comp_id 
_chem_comp_bond.atom_id_1 
_chem_comp_bond.atom_id_2 
_chem_comp_bond.value_order 
_chem_comp_bond.pdbx_aromatic_flag 
_chem_comp_bond.pdbx_stereo_config 
_chem_comp_bond.pdbx_ordinal 
ALA N   CA   sing N N 1   
ALA N   H    sing N N 2   
ALA N   H2   sing N N 3   
ALA CA  C    sing N N 4   
ALA CA  CB   sing N N 5   
ALA CA  HA   sing N N 6   
ALA C   O    doub N N 7   
ALA C   OXT  sing N N 8   
ALA CB  HB1  sing N N 9   
ALA CB  HB2  sing N N 10  
ALA CB  HB3  sing N N 11  
ALA OXT HXT  sing N N 12  
ARG N   CA   sing N N 13  
ARG N   H    sing N N 14  
ARG N   H2   sing N N 15  
ARG CA  C    sing N N 16  
ARG CA  CB   sing N N 17  
ARG CA  HA   sing N N 18  
ARG C   O    doub N N 19  
ARG C   OXT  sing N N 20  
ARG CB  CG   sing N N 21  
ARG CB  HB2  sing N N 22  
ARG CB  HB3  sing N N 23  
ARG CG  CD   sing N N 24  
ARG CG  HG2  sing N N 25  
ARG CG  HG3  sing N N 26  
ARG CD  NE   sing N N 27  
ARG CD  HD2  sing N N 28  
ARG CD  HD3  sing N N 29  
ARG NE  CZ   sing N N 30  
ARG NE  HE   sing N N 31  
ARG CZ  NH1  sing N N 32  
ARG CZ  NH2  doub N N 33  
ARG NH1 HH11 sing N N 34  
ARG NH1 HH12 sing N N 35  
ARG NH2 HH21 sing N N 36  
ARG NH2 HH22 sing N N 37  
ARG OXT HXT  sing N N 38  
ASN N   CA   sing N N 39  
ASN N   H    sing N N 40  
ASN N   H2   sing N N 41  
ASN CA  C    sing N N 42  
ASN CA  CB   sing N N 43  
ASN CA  HA   sing N N 44  
ASN C   O    doub N N 45  
ASN C   OXT  sing N N 46  
ASN CB  CG   sing N N 47  
ASN CB  HB2  sing N N 48  
ASN CB  HB3  sing N N 49  
ASN CG  OD1  doub N N 50  
ASN CG  ND2  sing N N 51  
ASN ND2 HD21 sing N N 52  
ASN ND2 HD22 sing N N 53  
ASN OXT HXT  sing N N 54  
ASP N   CA   sing N N 55  
ASP N   H    sing N N 56  
ASP N   H2   sing N N 57  
ASP CA  C    sing N N 58  
ASP CA  CB   sing N N 59  
ASP CA  HA   sing N N 60  
ASP C   O    doub N N 61  
ASP C   OXT  sing N N 62  
ASP CB  CG   sing N N 63  
ASP CB  HB2  sing N N 64  
ASP CB  HB3  sing N N 65  
ASP CG  OD1  doub N N 66  
ASP CG  OD2  sing N N 67  
ASP OD2 HD2  sing N N 68  
ASP OXT HXT  sing N N 69  
CYS N   CA   sing N N 70  
CYS N   H    sing N N 71  
CYS N   H2   sing N N 72  
CYS CA  C    sing N N 73  
CYS CA  CB   sing N N 74  
CYS CA  HA   sing N N 75  
CYS C   O    doub N N 76  
CYS C   OXT  sing N N 77  
CYS CB  SG   sing N N 78  
CYS CB  HB2  sing N N 79  
CYS CB  HB3  sing N N 80  
CYS SG  HG   sing N N 81  
CYS OXT HXT  sing N N 82  
GLN N   CA   sing N N 83  
GLN N   H    sing N N 84  
GLN N   H2   sing N N 85  
GLN CA  C    sing N N 86  
GLN CA  CB   sing N N 87  
GLN CA  HA   sing N N 88  
GLN C   O    doub N N 89  
GLN C   OXT  sing N N 90  
GLN CB  CG   sing N N 91  
GLN CB  HB2  sing N N 92  
GLN CB  HB3  sing N N 93  
GLN CG  CD   sing N N 94  
GLN CG  HG2  sing N N 95  
GLN CG  HG3  sing N N 96  
GLN CD  OE1  doub N N 97  
GLN CD  NE2  sing N N 98  
GLN NE2 HE21 sing N N 99  
GLN NE2 HE22 sing N N 100 
GLN OXT HXT  sing N N 101 
GLU N   CA   sing N N 102 
GLU N   H    sing N N 103 
GLU N   H2   sing N N 104 
GLU CA  C    sing N N 105 
GLU CA  CB   sing N N 106 
GLU CA  HA   sing N N 107 
GLU C   O    doub N N 108 
GLU C   OXT  sing N N 109 
GLU CB  CG   sing N N 110 
GLU CB  HB2  sing N N 111 
GLU CB  HB3  sing N N 112 
GLU CG  CD   sing N N 113 
GLU CG  HG2  sing N N 114 
GLU CG  HG3  sing N N 115 
GLU CD  OE1  doub N N 116 
GLU CD  OE2  sing N N 117 
GLU OE2 HE2  sing N N 118 
GLU OXT HXT  sing N N 119 
GLY N   CA   sing N N 120 
GLY N   H    sing N N 121 
GLY N   H2   sing N N 122 
GLY CA  C    sing N N 123 
GLY CA  HA2  sing N N 124 
GLY CA  HA3  sing N N 125 
GLY C   O    doub N N 126 
GLY C   OXT  sing N N 127 
GLY OXT HXT  sing N N 128 
GOL C1  O1   sing N N 129 
GOL C1  C2   sing N N 130 
GOL C1  H11  sing N N 131 
GOL C1  H12  sing N N 132 
GOL O1  HO1  sing N N 133 
GOL C2  O2   sing N N 134 
GOL C2  C3   sing N N 135 
GOL C2  H2   sing N N 136 
GOL O2  HO2  sing N N 137 
GOL C3  O3   sing N N 138 
GOL C3  H31  sing N N 139 
GOL C3  H32  sing N N 140 
GOL O3  HO3  sing N N 141 
HIS N   CA   sing N N 142 
HIS N   H    sing N N 143 
HIS N   H2   sing N N 144 
HIS CA  C    sing N N 145 
HIS CA  CB   sing N N 146 
HIS CA  HA   sing N N 147 
HIS C   O    doub N N 148 
HIS C   OXT  sing N N 149 
HIS CB  CG   sing N N 150 
HIS CB  HB2  sing N N 151 
HIS CB  HB3  sing N N 152 
HIS CG  ND1  sing Y N 153 
HIS CG  CD2  doub Y N 154 
HIS ND1 CE1  doub Y N 155 
HIS ND1 HD1  sing N N 156 
HIS CD2 NE2  sing Y N 157 
HIS CD2 HD2  sing N N 158 
HIS CE1 NE2  sing Y N 159 
HIS CE1 HE1  sing N N 160 
HIS NE2 HE2  sing N N 161 
HIS OXT HXT  sing N N 162 
HOH O   H1   sing N N 163 
HOH O   H2   sing N N 164 
ILE N   CA   sing N N 165 
ILE N   H    sing N N 166 
ILE N   H2   sing N N 167 
ILE CA  C    sing N N 168 
ILE CA  CB   sing N N 169 
ILE CA  HA   sing N N 170 
ILE C   O    doub N N 171 
ILE C   OXT  sing N N 172 
ILE CB  CG1  sing N N 173 
ILE CB  CG2  sing N N 174 
ILE CB  HB   sing N N 175 
ILE CG1 CD1  sing N N 176 
ILE CG1 HG12 sing N N 177 
ILE CG1 HG13 sing N N 178 
ILE CG2 HG21 sing N N 179 
ILE CG2 HG22 sing N N 180 
ILE CG2 HG23 sing N N 181 
ILE CD1 HD11 sing N N 182 
ILE CD1 HD12 sing N N 183 
ILE CD1 HD13 sing N N 184 
ILE OXT HXT  sing N N 185 
LEU N   CA   sing N N 186 
LEU N   H    sing N N 187 
LEU N   H2   sing N N 188 
LEU CA  C    sing N N 189 
LEU CA  CB   sing N N 190 
LEU CA  HA   sing N N 191 
LEU C   O    doub N N 192 
LEU C   OXT  sing N N 193 
LEU CB  CG   sing N N 194 
LEU CB  HB2  sing N N 195 
LEU CB  HB3  sing N N 196 
LEU CG  CD1  sing N N 197 
LEU CG  CD2  sing N N 198 
LEU CG  HG   sing N N 199 
LEU CD1 HD11 sing N N 200 
LEU CD1 HD12 sing N N 201 
LEU CD1 HD13 sing N N 202 
LEU CD2 HD21 sing N N 203 
LEU CD2 HD22 sing N N 204 
LEU CD2 HD23 sing N N 205 
LEU OXT HXT  sing N N 206 
LYS N   CA   sing N N 207 
LYS N   H    sing N N 208 
LYS N   H2   sing N N 209 
LYS CA  C    sing N N 210 
LYS CA  CB   sing N N 211 
LYS CA  HA   sing N N 212 
LYS C   O    doub N N 213 
LYS C   OXT  sing N N 214 
LYS CB  CG   sing N N 215 
LYS CB  HB2  sing N N 216 
LYS CB  HB3  sing N N 217 
LYS CG  CD   sing N N 218 
LYS CG  HG2  sing N N 219 
LYS CG  HG3  sing N N 220 
LYS CD  CE   sing N N 221 
LYS CD  HD2  sing N N 222 
LYS CD  HD3  sing N N 223 
LYS CE  NZ   sing N N 224 
LYS CE  HE2  sing N N 225 
LYS CE  HE3  sing N N 226 
LYS NZ  HZ1  sing N N 227 
LYS NZ  HZ2  sing N N 228 
LYS NZ  HZ3  sing N N 229 
LYS OXT HXT  sing N N 230 
MET N   CA   sing N N 231 
MET N   H    sing N N 232 
MET N   H2   sing N N 233 
MET CA  C    sing N N 234 
MET CA  CB   sing N N 235 
MET CA  HA   sing N N 236 
MET C   O    doub N N 237 
MET C   OXT  sing N N 238 
MET CB  CG   sing N N 239 
MET CB  HB2  sing N N 240 
MET CB  HB3  sing N N 241 
MET CG  SD   sing N N 242 
MET CG  HG2  sing N N 243 
MET CG  HG3  sing N N 244 
MET SD  CE   sing N N 245 
MET CE  HE1  sing N N 246 
MET CE  HE2  sing N N 247 
MET CE  HE3  sing N N 248 
MET OXT HXT  sing N N 249 
PHE N   CA   sing N N 250 
PHE N   H    sing N N 251 
PHE N   H2   sing N N 252 
PHE CA  C    sing N N 253 
PHE CA  CB   sing N N 254 
PHE CA  HA   sing N N 255 
PHE C   O    doub N N 256 
PHE C   OXT  sing N N 257 
PHE CB  CG   sing N N 258 
PHE CB  HB2  sing N N 259 
PHE CB  HB3  sing N N 260 
PHE CG  CD1  doub Y N 261 
PHE CG  CD2  sing Y N 262 
PHE CD1 CE1  sing Y N 263 
PHE CD1 HD1  sing N N 264 
PHE CD2 CE2  doub Y N 265 
PHE CD2 HD2  sing N N 266 
PHE CE1 CZ   doub Y N 267 
PHE CE1 HE1  sing N N 268 
PHE CE2 CZ   sing Y N 269 
PHE CE2 HE2  sing N N 270 
PHE CZ  HZ   sing N N 271 
PHE OXT HXT  sing N N 272 
PRO N   CA   sing N N 273 
PRO N   CD   sing N N 274 
PRO N   H    sing N N 275 
PRO CA  C    sing N N 276 
PRO CA  CB   sing N N 277 
PRO CA  HA   sing N N 278 
PRO C   O    doub N N 279 
PRO C   OXT  sing N N 280 
PRO CB  CG   sing N N 281 
PRO CB  HB2  sing N N 282 
PRO CB  HB3  sing N N 283 
PRO CG  CD   sing N N 284 
PRO CG  HG2  sing N N 285 
PRO CG  HG3  sing N N 286 
PRO CD  HD2  sing N N 287 
PRO CD  HD3  sing N N 288 
PRO OXT HXT  sing N N 289 
SER N   CA   sing N N 290 
SER N   H    sing N N 291 
SER N   H2   sing N N 292 
SER CA  C    sing N N 293 
SER CA  CB   sing N N 294 
SER CA  HA   sing N N 295 
SER C   O    doub N N 296 
SER C   OXT  sing N N 297 
SER CB  OG   sing N N 298 
SER CB  HB2  sing N N 299 
SER CB  HB3  sing N N 300 
SER OG  HG   sing N N 301 
SER OXT HXT  sing N N 302 
THR N   CA   sing N N 303 
THR N   H    sing N N 304 
THR N   H2   sing N N 305 
THR CA  C    sing N N 306 
THR CA  CB   sing N N 307 
THR CA  HA   sing N N 308 
THR C   O    doub N N 309 
THR C   OXT  sing N N 310 
THR CB  OG1  sing N N 311 
THR CB  CG2  sing N N 312 
THR CB  HB   sing N N 313 
THR OG1 HG1  sing N N 314 
THR CG2 HG21 sing N N 315 
THR CG2 HG22 sing N N 316 
THR CG2 HG23 sing N N 317 
THR OXT HXT  sing N N 318 
TRP N   CA   sing N N 319 
TRP N   H    sing N N 320 
TRP N   H2   sing N N 321 
TRP CA  C    sing N N 322 
TRP CA  CB   sing N N 323 
TRP CA  HA   sing N N 324 
TRP C   O    doub N N 325 
TRP C   OXT  sing N N 326 
TRP CB  CG   sing N N 327 
TRP CB  HB2  sing N N 328 
TRP CB  HB3  sing N N 329 
TRP CG  CD1  doub Y N 330 
TRP CG  CD2  sing Y N 331 
TRP CD1 NE1  sing Y N 332 
TRP CD1 HD1  sing N N 333 
TRP CD2 CE2  doub Y N 334 
TRP CD2 CE3  sing Y N 335 
TRP NE1 CE2  sing Y N 336 
TRP NE1 HE1  sing N N 337 
TRP CE2 CZ2  sing Y N 338 
TRP CE3 CZ3  doub Y N 339 
TRP CE3 HE3  sing N N 340 
TRP CZ2 CH2  doub Y N 341 
TRP CZ2 HZ2  sing N N 342 
TRP CZ3 CH2  sing Y N 343 
TRP CZ3 HZ3  sing N N 344 
TRP CH2 HH2  sing N N 345 
TRP OXT HXT  sing N N 346 
TYR N   CA   sing N N 347 
TYR N   H    sing N N 348 
TYR N   H2   sing N N 349 
TYR CA  C    sing N N 350 
TYR CA  CB   sing N N 351 
TYR CA  HA   sing N N 352 
TYR C   O    doub N N 353 
TYR C   OXT  sing N N 354 
TYR CB  CG   sing N N 355 
TYR CB  HB2  sing N N 356 
TYR CB  HB3  sing N N 357 
TYR CG  CD1  doub Y N 358 
TYR CG  CD2  sing Y N 359 
TYR CD1 CE1  sing Y N 360 
TYR CD1 HD1  sing N N 361 
TYR CD2 CE2  doub Y N 362 
TYR CD2 HD2  sing N N 363 
TYR CE1 CZ   doub Y N 364 
TYR CE1 HE1  sing N N 365 
TYR CE2 CZ   sing Y N 366 
TYR CE2 HE2  sing N N 367 
TYR CZ  OH   sing N N 368 
TYR OH  HH   sing N N 369 
TYR OXT HXT  sing N N 370 
VAL N   CA   sing N N 371 
VAL N   H    sing N N 372 
VAL N   H2   sing N N 373 
VAL CA  C    sing N N 374 
VAL CA  CB   sing N N 375 
VAL CA  HA   sing N N 376 
VAL C   O    doub N N 377 
VAL C   OXT  sing N N 378 
VAL CB  CG1  sing N N 379 
VAL CB  CG2  sing N N 380 
VAL CB  HB   sing N N 381 
VAL CG1 HG11 sing N N 382 
VAL CG1 HG12 sing N N 383 
VAL CG1 HG13 sing N N 384 
VAL CG2 HG21 sing N N 385 
VAL CG2 HG22 sing N N 386 
VAL CG2 HG23 sing N N 387 
VAL OXT HXT  sing N N 388 
# 
_atom_sites.entry_id                    4GXL 
_atom_sites.fract_transf_matrix[1][1]   0.00024067 
_atom_sites.fract_transf_matrix[1][2]   -0.00982373 
_atom_sites.fract_transf_matrix[1][3]   0.00872782 
_atom_sites.fract_transf_matrix[2][1]   0.00723263 
_atom_sites.fract_transf_matrix[2][2]   -0.00218710 
_atom_sites.fract_transf_matrix[2][3]   -0.00266117 
_atom_sites.fract_transf_matrix[3][1]   0.00982221 
_atom_sites.fract_transf_matrix[3][2]   0.01384704 
_atom_sites.fract_transf_matrix[3][3]   0.01531490 
_atom_sites.fract_transf_vector[1]      0.180229 
_atom_sites.fract_transf_vector[2]      0.114902 
_atom_sites.fract_transf_vector[3]      0.243823 
# 
loop_
_atom_type.symbol 
C 
N 
O 
S 
# 
loop_
_atom_site.group_PDB 
_atom_site.id 
_atom_site.type_symbol 
_atom_site.label_atom_id 
_atom_site.label_alt_id 
_atom_site.label_comp_id 
_atom_site.label_asym_id 
_atom_site.label_entity_id 
_atom_site.label_seq_id 
_atom_site.pdbx_PDB_ins_code 
_atom_site.Cartn_x 
_atom_site.Cartn_y 
_atom_site.Cartn_z 
_atom_site.occupancy 
_atom_site.B_iso_or_equiv 
_atom_site.pdbx_formal_charge 
_atom_site.auth_seq_id 
_atom_site.auth_comp_id 
_atom_site.auth_asym_id 
_atom_site.auth_atom_id 
_atom_site.pdbx_PDB_model_num 
ATOM   1    N N   . SER A 1 11  ? 1.144   -8.894  -13.931 1.00 42.50 ? 217 SER A N   1 
ATOM   2    C CA  . SER A 1 11  ? 1.940   -7.956  -14.716 1.00 40.91 ? 217 SER A CA  1 
ATOM   3    C C   . SER A 1 11  ? 1.796   -6.513  -14.220 1.00 44.52 ? 217 SER A C   1 
ATOM   4    O O   . SER A 1 11  ? 0.684   -6.000  -14.037 1.00 37.21 ? 217 SER A O   1 
ATOM   5    C CB  . SER A 1 11  ? 1.565   -8.049  -16.200 1.00 44.36 ? 217 SER A CB  1 
ATOM   6    O OG  . SER A 1 11  ? 2.309   -7.127  -16.982 1.00 47.74 ? 217 SER A OG  1 
ATOM   7    N N   . SER A 1 12  ? 2.937   -5.872  -13.992 1.00 36.85 ? 218 SER A N   1 
ATOM   8    C CA  . SER A 1 12  ? 2.990   -4.446  -13.688 1.00 38.93 ? 218 SER A CA  1 
ATOM   9    C C   . SER A 1 12  ? 2.362   -3.701  -14.876 1.00 35.17 ? 218 SER A C   1 
ATOM   10   O O   . SER A 1 12  ? 2.718   -3.959  -16.024 1.00 37.11 ? 218 SER A O   1 
ATOM   11   C CB  . SER A 1 12  ? 4.457   -4.048  -13.475 1.00 34.91 ? 218 SER A CB  1 
ATOM   12   O OG  . SER A 1 12  ? 4.634   -2.673  -13.199 1.00 30.68 ? 218 SER A OG  1 
ATOM   13   N N   . GLY A 1 13  ? 1.406   -2.812  -14.615 1.00 28.52 ? 219 GLY A N   1 
ATOM   14   C CA  . GLY A 1 13  ? 0.738   -2.101  -15.698 1.00 30.77 ? 219 GLY A CA  1 
ATOM   15   C C   . GLY A 1 13  ? -0.454  -2.830  -16.318 1.00 31.00 ? 219 GLY A C   1 
ATOM   16   O O   . GLY A 1 13  ? -1.065  -2.336  -17.266 1.00 32.27 ? 219 GLY A O   1 
ATOM   17   N N   . GLU A 1 14  ? -0.783  -4.008  -15.794 1.00 28.45 ? 220 GLU A N   1 
ATOM   18   C CA  . GLU A 1 14  ? -2.006  -4.714  -16.177 1.00 28.15 ? 220 GLU A CA  1 
ATOM   19   C C   . GLU A 1 14  ? -3.200  -3.800  -15.888 1.00 23.31 ? 220 GLU A C   1 
ATOM   20   O O   . GLU A 1 14  ? -3.181  -3.060  -14.896 1.00 21.82 ? 220 GLU A O   1 
ATOM   21   C CB  . GLU A 1 14  ? -2.127  -6.005  -15.356 1.00 31.00 ? 220 GLU A CB  1 
ATOM   22   C CG  . GLU A 1 14  ? -3.357  -6.853  -15.641 1.00 29.41 ? 220 GLU A CG  1 
ATOM   23   C CD  . GLU A 1 14  ? -3.530  -8.006  -14.651 1.00 39.74 ? 220 GLU A CD  1 
ATOM   24   O OE1 . GLU A 1 14  ? -2.700  -8.155  -13.723 1.00 35.75 ? 220 GLU A OE1 1 
ATOM   25   O OE2 . GLU A 1 14  ? -4.516  -8.760  -14.801 1.00 48.26 ? 220 GLU A OE2 1 
ATOM   26   N N   . ASN A 1 15  ? -4.228  -3.837  -16.737 1.00 20.06 ? 221 ASN A N   1 
ATOM   27   C CA  . ASN A 1 15  ? -5.410  -2.977  -16.530 1.00 22.37 ? 221 ASN A CA  1 
ATOM   28   C C   . ASN A 1 15  ? -6.359  -3.631  -15.521 1.00 16.95 ? 221 ASN A C   1 
ATOM   29   O O   . ASN A 1 15  ? -6.928  -4.686  -15.802 1.00 17.70 ? 221 ASN A O   1 
ATOM   30   C CB  . ASN A 1 15  ? -6.134  -2.722  -17.859 1.00 21.46 ? 221 ASN A CB  1 
ATOM   31   C CG  . ASN A 1 15  ? -7.158  -1.587  -17.777 1.00 24.17 ? 221 ASN A CG  1 
ATOM   32   O OD1 . ASN A 1 15  ? -7.762  -1.348  -16.729 1.00 26.51 ? 221 ASN A OD1 1 
ATOM   33   N ND2 . ASN A 1 15  ? -7.358  -0.887  -18.893 1.00 17.57 ? 221 ASN A ND2 1 
ATOM   34   N N   . LEU A 1 16  ? -6.532  -3.004  -14.354 1.00 17.25 ? 222 LEU A N   1 
ATOM   35   C CA  . LEU A 1 16  ? -7.316  -3.609  -13.272 1.00 16.60 ? 222 LEU A CA  1 
ATOM   36   C C   . LEU A 1 16  ? -8.711  -3.004  -13.141 1.00 15.52 ? 222 LEU A C   1 
ATOM   37   O O   . LEU A 1 16  ? -9.362  -3.165  -12.106 1.00 14.10 ? 222 LEU A O   1 
ATOM   38   C CB  . LEU A 1 16  ? -6.561  -3.497  -11.932 1.00 14.75 ? 222 LEU A CB  1 
ATOM   39   C CG  . LEU A 1 16  ? -5.158  -4.136  -11.925 1.00 18.52 ? 222 LEU A CG  1 
ATOM   40   C CD1 . LEU A 1 16  ? -4.453  -3.906  -10.600 1.00 16.74 ? 222 LEU A CD1 1 
ATOM   41   C CD2 . LEU A 1 16  ? -5.239  -5.632  -12.220 1.00 16.02 ? 222 LEU A CD2 1 
ATOM   42   N N   . TYR A 1 17  ? -9.183  -2.333  -14.186 1.00 14.92 ? 223 TYR A N   1 
ATOM   43   C CA  . TYR A 1 17  ? -10.453 -1.593  -14.117 1.00 15.73 ? 223 TYR A CA  1 
ATOM   44   C C   . TYR A 1 17  ? -11.629 -2.468  -13.674 1.00 15.87 ? 223 TYR A C   1 
ATOM   45   O O   . TYR A 1 17  ? -12.549 -1.998  -12.992 1.00 14.54 ? 223 TYR A O   1 
ATOM   46   C CB  . TYR A 1 17  ? -10.760 -0.976  -15.491 1.00 12.76 ? 223 TYR A CB  1 
ATOM   47   C CG  . TYR A 1 17  ? -11.823 0.111   -15.488 1.00 14.79 ? 223 TYR A CG  1 
ATOM   48   C CD1 . TYR A 1 17  ? -11.468 1.462   -15.422 1.00 15.97 ? 223 TYR A CD1 1 
ATOM   49   C CD2 . TYR A 1 17  ? -13.168 -0.209  -15.593 1.00 12.49 ? 223 TYR A CD2 1 
ATOM   50   C CE1 . TYR A 1 17  ? -12.435 2.461   -15.443 1.00 13.93 ? 223 TYR A CE1 1 
ATOM   51   C CE2 . TYR A 1 17  ? -14.158 0.789   -15.607 1.00 14.75 ? 223 TYR A CE2 1 
ATOM   52   C CZ  . TYR A 1 17  ? -13.779 2.110   -15.529 1.00 18.77 ? 223 TYR A CZ  1 
ATOM   53   O OH  . TYR A 1 17  ? -14.755 3.091   -15.560 1.00 15.66 ? 223 TYR A OH  1 
ATOM   54   N N   . PHE A 1 18  ? -11.612 -3.739  -14.070 1.00 11.83 ? 224 PHE A N   1 
ATOM   55   C CA  . PHE A 1 18  ? -12.719 -4.630  -13.744 1.00 13.65 ? 224 PHE A CA  1 
ATOM   56   C C   . PHE A 1 18  ? -12.321 -5.710  -12.718 1.00 15.37 ? 224 PHE A C   1 
ATOM   57   O O   . PHE A 1 18  ? -13.098 -6.633  -12.446 1.00 18.23 ? 224 PHE A O   1 
ATOM   58   C CB  . PHE A 1 18  ? -13.291 -5.276  -15.031 1.00 16.10 ? 224 PHE A CB  1 
ATOM   59   C CG  . PHE A 1 18  ? -13.878 -4.271  -16.023 1.00 17.50 ? 224 PHE A CG  1 
ATOM   60   C CD1 . PHE A 1 18  ? -15.124 -3.690  -15.795 1.00 16.07 ? 224 PHE A CD1 1 
ATOM   61   C CD2 . PHE A 1 18  ? -13.188 -3.920  -17.175 1.00 16.26 ? 224 PHE A CD2 1 
ATOM   62   C CE1 . PHE A 1 18  ? -15.671 -2.757  -16.700 1.00 16.63 ? 224 PHE A CE1 1 
ATOM   63   C CE2 . PHE A 1 18  ? -13.726 -2.993  -18.096 1.00 16.80 ? 224 PHE A CE2 1 
ATOM   64   C CZ  . PHE A 1 18  ? -14.969 -2.416  -17.853 1.00 19.65 ? 224 PHE A CZ  1 
ATOM   65   N N   . GLN A 1 19  ? -11.119 -5.588  -12.151 1.00 14.57 ? 225 GLN A N   1 
ATOM   66   C CA  . GLN A 1 19  ? -10.619 -6.538  -11.141 1.00 16.09 ? 225 GLN A CA  1 
ATOM   67   C C   . GLN A 1 19  ? -11.408 -6.482  -9.826  1.00 18.28 ? 225 GLN A C   1 
ATOM   68   O O   . GLN A 1 19  ? -11.489 -5.426  -9.191  1.00 16.37 ? 225 GLN A O   1 
ATOM   69   C CB  . GLN A 1 19  ? -9.151  -6.236  -10.820 1.00 17.57 ? 225 GLN A CB  1 
ATOM   70   C CG  . GLN A 1 19  ? -8.620  -7.013  -9.596  1.00 16.60 ? 225 GLN A CG  1 
ATOM   71   C CD  . GLN A 1 19  ? -8.468  -8.502  -9.905  1.00 21.97 ? 225 GLN A CD  1 
ATOM   72   O OE1 . GLN A 1 19  ? -7.960  -8.868  -10.968 1.00 19.23 ? 225 GLN A OE1 1 
ATOM   73   N NE2 . GLN A 1 19  ? -8.944  -9.358  -9.003  1.00 17.36 ? 225 GLN A NE2 1 
ATOM   74   N N   . HIS A 1 20  ? -11.945 -7.629  -9.405  1.00 16.16 ? 226 HIS A N   1 
ATOM   75   C CA  A HIS A 1 20  ? -12.702 -7.742  -8.165  0.49 14.98 ? 226 HIS A CA  1 
ATOM   76   C CA  B HIS A 1 20  ? -12.699 -7.751  -8.152  0.51 15.06 ? 226 HIS A CA  1 
ATOM   77   C C   . HIS A 1 20  ? -11.783 -7.603  -6.950  1.00 18.11 ? 226 HIS A C   1 
ATOM   78   O O   . HIS A 1 20  ? -10.621 -8.034  -6.980  1.00 17.60 ? 226 HIS A O   1 
ATOM   79   C CB  A HIS A 1 20  ? -13.400 -9.110  -8.168  0.49 18.34 ? 226 HIS A CB  1 
ATOM   80   C CB  B HIS A 1 20  ? -13.354 -9.137  -8.033  0.51 18.34 ? 226 HIS A CB  1 
ATOM   81   C CG  A HIS A 1 20  ? -14.177 -9.420  -6.926  0.49 17.82 ? 226 HIS A CG  1 
ATOM   82   C CG  B HIS A 1 20  ? -14.392 -9.428  -9.070  0.51 16.70 ? 226 HIS A CG  1 
ATOM   83   N ND1 A HIS A 1 20  ? -13.895 -10.513 -6.131  0.49 19.52 ? 226 HIS A ND1 1 
ATOM   84   N ND1 B HIS A 1 20  ? -14.745 -10.715 -9.418  0.51 19.31 ? 226 HIS A ND1 1 
ATOM   85   C CD2 A HIS A 1 20  ? -15.249 -8.815  -6.363  0.49 17.59 ? 226 HIS A CD2 1 
ATOM   86   C CD2 B HIS A 1 20  ? -15.164 -8.611  -9.823  0.51 17.03 ? 226 HIS A CD2 1 
ATOM   87   C CE1 A HIS A 1 20  ? -14.750 -10.556 -5.126  0.49 18.10 ? 226 HIS A CE1 1 
ATOM   88   C CE1 B HIS A 1 20  ? -15.682 -10.678 -10.347 0.51 20.57 ? 226 HIS A CE1 1 
ATOM   89   N NE2 A HIS A 1 20  ? -15.581 -9.534  -5.240  0.49 15.42 ? 226 HIS A NE2 1 
ATOM   90   N NE2 B HIS A 1 20  ? -15.956 -9.412  -10.612 0.51 17.61 ? 226 HIS A NE2 1 
ATOM   91   N N   . MET A 1 21  ? -12.302 -7.016  -5.874  1.00 12.96 ? 227 MET A N   1 
ATOM   92   C CA  . MET A 1 21  ? -11.572 -6.990  -4.612  1.00 15.67 ? 227 MET A CA  1 
ATOM   93   C C   . MET A 1 21  ? -12.042 -8.235  -3.862  1.00 13.93 ? 227 MET A C   1 
ATOM   94   O O   . MET A 1 21  ? -13.242 -8.481  -3.786  1.00 18.49 ? 227 MET A O   1 
ATOM   95   C CB  . MET A 1 21  ? -11.920 -5.722  -3.815  1.00 15.61 ? 227 MET A CB  1 
ATOM   96   C CG  . MET A 1 21  ? -11.503 -4.405  -4.495  1.00 18.63 ? 227 MET A CG  1 
ATOM   97   S SD  . MET A 1 21  ? -9.708  -4.211  -4.663  1.00 21.12 ? 227 MET A SD  1 
ATOM   98   C CE  . MET A 1 21  ? -9.487  -4.776  -6.344  1.00 16.84 ? 227 MET A CE  1 
ATOM   99   N N   . PRO A 1 22  ? -11.121 -9.023  -3.278  1.00 19.11 ? 228 PRO A N   1 
ATOM   100  C CA  . PRO A 1 22  ? -9.679  -8.829  -3.120  1.00 15.63 ? 228 PRO A CA  1 
ATOM   101  C C   . PRO A 1 22  ? -8.866  -9.168  -4.347  1.00 15.23 ? 228 PRO A C   1 
ATOM   102  O O   . PRO A 1 22  ? -9.227  -10.032 -5.165  1.00 14.58 ? 228 PRO A O   1 
ATOM   103  C CB  . PRO A 1 22  ? -9.313  -9.817  -1.985  1.00 17.44 ? 228 PRO A CB  1 
ATOM   104  C CG  . PRO A 1 22  ? -10.325 -10.898 -2.089  1.00 20.43 ? 228 PRO A CG  1 
ATOM   105  C CD  . PRO A 1 22  ? -11.607 -10.167 -2.477  1.00 17.45 ? 228 PRO A CD  1 
ATOM   106  N N   . PHE A 1 23  ? -7.754  -8.460  -4.452  1.00 16.05 ? 229 PHE A N   1 
ATOM   107  C CA  . PHE A 1 23  ? -6.776  -8.640  -5.507  1.00 16.48 ? 229 PHE A CA  1 
ATOM   108  C C   . PHE A 1 23  ? -5.506  -9.119  -4.816  1.00 19.78 ? 229 PHE A C   1 
ATOM   109  O O   . PHE A 1 23  ? -5.163  -8.629  -3.732  1.00 18.25 ? 229 PHE A O   1 
ATOM   110  C CB  . PHE A 1 23  ? -6.553  -7.296  -6.208  1.00 13.14 ? 229 PHE A CB  1 
ATOM   111  C CG  . PHE A 1 23  ? -5.292  -7.229  -7.039  1.00 21.06 ? 229 PHE A CG  1 
ATOM   112  C CD1 . PHE A 1 23  ? -5.265  -7.729  -8.336  1.00 19.78 ? 229 PHE A CD1 1 
ATOM   113  C CD2 . PHE A 1 23  ? -4.143  -6.643  -6.529  1.00 22.71 ? 229 PHE A CD2 1 
ATOM   114  C CE1 . PHE A 1 23  ? -4.106  -7.651  -9.105  1.00 23.83 ? 229 PHE A CE1 1 
ATOM   115  C CE2 . PHE A 1 23  ? -2.983  -6.569  -7.287  1.00 23.68 ? 229 PHE A CE2 1 
ATOM   116  C CZ  . PHE A 1 23  ? -2.969  -7.067  -8.575  1.00 22.71 ? 229 PHE A CZ  1 
ATOM   117  N N   . ALA A 1 24  ? -4.825  -10.091 -5.416  1.00 17.58 ? 230 ALA A N   1 
ATOM   118  C CA  . ALA A 1 24  ? -3.579  -10.618 -4.843  1.00 17.01 ? 230 ALA A CA  1 
ATOM   119  C C   . ALA A 1 24  ? -2.611  -10.848 -5.978  1.00 25.07 ? 230 ALA A C   1 
ATOM   120  O O   . ALA A 1 24  ? -2.995  -11.398 -7.018  1.00 22.66 ? 230 ALA A O   1 
ATOM   121  C CB  . ALA A 1 24  ? -3.832  -11.933 -4.090  1.00 18.11 ? 230 ALA A CB  1 
ATOM   122  N N   . ALA A 1 25  ? -1.362  -10.429 -5.798  1.00 23.03 ? 231 ALA A N   1 
ATOM   123  C CA  . ALA A 1 25  ? -0.377  -10.560 -6.871  1.00 26.86 ? 231 ALA A CA  1 
ATOM   124  C C   . ALA A 1 25  ? 1.016   -10.890 -6.356  1.00 28.73 ? 231 ALA A C   1 
ATOM   125  O O   . ALA A 1 25  ? 1.474   -10.326 -5.359  1.00 24.65 ? 231 ALA A O   1 
ATOM   126  C CB  . ALA A 1 25  ? -0.334  -9.281  -7.712  1.00 25.54 ? 231 ALA A CB  1 
ATOM   127  N N   . ARG A 1 26  ? 1.707   -11.790 -7.047  1.00 26.97 ? 232 ARG A N   1 
ATOM   128  C CA  . ARG A 1 26  ? 3.121   -11.990 -6.767  1.00 32.93 ? 232 ARG A CA  1 
ATOM   129  C C   . ARG A 1 26  ? 3.912   -10.905 -7.484  1.00 34.02 ? 232 ARG A C   1 
ATOM   130  O O   . ARG A 1 26  ? 3.769   -10.723 -8.696  1.00 36.93 ? 232 ARG A O   1 
ATOM   131  C CB  . ARG A 1 26  ? 3.597   -13.366 -7.232  1.00 31.40 ? 232 ARG A CB  1 
ATOM   132  C CG  . ARG A 1 26  ? 2.831   -14.554 -6.639  1.00 46.69 ? 232 ARG A CG  1 
ATOM   133  C CD  . ARG A 1 26  ? 2.873   -14.599 -5.108  1.00 47.34 ? 232 ARG A CD  1 
ATOM   134  N NE  . ARG A 1 26  ? 2.536   -15.934 -4.607  1.00 59.98 ? 232 ARG A NE  1 
ATOM   135  C CZ  . ARG A 1 26  ? 2.041   -16.188 -3.397  1.00 60.91 ? 232 ARG A CZ  1 
ATOM   136  N NH1 . ARG A 1 26  ? 1.808   -15.193 -2.549  1.00 50.43 ? 232 ARG A NH1 1 
ATOM   137  N NH2 . ARG A 1 26  ? 1.770   -17.439 -3.036  1.00 59.21 ? 232 ARG A NH2 1 
ATOM   138  N N   . LEU A 1 27  ? 4.732   -10.180 -6.731  1.00 29.77 ? 233 LEU A N   1 
ATOM   139  C CA  . LEU A 1 27  ? 5.638   -9.200  -7.312  1.00 30.68 ? 233 LEU A CA  1 
ATOM   140  C C   . LEU A 1 27  ? 6.774   -9.927  -8.031  1.00 33.19 ? 233 LEU A C   1 
ATOM   141  O O   . LEU A 1 27  ? 7.299   -10.920 -7.520  1.00 34.19 ? 233 LEU A O   1 
ATOM   142  C CB  . LEU A 1 27  ? 6.210   -8.298  -6.214  1.00 29.34 ? 233 LEU A CB  1 
ATOM   143  C CG  . LEU A 1 27  ? 5.193   -7.493  -5.406  1.00 27.15 ? 233 LEU A CG  1 
ATOM   144  C CD1 . LEU A 1 27  ? 5.850   -6.845  -4.208  1.00 28.37 ? 233 LEU A CD1 1 
ATOM   145  C CD2 . LEU A 1 27  ? 4.544   -6.448  -6.290  1.00 29.59 ? 233 LEU A CD2 1 
ATOM   146  N N   . ASN A 1 28  ? 7.146   -9.437  -9.211  1.00 32.27 ? 234 ASN A N   1 
ATOM   147  C CA  . ASN A 1 28  ? 8.253   -10.023 -9.970  1.00 41.13 ? 234 ASN A CA  1 
ATOM   148  C C   . ASN A 1 28  ? 9.579   -9.856  -9.234  1.00 37.58 ? 234 ASN A C   1 
ATOM   149  O O   . ASN A 1 28  ? 10.360  -10.806 -9.108  1.00 40.88 ? 234 ASN A O   1 
ATOM   150  C CB  . ASN A 1 28  ? 8.358   -9.392  -11.365 1.00 40.37 ? 234 ASN A CB  1 
ATOM   151  C CG  . ASN A 1 28  ? 7.127   -9.636  -12.216 0.00 41.41 ? 234 ASN A CG  1 
ATOM   152  O OD1 . ASN A 1 28  ? 6.481   -10.680 -12.117 0.67 42.06 ? 234 ASN A OD1 1 
ATOM   153  N ND2 . ASN A 1 28  ? 6.797   -8.668  -13.067 1.00 48.86 ? 234 ASN A ND2 1 
ATOM   154  N N   . THR A 1 29  ? 9.826   -8.637  -8.762  1.00 33.27 ? 235 THR A N   1 
ATOM   155  C CA  . THR A 1 29  ? 10.966  -8.343  -7.896  1.00 32.28 ? 235 THR A CA  1 
ATOM   156  C C   . THR A 1 29  ? 10.434  -8.076  -6.490  1.00 29.50 ? 235 THR A C   1 
ATOM   157  O O   . THR A 1 29  ? 9.584   -7.217  -6.304  1.00 29.12 ? 235 THR A O   1 
ATOM   158  C CB  . THR A 1 29  ? 11.733  -7.095  -8.382  1.00 27.22 ? 235 THR A CB  1 
ATOM   159  O OG1 . THR A 1 29  ? 12.040  -7.223  -9.780  1.00 30.60 ? 235 THR A OG1 1 
ATOM   160  C CG2 . THR A 1 29  ? 13.025  -6.913  -7.596  1.00 26.29 ? 235 THR A CG2 1 
ATOM   161  N N   . PRO A 1 30  ? 10.928  -8.819  -5.492  1.00 24.90 ? 236 PRO A N   1 
ATOM   162  C CA  . PRO A 1 30  ? 10.471  -8.597  -4.117  1.00 23.21 ? 236 PRO A CA  1 
ATOM   163  C C   . PRO A 1 30  ? 11.127  -7.371  -3.497  1.00 22.74 ? 236 PRO A C   1 
ATOM   164  O O   . PRO A 1 30  ? 11.984  -6.755  -4.136  1.00 22.09 ? 236 PRO A O   1 
ATOM   165  C CB  . PRO A 1 30  ? 10.924  -9.870  -3.392  1.00 25.57 ? 236 PRO A CB  1 
ATOM   166  C CG  . PRO A 1 30  ? 12.132  -10.319 -4.157  1.00 29.16 ? 236 PRO A CG  1 
ATOM   167  C CD  . PRO A 1 30  ? 11.856  -9.961  -5.600  1.00 30.36 ? 236 PRO A CD  1 
ATOM   168  N N   . MET A 1 31  ? 10.734  -7.027  -2.272  1.00 22.25 ? 237 MET A N   1 
ATOM   169  C CA  . MET A 1 31  ? 11.233  -5.819  -1.607  1.00 23.37 ? 237 MET A CA  1 
ATOM   170  C C   . MET A 1 31  ? 12.734  -5.832  -1.355  1.00 26.69 ? 237 MET A C   1 
ATOM   171  O O   . MET A 1 31  ? 13.373  -6.891  -1.286  1.00 24.25 ? 237 MET A O   1 
ATOM   172  C CB  . MET A 1 31  ? 10.489  -5.559  -0.292  1.00 19.98 ? 237 MET A CB  1 
ATOM   173  C CG  . MET A 1 31  ? 9.013   -5.174  -0.479  1.00 24.82 ? 237 MET A CG  1 
ATOM   174  S SD  . MET A 1 31  ? 8.836   -3.687  -1.485  1.00 32.98 ? 237 MET A SD  1 
ATOM   175  C CE  . MET A 1 31  ? 8.127   -4.356  -2.973  1.00 21.77 ? 237 MET A CE  1 
ATOM   176  N N   . GLY A 1 32  ? 13.280  -4.633  -1.203  1.00 23.66 ? 238 GLY A N   1 
ATOM   177  C CA  . GLY A 1 32  ? 14.701  -4.430  -1.021  1.00 22.90 ? 238 GLY A CA  1 
ATOM   178  C C   . GLY A 1 32  ? 14.928  -2.955  -1.262  1.00 25.52 ? 238 GLY A C   1 
ATOM   179  O O   . GLY A 1 32  ? 14.048  -2.286  -1.822  1.00 19.13 ? 238 GLY A O   1 
ATOM   180  N N   . PRO A 1 33  ? 16.093  -2.441  -0.844  1.00 23.88 ? 239 PRO A N   1 
ATOM   181  C CA  . PRO A 1 33  ? 16.380  -1.013  -0.977  1.00 25.17 ? 239 PRO A CA  1 
ATOM   182  C C   . PRO A 1 33  ? 16.163  -0.565  -2.410  1.00 23.42 ? 239 PRO A C   1 
ATOM   183  O O   . PRO A 1 33  ? 16.678  -1.195  -3.340  1.00 19.83 ? 239 PRO A O   1 
ATOM   184  C CB  . PRO A 1 33  ? 17.872  -0.920  -0.613  1.00 21.70 ? 239 PRO A CB  1 
ATOM   185  C CG  . PRO A 1 33  ? 18.114  -2.117  0.275   1.00 26.17 ? 239 PRO A CG  1 
ATOM   186  C CD  . PRO A 1 33  ? 17.222  -3.193  -0.263  1.00 23.40 ? 239 PRO A CD  1 
ATOM   187  N N   . GLY A 1 34  ? 15.384  0.495   -2.591  1.00 21.97 ? 240 GLY A N   1 
ATOM   188  C CA  . GLY A 1 34  ? 15.177  1.039   -3.920  1.00 21.97 ? 240 GLY A CA  1 
ATOM   189  C C   . GLY A 1 34  ? 13.899  0.583   -4.598  1.00 22.58 ? 240 GLY A C   1 
ATOM   190  O O   . GLY A 1 34  ? 13.530  1.151   -5.619  1.00 27.51 ? 240 GLY A O   1 
ATOM   191  N N   . ARG A 1 35  ? 13.211  -0.416  -4.039  1.00 18.12 ? 241 ARG A N   1 
ATOM   192  C CA  . ARG A 1 35  ? 11.991  -0.938  -4.672  1.00 20.67 ? 241 ARG A CA  1 
ATOM   193  C C   . ARG A 1 35  ? 10.811  -0.004  -4.462  1.00 19.83 ? 241 ARG A C   1 
ATOM   194  O O   . ARG A 1 35  ? 10.669  0.598   -3.395  1.00 15.03 ? 241 ARG A O   1 
ATOM   195  C CB  . ARG A 1 35  ? 11.626  -2.330  -4.140  1.00 16.74 ? 241 ARG A CB  1 
ATOM   196  C CG  . ARG A 1 35  ? 12.528  -3.436  -4.657  1.00 24.92 ? 241 ARG A CG  1 
ATOM   197  C CD  . ARG A 1 35  ? 12.427  -3.540  -6.177  1.00 26.07 ? 241 ARG A CD  1 
ATOM   198  N NE  . ARG A 1 35  ? 13.727  -3.883  -6.734  1.00 48.09 ? 241 ARG A NE  1 
ATOM   199  C CZ  . ARG A 1 35  ? 14.521  -3.037  -7.383  1.00 45.65 ? 241 ARG A CZ  1 
ATOM   200  N NH1 . ARG A 1 35  ? 15.690  -3.460  -7.838  1.00 46.43 ? 241 ARG A NH1 1 
ATOM   201  N NH2 . ARG A 1 35  ? 14.150  -1.776  -7.586  1.00 38.41 ? 241 ARG A NH2 1 
ATOM   202  N N   . THR A 1 36  ? 9.964   0.095   -5.484  1.00 16.82 ? 242 THR A N   1 
ATOM   203  C CA  . THR A 1 36  ? 8.803   0.975   -5.452  1.00 18.05 ? 242 THR A CA  1 
ATOM   204  C C   . THR A 1 36  ? 7.582   0.232   -5.956  1.00 17.16 ? 242 THR A C   1 
ATOM   205  O O   . THR A 1 36  ? 7.660   -0.490  -6.947  1.00 17.76 ? 242 THR A O   1 
ATOM   206  C CB  . THR A 1 36  ? 9.017   2.217   -6.332  1.00 18.33 ? 242 THR A CB  1 
ATOM   207  O OG1 . THR A 1 36  ? 10.245  2.852   -5.962  1.00 19.64 ? 242 THR A OG1 1 
ATOM   208  C CG2 . THR A 1 36  ? 7.875   3.213   -6.136  1.00 19.32 ? 242 THR A CG2 1 
ATOM   209  N N   . VAL A 1 37  ? 6.460   0.402   -5.263  1.00 14.56 ? 243 VAL A N   1 
ATOM   210  C CA  . VAL A 1 37  ? 5.187   -0.155  -5.701  1.00 17.45 ? 243 VAL A CA  1 
ATOM   211  C C   . VAL A 1 37  ? 4.197   1.003   -5.727  1.00 17.03 ? 243 VAL A C   1 
ATOM   212  O O   . VAL A 1 37  ? 4.180   1.830   -4.810  1.00 18.79 ? 243 VAL A O   1 
ATOM   213  C CB  . VAL A 1 37  ? 4.700   -1.270  -4.738  1.00 22.82 ? 243 VAL A CB  1 
ATOM   214  C CG1 . VAL A 1 37  ? 3.294   -1.741  -5.107  1.00 23.05 ? 243 VAL A CG1 1 
ATOM   215  C CG2 . VAL A 1 37  ? 5.670   -2.437  -4.751  1.00 22.05 ? 243 VAL A CG2 1 
ATOM   216  N N   . VAL A 1 38  ? 3.402   1.105   -6.786  1.00 15.22 ? 244 VAL A N   1 
ATOM   217  C CA  . VAL A 1 38  ? 2.365   2.135   -6.805  1.00 13.94 ? 244 VAL A CA  1 
ATOM   218  C C   . VAL A 1 38  ? 0.993   1.518   -7.004  1.00 18.47 ? 244 VAL A C   1 
ATOM   219  O O   . VAL A 1 38  ? 0.817   0.594   -7.809  1.00 16.67 ? 244 VAL A O   1 
ATOM   220  C CB  . VAL A 1 38  ? 2.642   3.249   -7.856  1.00 20.42 ? 244 VAL A CB  1 
ATOM   221  C CG1 . VAL A 1 38  ? 2.689   2.684   -9.237  1.00 30.45 ? 244 VAL A CG1 1 
ATOM   222  C CG2 . VAL A 1 38  ? 1.574   4.335   -7.786  1.00 20.94 ? 244 VAL A CG2 1 
ATOM   223  N N   . VAL A 1 39  ? 0.033   2.013   -6.231  1.00 15.77 ? 245 VAL A N   1 
ATOM   224  C CA  . VAL A 1 39  ? -1.347  1.592   -6.342  1.00 13.30 ? 245 VAL A CA  1 
ATOM   225  C C   . VAL A 1 39  ? -2.157  2.808   -6.789  1.00 12.53 ? 245 VAL A C   1 
ATOM   226  O O   . VAL A 1 39  ? -2.129  3.853   -6.127  1.00 15.21 ? 245 VAL A O   1 
ATOM   227  C CB  . VAL A 1 39  ? -1.865  1.087   -4.983  1.00 16.22 ? 245 VAL A CB  1 
ATOM   228  C CG1 . VAL A 1 39  ? -3.355  0.762   -5.058  1.00 18.68 ? 245 VAL A CG1 1 
ATOM   229  C CG2 . VAL A 1 39  ? -1.065  -0.146  -4.535  1.00 16.07 ? 245 VAL A CG2 1 
ATOM   230  N N   . LYS A 1 40  ? -2.852  2.685   -7.917  1.00 14.58 ? 246 LYS A N   1 
ATOM   231  C CA  . LYS A 1 40  ? -3.714  3.756   -8.407  1.00 13.66 ? 246 LYS A CA  1 
ATOM   232  C C   . LYS A 1 40  ? -5.154  3.278   -8.397  1.00 14.18 ? 246 LYS A C   1 
ATOM   233  O O   . LYS A 1 40  ? -5.462  2.202   -8.903  1.00 16.08 ? 246 LYS A O   1 
ATOM   234  C CB  . LYS A 1 40  ? -3.351  4.156   -9.836  1.00 15.06 ? 246 LYS A CB  1 
ATOM   235  C CG  . LYS A 1 40  ? -1.890  4.476   -10.067 1.00 17.80 ? 246 LYS A CG  1 
ATOM   236  C CD  . LYS A 1 40  ? -1.669  4.665   -11.569 1.00 22.46 ? 246 LYS A CD  1 
ATOM   237  C CE  . LYS A 1 40  ? -0.199  4.586   -11.933 1.00 29.64 ? 246 LYS A CE  1 
ATOM   238  N NZ  . LYS A 1 40  ? -0.009  4.625   -13.417 1.00 30.89 ? 246 LYS A NZ  1 
ATOM   239  N N   . GLY A 1 41  ? -6.050  4.080   -7.838  1.00 13.37 ? 247 GLY A N   1 
ATOM   240  C CA  . GLY A 1 41  ? -7.436  3.673   -7.781  1.00 15.74 ? 247 GLY A CA  1 
ATOM   241  C C   . GLY A 1 41  ? -8.328  4.823   -7.384  1.00 16.22 ? 247 GLY A C   1 
ATOM   242  O O   . GLY A 1 41  ? -7.889  5.984   -7.377  1.00 15.34 ? 247 GLY A O   1 
ATOM   243  N N   . GLU A 1 42  ? -9.581  4.507   -7.075  1.00 13.45 ? 248 GLU A N   1 
ATOM   244  C CA  . GLU A 1 42  ? -10.528 5.512   -6.598  1.00 15.14 ? 248 GLU A CA  1 
ATOM   245  C C   . GLU A 1 42  ? -11.211 4.957   -5.358  1.00 17.34 ? 248 GLU A C   1 
ATOM   246  O O   . GLU A 1 42  ? -11.549 3.774   -5.318  1.00 14.88 ? 248 GLU A O   1 
ATOM   247  C CB  . GLU A 1 42  ? -11.584 5.805   -7.677  1.00 18.12 ? 248 GLU A CB  1 
ATOM   248  C CG  . GLU A 1 42  ? -11.001 6.279   -9.028  1.00 15.15 ? 248 GLU A CG  1 
ATOM   249  C CD  . GLU A 1 42  ? -11.949 6.033   -10.205 1.00 21.37 ? 248 GLU A CD  1 
ATOM   250  O OE1 . GLU A 1 42  ? -12.712 5.045   -10.159 1.00 20.10 ? 248 GLU A OE1 1 
ATOM   251  O OE2 . GLU A 1 42  ? -11.945 6.833   -11.171 1.00 21.38 ? 248 GLU A OE2 1 
ATOM   252  N N   . VAL A 1 43  ? -11.418 5.796   -4.347  1.00 15.09 ? 249 VAL A N   1 
ATOM   253  C CA  . VAL A 1 43  ? -12.140 5.360   -3.149  1.00 17.42 ? 249 VAL A CA  1 
ATOM   254  C C   . VAL A 1 43  ? -13.652 5.454   -3.419  1.00 15.96 ? 249 VAL A C   1 
ATOM   255  O O   . VAL A 1 43  ? -14.128 6.473   -3.913  1.00 13.43 ? 249 VAL A O   1 
ATOM   256  C CB  . VAL A 1 43  ? -11.765 6.231   -1.925  1.00 18.50 ? 249 VAL A CB  1 
ATOM   257  C CG1 . VAL A 1 43  ? -12.517 5.773   -0.689  1.00 14.06 ? 249 VAL A CG1 1 
ATOM   258  C CG2 . VAL A 1 43  ? -10.241 6.198   -1.664  1.00 13.49 ? 249 VAL A CG2 1 
ATOM   259  N N   . ASN A 1 44  ? -14.408 4.396   -3.122  1.00 12.01 ? 250 ASN A N   1 
ATOM   260  C CA  . ASN A 1 44  ? -15.852 4.438   -3.336  1.00 14.09 ? 250 ASN A CA  1 
ATOM   261  C C   . ASN A 1 44  ? -16.427 5.597   -2.537  1.00 12.99 ? 250 ASN A C   1 
ATOM   262  O O   . ASN A 1 44  ? -15.967 5.876   -1.436  1.00 13.44 ? 250 ASN A O   1 
ATOM   263  C CB  . ASN A 1 44  ? -16.521 3.126   -2.867  1.00 11.74 ? 250 ASN A CB  1 
ATOM   264  C CG  . ASN A 1 44  ? -16.101 1.914   -3.690  1.00 16.74 ? 250 ASN A CG  1 
ATOM   265  O OD1 . ASN A 1 44  ? -15.463 2.050   -4.741  1.00 13.85 ? 250 ASN A OD1 1 
ATOM   266  N ND2 . ASN A 1 44  ? -16.469 0.718   -3.221  1.00 13.34 ? 250 ASN A ND2 1 
ATOM   267  N N   . ALA A 1 45  ? -17.437 6.267   -3.072  1.00 12.82 ? 251 ALA A N   1 
ATOM   268  C CA  . ALA A 1 45  ? -18.076 7.366   -2.348  1.00 15.73 ? 251 ALA A CA  1 
ATOM   269  C C   . ALA A 1 45  ? -18.668 6.855   -1.033  1.00 14.60 ? 251 ALA A C   1 
ATOM   270  O O   . ALA A 1 45  ? -18.657 7.564   -0.022  1.00 15.04 ? 251 ALA A O   1 
ATOM   271  C CB  . ALA A 1 45  ? -19.150 7.998   -3.208  1.00 17.04 ? 251 ALA A CB  1 
ATOM   272  N N   . ASN A 1 46  ? -19.162 5.613   -1.037  1.00 13.31 ? 252 ASN A N   1 
ATOM   273  C CA  . ASN A 1 46  ? -19.712 5.006   0.186   1.00 13.05 ? 252 ASN A CA  1 
ATOM   274  C C   . ASN A 1 46  ? -18.741 4.077   0.915   1.00 15.51 ? 252 ASN A C   1 
ATOM   275  O O   . ASN A 1 46  ? -19.157 3.177   1.671   1.00 13.24 ? 252 ASN A O   1 
ATOM   276  C CB  . ASN A 1 46  ? -21.052 4.292   -0.098  1.00 13.80 ? 252 ASN A CB  1 
ATOM   277  C CG  . ASN A 1 46  ? -20.920 3.154   -1.098  1.00 16.03 ? 252 ASN A CG  1 
ATOM   278  O OD1 . ASN A 1 46  ? -19.812 2.796   -1.506  1.00 14.56 ? 252 ASN A OD1 1 
ATOM   279  N ND2 . ASN A 1 46  ? -22.054 2.570   -1.493  1.00 13.71 ? 252 ASN A ND2 1 
ATOM   280  N N   . ALA A 1 47  ? -17.443 4.294   0.705   1.00 16.18 ? 253 ALA A N   1 
ATOM   281  C CA  . ALA A 1 47  ? -16.416 3.471   1.366   1.00 14.33 ? 253 ALA A CA  1 
ATOM   282  C C   . ALA A 1 47  ? -16.425 3.583   2.877   1.00 17.32 ? 253 ALA A C   1 
ATOM   283  O O   . ALA A 1 47  ? -16.635 4.667   3.423   1.00 16.97 ? 253 ALA A O   1 
ATOM   284  C CB  . ALA A 1 47  ? -15.024 3.842   0.861   1.00 10.03 ? 253 ALA A CB  1 
ATOM   285  N N   . LYS A 1 48  ? -16.142 2.470   3.551   1.00 15.89 ? 254 LYS A N   1 
ATOM   286  C CA  . LYS A 1 48  ? -15.834 2.509   4.971   1.00 16.15 ? 254 LYS A CA  1 
ATOM   287  C C   . LYS A 1 48  ? -14.336 2.337   5.203   1.00 18.08 ? 254 LYS A C   1 
ATOM   288  O O   . LYS A 1 48  ? -13.752 2.997   6.068   1.00 14.89 ? 254 LYS A O   1 
ATOM   289  C CB  . LYS A 1 48  ? -16.588 1.414   5.724   1.00 18.40 ? 254 LYS A CB  1 
ATOM   290  C CG  . LYS A 1 48  ? -16.395 1.503   7.242   1.00 25.56 ? 254 LYS A CG  1 
ATOM   291  C CD  . LYS A 1 48  ? -17.086 0.327   7.949   1.00 31.41 ? 254 LYS A CD  1 
ATOM   292  C CE  . LYS A 1 48  ? -17.081 0.488   9.462   1.00 34.35 ? 254 LYS A CE  1 
ATOM   293  N NZ  . LYS A 1 48  ? -17.653 -0.725  10.122  1.00 40.87 ? 254 LYS A NZ  1 
ATOM   294  N N   . SER A 1 49  ? -13.704 1.448   4.437   1.00 16.24 ? 255 SER A N   1 
ATOM   295  C CA  . SER A 1 49  ? -12.274 1.218   4.619   1.00 13.60 ? 255 SER A CA  1 
ATOM   296  C C   . SER A 1 49  ? -11.692 0.421   3.475   1.00 16.59 ? 255 SER A C   1 
ATOM   297  O O   . SER A 1 49  ? -12.431 -0.192  2.691   1.00 15.57 ? 255 SER A O   1 
ATOM   298  C CB  . SER A 1 49  ? -12.021 0.454   5.919   1.00 16.09 ? 255 SER A CB  1 
ATOM   299  O OG  . SER A 1 49  ? -12.499 -0.875  5.799   1.00 20.83 ? 255 SER A OG  1 
ATOM   300  N N   . PHE A 1 50  ? -10.363 0.410   3.391   1.00 14.65 ? 256 PHE A N   1 
ATOM   301  C CA  . PHE A 1 50  ? -9.672  -0.504  2.487   1.00 13.31 ? 256 PHE A CA  1 
ATOM   302  C C   . PHE A 1 50  ? -8.281  -0.821  3.018   1.00 14.13 ? 256 PHE A C   1 
ATOM   303  O O   . PHE A 1 50  ? -7.845  -0.224  4.008   1.00 15.70 ? 256 PHE A O   1 
ATOM   304  C CB  . PHE A 1 50  ? -9.679  0.019   1.032   1.00 13.61 ? 256 PHE A CB  1 
ATOM   305  C CG  . PHE A 1 50  ? -8.746  1.179   0.761   1.00 16.70 ? 256 PHE A CG  1 
ATOM   306  C CD1 . PHE A 1 50  ? -9.130  2.484   1.034   1.00 18.79 ? 256 PHE A CD1 1 
ATOM   307  C CD2 . PHE A 1 50  ? -7.511  0.958   0.147   1.00 14.98 ? 256 PHE A CD2 1 
ATOM   308  C CE1 . PHE A 1 50  ? -8.267  3.565   0.741   1.00 16.37 ? 256 PHE A CE1 1 
ATOM   309  C CE2 . PHE A 1 50  ? -6.654  2.013   -0.151  1.00 18.09 ? 256 PHE A CE2 1 
ATOM   310  C CZ  . PHE A 1 50  ? -7.034  3.321   0.149   1.00 15.27 ? 256 PHE A CZ  1 
ATOM   311  N N   . ASN A 1 51  ? -7.605  -1.791  2.415   1.00 12.18 ? 257 ASN A N   1 
ATOM   312  C CA  . ASN A 1 51  ? -6.252  -2.129  2.864   1.00 17.38 ? 257 ASN A CA  1 
ATOM   313  C C   . ASN A 1 51  ? -5.331  -2.441  1.689   1.00 17.76 ? 257 ASN A C   1 
ATOM   314  O O   . ASN A 1 51  ? -5.790  -2.917  0.643   1.00 14.35 ? 257 ASN A O   1 
ATOM   315  C CB  . ASN A 1 51  ? -6.268  -3.299  3.863   1.00 17.35 ? 257 ASN A CB  1 
ATOM   316  C CG  . ASN A 1 51  ? -6.584  -4.629  3.201   1.00 20.09 ? 257 ASN A CG  1 
ATOM   317  O OD1 . ASN A 1 51  ? -7.748  -4.958  2.961   1.00 23.92 ? 257 ASN A OD1 1 
ATOM   318  N ND2 . ASN A 1 51  ? -5.543  -5.404  2.896   1.00 22.33 ? 257 ASN A ND2 1 
ATOM   319  N N   . VAL A 1 52  ? -4.047  -2.124  1.849   1.00 15.67 ? 258 VAL A N   1 
ATOM   320  C CA  . VAL A 1 52  ? -3.004  -2.558  0.918   1.00 13.54 ? 258 VAL A CA  1 
ATOM   321  C C   . VAL A 1 52  ? -1.936  -3.230  1.772   1.00 15.96 ? 258 VAL A C   1 
ATOM   322  O O   . VAL A 1 52  ? -1.394  -2.607  2.697   1.00 16.40 ? 258 VAL A O   1 
ATOM   323  C CB  . VAL A 1 52  ? -2.379  -1.376  0.151   1.00 16.62 ? 258 VAL A CB  1 
ATOM   324  C CG1 . VAL A 1 52  ? -1.215  -1.851  -0.712  1.00 15.64 ? 258 VAL A CG1 1 
ATOM   325  C CG2 . VAL A 1 52  ? -3.424  -0.677  -0.723  1.00 15.74 ? 258 VAL A CG2 1 
ATOM   326  N N   . ASP A 1 53  ? -1.646  -4.500  1.492   1.00 14.13 ? 259 ASP A N   1 
ATOM   327  C CA  . ASP A 1 53  ? -0.696  -5.273  2.313   1.00 14.20 ? 259 ASP A CA  1 
ATOM   328  C C   . ASP A 1 53  ? 0.490   -5.750  1.491   1.00 15.23 ? 259 ASP A C   1 
ATOM   329  O O   . ASP A 1 53  ? 0.317   -6.152  0.339   1.00 17.07 ? 259 ASP A O   1 
ATOM   330  C CB  . ASP A 1 53  ? -1.371  -6.522  2.904   1.00 14.48 ? 259 ASP A CB  1 
ATOM   331  C CG  . ASP A 1 53  ? -2.483  -6.194  3.877   1.00 20.98 ? 259 ASP A CG  1 
ATOM   332  O OD1 . ASP A 1 53  ? -2.538  -5.041  4.343   1.00 23.02 ? 259 ASP A OD1 1 
ATOM   333  O OD2 . ASP A 1 53  ? -3.294  -7.101  4.196   1.00 22.84 ? 259 ASP A OD2 1 
ATOM   334  N N   . LEU A 1 54  ? 1.686   -5.750  2.086   1.00 14.31 ? 260 LEU A N   1 
ATOM   335  C CA  . LEU A 1 54  ? 2.839   -6.416  1.477   1.00 16.89 ? 260 LEU A CA  1 
ATOM   336  C C   . LEU A 1 54  ? 3.150   -7.619  2.344   1.00 18.08 ? 260 LEU A C   1 
ATOM   337  O O   . LEU A 1 54  ? 3.365   -7.464  3.548   1.00 15.92 ? 260 LEU A O   1 
ATOM   338  C CB  . LEU A 1 54  ? 4.051   -5.487  1.427   1.00 14.78 ? 260 LEU A CB  1 
ATOM   339  C CG  . LEU A 1 54  ? 3.916   -4.275  0.501   1.00 22.73 ? 260 LEU A CG  1 
ATOM   340  C CD1 . LEU A 1 54  ? 5.118   -3.364  0.625   1.00 17.54 ? 260 LEU A CD1 1 
ATOM   341  C CD2 . LEU A 1 54  ? 3.753   -4.746  -0.931  1.00 19.83 ? 260 LEU A CD2 1 
ATOM   342  N N   . LEU A 1 55  ? 3.158   -8.811  1.748   1.00 17.84 ? 261 LEU A N   1 
ATOM   343  C CA  . LEU A 1 55  ? 3.300   -10.041 2.524   1.00 21.37 ? 261 LEU A CA  1 
ATOM   344  C C   . LEU A 1 55  ? 4.478   -10.851 2.061   1.00 20.23 ? 261 LEU A C   1 
ATOM   345  O O   . LEU A 1 55  ? 4.917   -10.724 0.912   1.00 18.03 ? 261 LEU A O   1 
ATOM   346  C CB  . LEU A 1 55  ? 2.077   -10.949 2.382   1.00 25.82 ? 261 LEU A CB  1 
ATOM   347  C CG  . LEU A 1 55  ? 0.687   -10.538 2.835   1.00 30.55 ? 261 LEU A CG  1 
ATOM   348  C CD1 . LEU A 1 55  ? 0.064   -9.708  1.751   1.00 23.55 ? 261 LEU A CD1 1 
ATOM   349  C CD2 . LEU A 1 55  ? -0.144  -11.788 3.107   1.00 31.57 ? 261 LEU A CD2 1 
ATOM   350  N N   . ALA A 1 56  ? 4.956   -11.700 2.966   1.00 20.08 ? 262 ALA A N   1 
ATOM   351  C CA  . ALA A 1 56  ? 5.896   -12.771 2.649   1.00 25.51 ? 262 ALA A CA  1 
ATOM   352  C C   . ALA A 1 56  ? 5.073   -13.997 2.289   1.00 29.90 ? 262 ALA A C   1 
ATOM   353  O O   . ALA A 1 56  ? 4.487   -14.636 3.166   1.00 35.47 ? 262 ALA A O   1 
ATOM   354  C CB  . ALA A 1 56  ? 6.790   -13.061 3.849   1.00 23.94 ? 262 ALA A CB  1 
ATOM   355  N N   . GLY A 1 57  ? 5.017   -14.319 0.999   1.00 28.79 ? 263 GLY A N   1 
ATOM   356  C CA  . GLY A 1 57  ? 4.079   -15.307 0.491   1.00 35.45 ? 263 GLY A CA  1 
ATOM   357  C C   . GLY A 1 57  ? 4.137   -16.697 1.107   1.00 38.91 ? 263 GLY A C   1 
ATOM   358  O O   . GLY A 1 57  ? 3.124   -17.395 1.173   1.00 42.15 ? 263 GLY A O   1 
ATOM   359  N N   . LYS A 1 58  ? 5.314   -17.110 1.558   1.00 38.96 ? 264 LYS A N   1 
ATOM   360  C CA  . LYS A 1 58  ? 5.467   -18.453 2.113   1.00 47.53 ? 264 LYS A CA  1 
ATOM   361  C C   . LYS A 1 58  ? 4.956   -18.531 3.556   1.00 46.39 ? 264 LYS A C   1 
ATOM   362  O O   . LYS A 1 58  ? 4.066   -19.326 3.873   1.00 45.66 ? 264 LYS A O   1 
ATOM   363  C CB  . LYS A 1 58  ? 6.927   -18.900 2.004   1.00 45.39 ? 264 LYS A CB  1 
ATOM   364  C CG  . LYS A 1 58  ? 7.371   -19.096 0.557   1.00 53.90 ? 264 LYS A CG  1 
ATOM   365  C CD  . LYS A 1 58  ? 8.881   -19.042 0.393   1.00 56.16 ? 264 LYS A CD  1 
ATOM   366  C CE  . LYS A 1 58  ? 9.274   -19.177 -1.076  1.00 64.62 ? 264 LYS A CE  1 
ATOM   367  N NZ  . LYS A 1 58  ? 8.481   -18.267 -1.956  1.00 58.48 ? 264 LYS A NZ  1 
ATOM   368  N N   . SER A 1 59  ? 5.501   -17.685 4.421   1.00 40.47 ? 265 SER A N   1 
ATOM   369  C CA  . SER A 1 59  ? 5.095   -17.663 5.822   1.00 40.76 ? 265 SER A CA  1 
ATOM   370  C C   . SER A 1 59  ? 3.744   -16.978 6.034   1.00 39.58 ? 265 SER A C   1 
ATOM   371  O O   . SER A 1 59  ? 3.126   -17.138 7.084   1.00 39.13 ? 265 SER A O   1 
ATOM   372  C CB  . SER A 1 59  ? 6.168   -16.977 6.664   1.00 43.69 ? 265 SER A CB  1 
ATOM   373  O OG  . SER A 1 59  ? 6.438   -15.676 6.168   1.00 43.67 ? 265 SER A OG  1 
ATOM   374  N N   . LYS A 1 60  ? 3.295   -16.220 5.033   1.00 35.79 ? 266 LYS A N   1 
ATOM   375  C CA  . LYS A 1 60  ? 2.059   -15.428 5.117   1.00 39.20 ? 266 LYS A CA  1 
ATOM   376  C C   . LYS A 1 60  ? 2.088   -14.316 6.181   1.00 34.72 ? 266 LYS A C   1 
ATOM   377  O O   . LYS A 1 60  ? 1.046   -13.798 6.595   1.00 36.88 ? 266 LYS A O   1 
ATOM   378  C CB  . LYS A 1 60  ? 0.815   -16.318 5.274   1.00 45.27 ? 266 LYS A CB  1 
ATOM   379  C CG  . LYS A 1 60  ? 0.300   -16.905 3.957   1.00 44.09 ? 266 LYS A CG  1 
ATOM   380  C CD  . LYS A 1 60  ? -1.220  -17.055 3.973   1.00 48.16 ? 266 LYS A CD  1 
ATOM   381  C CE  . LYS A 1 60  ? -1.905  -15.725 4.270   1.00 60.88 ? 266 LYS A CE  1 
ATOM   382  N NZ  . LYS A 1 60  ? -3.393  -15.853 4.352   1.00 61.38 ? 266 LYS A NZ  1 
ATOM   383  N N   . ASP A 1 61  ? 3.285   -13.940 6.608   1.00 24.53 ? 267 ASP A N   1 
ATOM   384  C CA  . ASP A 1 61  ? 3.447   -12.783 7.472   1.00 23.15 ? 267 ASP A CA  1 
ATOM   385  C C   . ASP A 1 61  ? 3.126   -11.539 6.657   1.00 23.50 ? 267 ASP A C   1 
ATOM   386  O O   . ASP A 1 61  ? 3.469   -11.462 5.475   1.00 20.15 ? 267 ASP A O   1 
ATOM   387  C CB  . ASP A 1 61  ? 4.886   -12.701 7.966   1.00 24.93 ? 267 ASP A CB  1 
ATOM   388  C CG  . ASP A 1 61  ? 5.219   -13.793 8.978   1.00 32.34 ? 267 ASP A CG  1 
ATOM   389  O OD1 . ASP A 1 61  ? 4.313   -14.210 9.736   1.00 27.92 ? 267 ASP A OD1 1 
ATOM   390  O OD2 . ASP A 1 61  ? 6.389   -14.221 9.018   1.00 34.66 ? 267 ASP A OD2 1 
ATOM   391  N N   . ILE A 1 62  ? 2.475   -10.567 7.281   1.00 18.48 ? 268 ILE A N   1 
ATOM   392  C CA  . ILE A 1 62  ? 2.232   -9.300  6.609   1.00 18.66 ? 268 ILE A CA  1 
ATOM   393  C C   . ILE A 1 62  ? 3.274   -8.298  7.084   1.00 18.35 ? 268 ILE A C   1 
ATOM   394  O O   . ILE A 1 62  ? 3.251   -7.855  8.235   1.00 16.87 ? 268 ILE A O   1 
ATOM   395  C CB  . ILE A 1 62  ? 0.812   -8.773  6.885   1.00 20.42 ? 268 ILE A CB  1 
ATOM   396  C CG1 . ILE A 1 62  ? -0.231  -9.782  6.385   1.00 21.46 ? 268 ILE A CG1 1 
ATOM   397  C CG2 . ILE A 1 62  ? 0.614   -7.397  6.225   1.00 15.98 ? 268 ILE A CG2 1 
ATOM   398  C CD1 . ILE A 1 62  ? -1.693  -9.475  6.829   1.00 19.97 ? 268 ILE A CD1 1 
ATOM   399  N N   . ALA A 1 63  ? 4.204   -7.950  6.207   1.00 15.75 ? 269 ALA A N   1 
ATOM   400  C CA  . ALA A 1 63  ? 5.274   -7.045  6.586   1.00 14.76 ? 269 ALA A CA  1 
ATOM   401  C C   . ALA A 1 63  ? 4.771   -5.612  6.772   1.00 17.28 ? 269 ALA A C   1 
ATOM   402  O O   . ALA A 1 63  ? 5.221   -4.890  7.676   1.00 17.35 ? 269 ALA A O   1 
ATOM   403  C CB  . ALA A 1 63  ? 6.381   -7.093  5.543   1.00 14.92 ? 269 ALA A CB  1 
ATOM   404  N N   . LEU A 1 64  ? 3.859   -5.196  5.894   1.00 19.13 ? 270 LEU A N   1 
ATOM   405  C CA  . LEU A 1 64  ? 3.297   -3.846  5.945   1.00 15.34 ? 270 LEU A CA  1 
ATOM   406  C C   . LEU A 1 64  ? 1.811   -3.906  5.628   1.00 12.55 ? 270 LEU A C   1 
ATOM   407  O O   . LEU A 1 64  ? 1.424   -4.370  4.561   1.00 15.99 ? 270 LEU A O   1 
ATOM   408  C CB  . LEU A 1 64  ? 4.008   -2.923  4.950   1.00 16.00 ? 270 LEU A CB  1 
ATOM   409  C CG  . LEU A 1 64  ? 3.514   -1.469  4.895   1.00 14.11 ? 270 LEU A CG  1 
ATOM   410  C CD1 . LEU A 1 64  ? 3.811   -0.776  6.207   1.00 18.48 ? 270 LEU A CD1 1 
ATOM   411  C CD2 . LEU A 1 64  ? 4.148   -0.706  3.726   1.00 15.57 ? 270 LEU A CD2 1 
ATOM   412  N N   . HIS A 1 65  ? 0.988   -3.452  6.567   1.00 13.74 ? 271 HIS A N   1 
ATOM   413  C CA  . HIS A 1 65  ? -0.465  -3.407  6.415   1.00 13.77 ? 271 HIS A CA  1 
ATOM   414  C C   . HIS A 1 65  ? -0.860  -1.942  6.425   1.00 14.89 ? 271 HIS A C   1 
ATOM   415  O O   . HIS A 1 65  ? -0.641  -1.251  7.421   1.00 15.48 ? 271 HIS A O   1 
ATOM   416  C CB  . HIS A 1 65  ? -1.111  -4.130  7.605   1.00 17.38 ? 271 HIS A CB  1 
ATOM   417  C CG  . HIS A 1 65  ? -2.612  -4.032  7.669   1.00 16.68 ? 271 HIS A CG  1 
ATOM   418  N ND1 . HIS A 1 65  ? -3.440  -4.526  6.683   1.00 17.42 ? 271 HIS A ND1 1 
ATOM   419  C CD2 . HIS A 1 65  ? -3.430  -3.554  8.639   1.00 17.39 ? 271 HIS A CD2 1 
ATOM   420  C CE1 . HIS A 1 65  ? -4.703  -4.338  7.031   1.00 19.97 ? 271 HIS A CE1 1 
ATOM   421  N NE2 . HIS A 1 65  ? -4.724  -3.752  8.215   1.00 20.46 ? 271 HIS A NE2 1 
ATOM   422  N N   . LEU A 1 66  ? -1.416  -1.460  5.316   1.00 15.82 ? 272 LEU A N   1 
ATOM   423  C CA  . LEU A 1 66  ? -1.837  -0.065  5.203   1.00 13.87 ? 272 LEU A CA  1 
ATOM   424  C C   . LEU A 1 66  ? -3.356  -0.040  5.152   1.00 14.13 ? 272 LEU A C   1 
ATOM   425  O O   . LEU A 1 66  ? -3.947  -0.622  4.252   1.00 16.47 ? 272 LEU A O   1 
ATOM   426  C CB  . LEU A 1 66  ? -1.267  0.549   3.922   1.00 16.37 ? 272 LEU A CB  1 
ATOM   427  C CG  . LEU A 1 66  ? 0.263   0.550   3.851   1.00 15.10 ? 272 LEU A CG  1 
ATOM   428  C CD1 . LEU A 1 66  ? 0.763   1.025   2.489   1.00 15.57 ? 272 LEU A CD1 1 
ATOM   429  C CD2 . LEU A 1 66  ? 0.829   1.423   4.957   1.00 13.82 ? 272 LEU A CD2 1 
ATOM   430  N N   . ASN A 1 67  ? -3.990  0.638   6.106   1.00 14.81 ? 273 ASN A N   1 
ATOM   431  C CA  . ASN A 1 67  ? -5.432  0.489   6.301   1.00 16.17 ? 273 ASN A CA  1 
ATOM   432  C C   . ASN A 1 67  ? -6.120  1.828   6.578   1.00 16.43 ? 273 ASN A C   1 
ATOM   433  O O   . ASN A 1 67  ? -6.341  2.190   7.728   1.00 15.09 ? 273 ASN A O   1 
ATOM   434  C CB  . ASN A 1 67  ? -5.671  -0.528  7.435   1.00 15.05 ? 273 ASN A CB  1 
ATOM   435  C CG  . ASN A 1 67  ? -7.151  -0.795  7.727   1.00 20.16 ? 273 ASN A CG  1 
ATOM   436  O OD1 . ASN A 1 67  ? -7.490  -1.177  8.840   1.00 21.05 ? 273 ASN A OD1 1 
ATOM   437  N ND2 . ASN A 1 67  ? -8.025  -0.617  6.733   1.00 15.88 ? 273 ASN A ND2 1 
ATOM   438  N N   . PRO A 1 68  ? -6.446  2.581   5.513   1.00 13.88 ? 274 PRO A N   1 
ATOM   439  C CA  . PRO A 1 68  ? -7.252  3.795   5.688   1.00 13.51 ? 274 PRO A CA  1 
ATOM   440  C C   . PRO A 1 68  ? -8.669  3.423   6.151   1.00 18.10 ? 274 PRO A C   1 
ATOM   441  O O   . PRO A 1 68  ? -9.344  2.591   5.522   1.00 15.98 ? 274 PRO A O   1 
ATOM   442  C CB  . PRO A 1 68  ? -7.284  4.396   4.280   1.00 13.78 ? 274 PRO A CB  1 
ATOM   443  C CG  . PRO A 1 68  ? -6.019  3.834   3.596   1.00 13.27 ? 274 PRO A CG  1 
ATOM   444  C CD  . PRO A 1 68  ? -5.952  2.431   4.130   1.00 15.37 ? 274 PRO A CD  1 
ATOM   445  N N   . ARG A 1 69  ? -9.103  4.013   7.262   1.00 13.66 ? 275 ARG A N   1 
ATOM   446  C CA  . ARG A 1 69  ? -10.460 3.803   7.761   1.00 17.15 ? 275 ARG A CA  1 
ATOM   447  C C   . ARG A 1 69  ? -11.228 5.110   7.633   1.00 17.07 ? 275 ARG A C   1 
ATOM   448  O O   . ARG A 1 69  ? -10.962 6.063   8.364   1.00 18.07 ? 275 ARG A O   1 
ATOM   449  C CB  . ARG A 1 69  ? -10.419 3.326   9.224   1.00 16.68 ? 275 ARG A CB  1 
ATOM   450  C CG  . ARG A 1 69  ? -9.608  2.024   9.386   1.00 17.88 ? 275 ARG A CG  1 
ATOM   451  C CD  . ARG A 1 69  ? -9.591  1.464   10.805  1.00 17.77 ? 275 ARG A CD  1 
ATOM   452  N NE  . ARG A 1 69  ? -8.705  0.296   10.846  1.00 25.35 ? 275 ARG A NE  1 
ATOM   453  C CZ  . ARG A 1 69  ? -8.418  -0.403  11.940  1.00 33.72 ? 275 ARG A CZ  1 
ATOM   454  N NH1 . ARG A 1 69  ? -8.950  -0.067  13.119  1.00 22.47 ? 275 ARG A NH1 1 
ATOM   455  N NH2 . ARG A 1 69  ? -7.593  -1.441  11.849  1.00 24.99 ? 275 ARG A NH2 1 
ATOM   456  N N   . LEU A 1 70  ? -12.176 5.147   6.701   1.00 15.42 ? 276 LEU A N   1 
ATOM   457  C CA  . LEU A 1 70  ? -12.891 6.374   6.329   1.00 18.14 ? 276 LEU A CA  1 
ATOM   458  C C   . LEU A 1 70  ? -13.872 6.881   7.381   1.00 17.19 ? 276 LEU A C   1 
ATOM   459  O O   . LEU A 1 70  ? -14.114 8.086   7.460   1.00 20.32 ? 276 LEU A O   1 
ATOM   460  C CB  . LEU A 1 70  ? -13.639 6.185   4.994   1.00 20.36 ? 276 LEU A CB  1 
ATOM   461  C CG  . LEU A 1 70  ? -12.891 6.207   3.648   1.00 23.50 ? 276 LEU A CG  1 
ATOM   462  C CD1 . LEU A 1 70  ? -12.244 7.558   3.369   1.00 24.23 ? 276 LEU A CD1 1 
ATOM   463  C CD2 . LEU A 1 70  ? -11.852 5.096   3.542   1.00 20.28 ? 276 LEU A CD2 1 
ATOM   464  N N   . ASN A 1 71  ? -14.457 5.982   8.174   1.00 15.42 ? 277 ASN A N   1 
ATOM   465  C CA  . ASN A 1 71  ? -15.442 6.410   9.178   1.00 16.95 ? 277 ASN A CA  1 
ATOM   466  C C   . ASN A 1 71  ? -14.829 7.292   10.261  1.00 17.92 ? 277 ASN A C   1 
ATOM   467  O O   . ASN A 1 71  ? -15.431 8.281   10.685  1.00 16.18 ? 277 ASN A O   1 
ATOM   468  C CB  . ASN A 1 71  ? -16.179 5.202   9.799   1.00 18.96 ? 277 ASN A CB  1 
ATOM   469  C CG  . ASN A 1 71  ? -15.229 4.153   10.368  1.00 28.67 ? 277 ASN A CG  1 
ATOM   470  O OD1 . ASN A 1 71  ? -14.145 3.908   9.820   1.00 30.55 ? 277 ASN A OD1 1 
ATOM   471  N ND2 . ASN A 1 71  ? -15.639 3.513   11.465  1.00 27.96 ? 277 ASN A ND2 1 
ATOM   472  N N   . ILE A 1 72  ? -13.614 6.951   10.681  1.00 13.83 ? 278 ILE A N   1 
ATOM   473  C CA  . ILE A 1 72  ? -12.912 7.707   11.713  1.00 14.13 ? 278 ILE A CA  1 
ATOM   474  C C   . ILE A 1 72  ? -11.761 8.559   11.148  1.00 15.54 ? 278 ILE A C   1 
ATOM   475  O O   . ILE A 1 72  ? -11.081 9.254   11.894  1.00 15.29 ? 278 ILE A O   1 
ATOM   476  C CB  . ILE A 1 72  ? -12.334 6.756   12.804  1.00 16.14 ? 278 ILE A CB  1 
ATOM   477  C CG1 . ILE A 1 72  ? -11.459 5.665   12.166  1.00 14.68 ? 278 ILE A CG1 1 
ATOM   478  C CG2 . ILE A 1 72  ? -13.466 6.095   13.629  1.00 15.68 ? 278 ILE A CG2 1 
ATOM   479  C CD1 . ILE A 1 72  ? -10.754 4.748   13.207  1.00 16.64 ? 278 ILE A CD1 1 
ATOM   480  N N   . LYS A 1 73  ? -11.544 8.506   9.835   1.00 11.52 ? 279 LYS A N   1 
ATOM   481  C CA  . LYS A 1 73  ? -10.416 9.194   9.181   1.00 15.73 ? 279 LYS A CA  1 
ATOM   482  C C   . LYS A 1 73  ? -9.057  8.884   9.828   1.00 16.64 ? 279 LYS A C   1 
ATOM   483  O O   . LYS A 1 73  ? -8.300  9.789   10.214  1.00 15.39 ? 279 LYS A O   1 
ATOM   484  C CB  . LYS A 1 73  ? -10.653 10.703  9.113   1.00 14.07 ? 279 LYS A CB  1 
ATOM   485  C CG  . LYS A 1 73  ? -11.986 11.072  8.458   1.00 15.05 ? 279 LYS A CG  1 
ATOM   486  C CD  . LYS A 1 73  ? -12.067 10.547  7.025   1.00 19.78 ? 279 LYS A CD  1 
ATOM   487  C CE  . LYS A 1 73  ? -13.306 11.081  6.309   1.00 18.47 ? 279 LYS A CE  1 
ATOM   488  N NZ  . LYS A 1 73  ? -14.562 10.607  6.964   1.00 17.42 ? 279 LYS A NZ  1 
ATOM   489  N N   . ALA A 1 74  ? -8.749  7.597   9.937   1.00 15.38 ? 280 ALA A N   1 
ATOM   490  C CA  . ALA A 1 74  ? -7.510  7.161   10.568  1.00 14.38 ? 280 ALA A CA  1 
ATOM   491  C C   . ALA A 1 74  ? -6.755  6.345   9.544   1.00 15.87 ? 280 ALA A C   1 
ATOM   492  O O   . ALA A 1 74  ? -7.362  5.569   8.798   1.00 15.51 ? 280 ALA A O   1 
ATOM   493  C CB  . ALA A 1 74  ? -7.799  6.326   11.821  1.00 13.05 ? 280 ALA A CB  1 
ATOM   494  N N   . PHE A 1 75  ? -5.437  6.531   9.482   1.00 16.43 ? 281 PHE A N   1 
ATOM   495  C CA  . PHE A 1 75  ? -4.610  5.772   8.545   1.00 14.16 ? 281 PHE A CA  1 
ATOM   496  C C   . PHE A 1 75  ? -3.808  4.822   9.422   1.00 16.35 ? 281 PHE A C   1 
ATOM   497  O O   . PHE A 1 75  ? -2.798  5.215   10.013  1.00 16.42 ? 281 PHE A O   1 
ATOM   498  C CB  . PHE A 1 75  ? -3.694  6.730   7.781   1.00 14.17 ? 281 PHE A CB  1 
ATOM   499  C CG  . PHE A 1 75  ? -3.005  6.118   6.564   1.00 17.21 ? 281 PHE A CG  1 
ATOM   500  C CD1 . PHE A 1 75  ? -2.286  6.933   5.690   1.00 18.28 ? 281 PHE A CD1 1 
ATOM   501  C CD2 . PHE A 1 75  ? -3.057  4.753   6.307   1.00 17.35 ? 281 PHE A CD2 1 
ATOM   502  C CE1 . PHE A 1 75  ? -1.633  6.400   4.573   1.00 19.78 ? 281 PHE A CE1 1 
ATOM   503  C CE2 . PHE A 1 75  ? -2.414  4.205   5.190   1.00 19.34 ? 281 PHE A CE2 1 
ATOM   504  C CZ  . PHE A 1 75  ? -1.702  5.034   4.316   1.00 15.91 ? 281 PHE A CZ  1 
ATOM   505  N N   . VAL A 1 76  ? -4.280  3.582   9.533   1.00 12.75 ? 282 VAL A N   1 
ATOM   506  C CA  . VAL A 1 76  ? -3.691  2.606   10.448  1.00 13.89 ? 282 VAL A CA  1 
ATOM   507  C C   . VAL A 1 76  ? -2.613  1.793   9.740   1.00 14.95 ? 282 VAL A C   1 
ATOM   508  O O   . VAL A 1 76  ? -2.827  1.313   8.625   1.00 13.95 ? 282 VAL A O   1 
ATOM   509  C CB  . VAL A 1 76  ? -4.780  1.655   11.007  1.00 16.84 ? 282 VAL A CB  1 
ATOM   510  C CG1 . VAL A 1 76  ? -4.196  0.682   12.019  1.00 17.30 ? 282 VAL A CG1 1 
ATOM   511  C CG2 . VAL A 1 76  ? -5.909  2.461   11.651  1.00 19.46 ? 282 VAL A CG2 1 
ATOM   512  N N   . ARG A 1 77  ? -1.449  1.651   10.378  1.00 13.10 ? 283 ARG A N   1 
ATOM   513  C CA  . ARG A 1 77  ? -0.383  0.798   9.846   1.00 13.07 ? 283 ARG A CA  1 
ATOM   514  C C   . ARG A 1 77  ? 0.015   -0.234  10.901  1.00 17.44 ? 283 ARG A C   1 
ATOM   515  O O   . ARG A 1 77  ? 0.087   0.091   12.090  1.00 15.17 ? 283 ARG A O   1 
ATOM   516  C CB  . ARG A 1 77  ? 0.860   1.620   9.456   1.00 12.83 ? 283 ARG A CB  1 
ATOM   517  C CG  . ARG A 1 77  ? 0.664   2.652   8.327   1.00 11.37 ? 283 ARG A CG  1 
ATOM   518  C CD  . ARG A 1 77  ? 0.149   3.970   8.889   1.00 12.29 ? 283 ARG A CD  1 
ATOM   519  N NE  . ARG A 1 77  ? 1.204   4.666   9.634   1.00 15.71 ? 283 ARG A NE  1 
ATOM   520  C CZ  . ARG A 1 77  ? 1.035   5.840   10.232  1.00 16.46 ? 283 ARG A CZ  1 
ATOM   521  N NH1 . ARG A 1 77  ? -0.153  6.432   10.190  1.00 14.70 ? 283 ARG A NH1 1 
ATOM   522  N NH2 . ARG A 1 77  ? 2.037   6.420   10.875  1.00 15.14 ? 283 ARG A NH2 1 
ATOM   523  N N   . ASN A 1 78  ? 0.294   -1.466  10.477  1.00 15.18 ? 284 ASN A N   1 
ATOM   524  C CA  . ASN A 1 78  ? 0.702   -2.520  11.417  1.00 18.50 ? 284 ASN A CA  1 
ATOM   525  C C   . ASN A 1 78  ? 1.410   -3.641  10.663  1.00 18.98 ? 284 ASN A C   1 
ATOM   526  O O   . ASN A 1 78  ? 1.532   -3.584  9.437   1.00 15.11 ? 284 ASN A O   1 
ATOM   527  C CB  . ASN A 1 78  ? -0.525  -3.084  12.164  1.00 14.43 ? 284 ASN A CB  1 
ATOM   528  C CG  . ASN A 1 78  ? -0.185  -3.627  13.560  1.00 19.45 ? 284 ASN A CG  1 
ATOM   529  O OD1 . ASN A 1 78  ? 0.983   -3.829  13.901  1.00 18.29 ? 284 ASN A OD1 1 
ATOM   530  N ND2 . ASN A 1 78  ? -1.211  -3.861  14.367  1.00 15.78 ? 284 ASN A ND2 1 
ATOM   531  N N   . SER A 1 79  ? 1.871   -4.653  11.399  1.00 14.06 ? 285 SER A N   1 
ATOM   532  C CA  . SER A 1 79  ? 2.456   -5.856  10.815  1.00 15.80 ? 285 SER A CA  1 
ATOM   533  C C   . SER A 1 79  ? 1.835   -7.058  11.509  1.00 17.10 ? 285 SER A C   1 
ATOM   534  O O   . SER A 1 79  ? 1.486   -6.989  12.696  1.00 19.34 ? 285 SER A O   1 
ATOM   535  C CB  . SER A 1 79  ? 3.977   -5.900  11.012  1.00 16.43 ? 285 SER A CB  1 
ATOM   536  O OG  . SER A 1 79  ? 4.638   -4.889  10.270  1.00 18.15 ? 285 SER A OG  1 
ATOM   537  N N   . PHE A 1 80  ? 1.702   -8.152  10.767  1.00 17.38 ? 286 PHE A N   1 
ATOM   538  C CA  . PHE A 1 80  ? 1.147   -9.396  11.294  1.00 24.07 ? 286 PHE A CA  1 
ATOM   539  C C   . PHE A 1 80  ? 2.268   -10.424 11.210  1.00 24.35 ? 286 PHE A C   1 
ATOM   540  O O   . PHE A 1 80  ? 2.549   -10.976 10.148  1.00 25.97 ? 286 PHE A O   1 
ATOM   541  C CB  . PHE A 1 80  ? -0.061  -9.819  10.453  1.00 21.57 ? 286 PHE A CB  1 
ATOM   542  C CG  . PHE A 1 80  ? -0.810  -11.009 10.995  1.00 26.39 ? 286 PHE A CG  1 
ATOM   543  C CD1 . PHE A 1 80  ? -1.683  -10.870 12.067  1.00 24.55 ? 286 PHE A CD1 1 
ATOM   544  C CD2 . PHE A 1 80  ? -0.668  -12.261 10.404  1.00 32.31 ? 286 PHE A CD2 1 
ATOM   545  C CE1 . PHE A 1 80  ? -2.386  -11.965 12.568  1.00 29.21 ? 286 PHE A CE1 1 
ATOM   546  C CE2 . PHE A 1 80  ? -1.365  -13.368 10.892  1.00 29.05 ? 286 PHE A CE2 1 
ATOM   547  C CZ  . PHE A 1 80  ? -2.226  -13.221 11.978  1.00 26.90 ? 286 PHE A CZ  1 
ATOM   548  N N   . LEU A 1 81  ? 2.936   -10.646 12.332  1.00 22.93 ? 287 LEU A N   1 
ATOM   549  C CA  . LEU A 1 81  ? 4.127   -11.475 12.347  1.00 25.28 ? 287 LEU A CA  1 
ATOM   550  C C   . LEU A 1 81  ? 3.935   -12.570 13.387  1.00 31.46 ? 287 LEU A C   1 
ATOM   551  O O   . LEU A 1 81  ? 3.462   -12.301 14.493  1.00 28.98 ? 287 LEU A O   1 
ATOM   552  C CB  . LEU A 1 81  ? 5.347   -10.629 12.693  1.00 22.08 ? 287 LEU A CB  1 
ATOM   553  C CG  . LEU A 1 81  ? 5.640   -9.434  11.774  1.00 26.32 ? 287 LEU A CG  1 
ATOM   554  C CD1 . LEU A 1 81  ? 6.717   -8.554  12.376  1.00 26.06 ? 287 LEU A CD1 1 
ATOM   555  C CD2 . LEU A 1 81  ? 6.051   -9.898  10.389  1.00 25.50 ? 287 LEU A CD2 1 
ATOM   556  N N   . GLN A 1 82  ? 4.283   -13.798 13.019  1.00 36.02 ? 288 GLN A N   1 
ATOM   557  C CA  . GLN A 1 82  ? 4.130   -14.935 13.920  1.00 38.31 ? 288 GLN A CA  1 
ATOM   558  C C   . GLN A 1 82  ? 2.696   -15.019 14.449  1.00 36.34 ? 288 GLN A C   1 
ATOM   559  O O   . GLN A 1 82  ? 2.468   -15.157 15.657  1.00 38.34 ? 288 GLN A O   1 
ATOM   560  C CB  . GLN A 1 82  ? 5.161   -14.844 15.047  1.00 38.41 ? 288 GLN A CB  1 
ATOM   561  C CG  . GLN A 1 82  ? 6.575   -15.157 14.562  1.00 52.62 ? 288 GLN A CG  1 
ATOM   562  C CD  . GLN A 1 82  ? 7.649   -14.302 15.217  1.00 65.26 ? 288 GLN A CD  1 
ATOM   563  O OE1 . GLN A 1 82  ? 7.409   -13.154 15.603  1.00 59.52 ? 288 GLN A OE1 1 
ATOM   564  N NE2 . GLN A 1 82  ? 8.853   -14.859 15.332  1.00 66.32 ? 288 GLN A NE2 1 
ATOM   565  N N   . GLU A 1 83  ? 1.751   -14.898 13.514  1.00 36.36 ? 289 GLU A N   1 
ATOM   566  C CA  . GLU A 1 83  ? 0.303   -14.980 13.751  1.00 38.01 ? 289 GLU A CA  1 
ATOM   567  C C   . GLU A 1 83  ? -0.263  -14.016 14.807  1.00 36.59 ? 289 GLU A C   1 
ATOM   568  O O   . GLU A 1 83  ? -1.272  -14.307 15.463  1.00 34.05 ? 289 GLU A O   1 
ATOM   569  C CB  . GLU A 1 83  ? -0.152  -16.433 13.985  1.00 39.46 ? 289 GLU A CB  1 
ATOM   570  C CG  . GLU A 1 83  ? 0.149   -16.999 15.365  1.00 46.18 ? 289 GLU A CG  1 
ATOM   571  C CD  . GLU A 1 83  ? 0.495   -18.475 15.333  0.00 44.96 ? 289 GLU A CD  1 
ATOM   572  O OE1 . GLU A 1 83  ? -0.039  -19.198 14.461  0.65 45.47 ? 289 GLU A OE1 1 
ATOM   573  O OE2 . GLU A 1 83  ? 1.312   -18.909 16.176  0.88 51.21 ? 289 GLU A OE2 1 
ATOM   574  N N   . SER A 1 84  ? 0.362   -12.849 14.940  1.00 30.00 ? 290 SER A N   1 
ATOM   575  C CA  . SER A 1 84  ? -0.162  -11.817 15.833  1.00 29.70 ? 290 SER A CA  1 
ATOM   576  C C   . SER A 1 84  ? 0.025   -10.419 15.245  1.00 25.65 ? 290 SER A C   1 
ATOM   577  O O   . SER A 1 84  ? 1.082   -10.113 14.689  1.00 24.24 ? 290 SER A O   1 
ATOM   578  C CB  . SER A 1 84  ? 0.524   -11.904 17.202  1.00 30.20 ? 290 SER A CB  1 
ATOM   579  O OG  . SER A 1 84  ? 0.092   -10.849 18.045  1.00 37.54 ? 290 SER A OG  1 
ATOM   580  N N   . TRP A 1 85  ? -1.001  -9.580  15.353  1.00 25.41 ? 291 TRP A N   1 
ATOM   581  C CA  . TRP A 1 85  ? -0.865  -8.169  14.997  1.00 25.92 ? 291 TRP A CA  1 
ATOM   582  C C   . TRP A 1 85  ? 0.037   -7.470  16.009  1.00 28.58 ? 291 TRP A C   1 
ATOM   583  O O   . TRP A 1 85  ? -0.018  -7.770  17.204  1.00 27.23 ? 291 TRP A O   1 
ATOM   584  C CB  . TRP A 1 85  ? -2.235  -7.481  14.972  1.00 23.52 ? 291 TRP A CB  1 
ATOM   585  C CG  . TRP A 1 85  ? -3.042  -7.817  13.753  1.00 23.24 ? 291 TRP A CG  1 
ATOM   586  C CD1 . TRP A 1 85  ? -4.191  -8.569  13.699  1.00 26.28 ? 291 TRP A CD1 1 
ATOM   587  C CD2 . TRP A 1 85  ? -2.754  -7.426  12.402  1.00 23.49 ? 291 TRP A CD2 1 
ATOM   588  N NE1 . TRP A 1 85  ? -4.634  -8.656  12.395  1.00 26.76 ? 291 TRP A NE1 1 
ATOM   589  C CE2 . TRP A 1 85  ? -3.768  -7.965  11.581  1.00 25.11 ? 291 TRP A CE2 1 
ATOM   590  C CE3 . TRP A 1 85  ? -1.737  -6.666  11.808  1.00 20.62 ? 291 TRP A CE3 1 
ATOM   591  C CZ2 . TRP A 1 85  ? -3.791  -7.772  10.191  1.00 24.25 ? 291 TRP A CZ2 1 
ATOM   592  C CZ3 . TRP A 1 85  ? -1.763  -6.472  10.426  1.00 22.65 ? 291 TRP A CZ3 1 
ATOM   593  C CH2 . TRP A 1 85  ? -2.779  -7.024  9.636   1.00 19.97 ? 291 TRP A CH2 1 
ATOM   594  N N   . GLY A 1 86  ? 0.865   -6.542  15.534  1.00 24.59 ? 292 GLY A N   1 
ATOM   595  C CA  . GLY A 1 86  ? 1.732   -5.774  16.412  1.00 23.04 ? 292 GLY A CA  1 
ATOM   596  C C   . GLY A 1 86  ? 1.054   -4.525  16.954  1.00 20.68 ? 292 GLY A C   1 
ATOM   597  O O   . GLY A 1 86  ? -0.171  -4.414  16.951  1.00 19.95 ? 292 GLY A O   1 
ATOM   598  N N   . GLU A 1 87  ? 1.858   -3.582  17.422  1.00 20.18 ? 293 GLU A N   1 
ATOM   599  C CA  . GLU A 1 87  ? 1.356   -2.285  17.856  1.00 23.22 ? 293 GLU A CA  1 
ATOM   600  C C   . GLU A 1 87  ? 1.080   -1.376  16.652  1.00 23.97 ? 293 GLU A C   1 
ATOM   601  O O   . GLU A 1 87  ? 1.953   -1.173  15.799  1.00 21.38 ? 293 GLU A O   1 
ATOM   602  C CB  . GLU A 1 87  ? 2.381   -1.631  18.790  1.00 24.59 ? 293 GLU A CB  1 
ATOM   603  C CG  . GLU A 1 87  ? 2.052   -0.193  19.192  0.71 26.89 ? 293 GLU A CG  1 
ATOM   604  C CD  . GLU A 1 87  ? 3.149   0.444   20.030  0.00 30.94 ? 293 GLU A CD  1 
ATOM   605  O OE1 . GLU A 1 87  ? 4.175   -0.225  20.302  0.80 38.18 ? 293 GLU A OE1 1 
ATOM   606  O OE2 . GLU A 1 87  ? 2.980   1.621   20.414  0.62 34.11 ? 293 GLU A OE2 1 
ATOM   607  N N   . GLU A 1 88  ? -0.129  -0.824  16.587  1.00 20.01 ? 294 GLU A N   1 
ATOM   608  C CA  . GLU A 1 88  ? -0.521  0.022   15.459  1.00 19.46 ? 294 GLU A CA  1 
ATOM   609  C C   . GLU A 1 88  ? 0.226   1.334   15.452  1.00 20.21 ? 294 GLU A C   1 
ATOM   610  O O   . GLU A 1 88  ? 0.570   1.874   16.502  1.00 20.46 ? 294 GLU A O   1 
ATOM   611  C CB  . GLU A 1 88  ? -2.035  0.298   15.472  1.00 18.05 ? 294 GLU A CB  1 
ATOM   612  C CG  . GLU A 1 88  ? -2.886  -0.933  15.214  1.00 20.05 ? 294 GLU A CG  1 
ATOM   613  C CD  . GLU A 1 88  ? -4.378  -0.656  15.339  1.00 27.93 ? 294 GLU A CD  1 
ATOM   614  O OE1 . GLU A 1 88  ? -4.744  0.419   15.867  1.00 25.50 ? 294 GLU A OE1 1 
ATOM   615  O OE2 . GLU A 1 88  ? -5.183  -1.509  14.905  1.00 24.06 ? 294 GLU A OE2 1 
ATOM   616  N N   . GLU A 1 89  ? 0.485   1.845   14.253  1.00 18.51 ? 295 GLU A N   1 
ATOM   617  C CA  . GLU A 1 89  ? 1.014   3.190   14.096  1.00 16.40 ? 295 GLU A CA  1 
ATOM   618  C C   . GLU A 1 89  ? -0.070  4.022   13.425  1.00 17.87 ? 295 GLU A C   1 
ATOM   619  O O   . GLU A 1 89  ? -0.572  3.636   12.373  1.00 15.68 ? 295 GLU A O   1 
ATOM   620  C CB  . GLU A 1 89  ? 2.317   3.162   13.273  1.00 19.44 ? 295 GLU A CB  1 
ATOM   621  C CG  . GLU A 1 89  ? 3.507   2.527   14.053  1.00 19.27 ? 295 GLU A CG  1 
ATOM   622  C CD  . GLU A 1 89  ? 4.805   2.459   13.255  1.00 21.05 ? 295 GLU A CD  1 
ATOM   623  O OE1 . GLU A 1 89  ? 5.123   3.415   12.502  1.00 17.54 ? 295 GLU A OE1 1 
ATOM   624  O OE2 . GLU A 1 89  ? 5.517   1.440   13.386  1.00 19.19 ? 295 GLU A OE2 1 
ATOM   625  N N   . ARG A 1 90  ? -0.454  5.139   14.046  1.00 15.12 ? 296 ARG A N   1 
ATOM   626  C CA  . ARG A 1 90  ? -1.551  5.965   13.535  1.00 16.52 ? 296 ARG A CA  1 
ATOM   627  C C   . ARG A 1 90  ? -1.236  7.452   13.334  1.00 16.99 ? 296 ARG A C   1 
ATOM   628  O O   . ARG A 1 90  ? -2.096  8.207   12.848  1.00 14.74 ? 296 ARG A O   1 
ATOM   629  C CB  . ARG A 1 90  ? -2.772  5.843   14.461  1.00 15.00 ? 296 ARG A CB  1 
ATOM   630  C CG  . ARG A 1 90  ? -3.500  4.496   14.382  1.00 18.73 ? 296 ARG A CG  1 
ATOM   631  C CD  . ARG A 1 90  ? -4.743  4.536   15.257  1.00 24.40 ? 296 ARG A CD  1 
ATOM   632  N NE  . ARG A 1 90  ? -5.364  3.230   15.445  1.00 23.21 ? 296 ARG A NE  1 
ATOM   633  C CZ  . ARG A 1 90  ? -6.674  3.011   15.361  1.00 29.46 ? 296 ARG A CZ  1 
ATOM   634  N NH1 . ARG A 1 90  ? -7.500  4.011   15.071  1.00 27.47 ? 296 ARG A NH1 1 
ATOM   635  N NH2 . ARG A 1 90  ? -7.162  1.792   15.561  1.00 20.73 ? 296 ARG A NH2 1 
ATOM   636  N N   . ASN A 1 91  ? -0.037  7.889   13.717  1.00 16.29 ? 297 ASN A N   1 
ATOM   637  C CA  . ASN A 1 91  ? 0.323   9.306   13.588  1.00 18.99 ? 297 ASN A CA  1 
ATOM   638  C C   . ASN A 1 91  ? 0.230   9.776   12.139  1.00 18.51 ? 297 ASN A C   1 
ATOM   639  O O   . ASN A 1 91  ? 0.733   9.103   11.243  1.00 16.96 ? 297 ASN A O   1 
ATOM   640  C CB  . ASN A 1 91  ? 1.743   9.563   14.125  1.00 17.07 ? 297 ASN A CB  1 
ATOM   641  C CG  . ASN A 1 91  ? 1.805   9.549   15.650  1.00 24.71 ? 297 ASN A CG  1 
ATOM   642  O OD1 . ASN A 1 91  ? 0.806   9.295   16.316  1.00 21.96 ? 297 ASN A OD1 1 
ATOM   643  N ND2 . ASN A 1 91  ? 2.984   9.819   16.205  1.00 26.11 ? 297 ASN A ND2 1 
ATOM   644  N N   . ILE A 1 92  ? -0.406  10.927  11.909  1.00 15.70 ? 298 ILE A N   1 
ATOM   645  C CA  . ILE A 1 92  ? -0.518  11.481  10.561  1.00 15.83 ? 298 ILE A CA  1 
ATOM   646  C C   . ILE A 1 92  ? -0.520  12.997  10.616  1.00 20.11 ? 298 ILE A C   1 
ATOM   647  O O   . ILE A 1 92  ? -1.051  13.597  11.561  1.00 17.64 ? 298 ILE A O   1 
ATOM   648  C CB  . ILE A 1 92  ? -1.841  11.063  9.851   1.00 16.16 ? 298 ILE A CB  1 
ATOM   649  C CG1 . ILE A 1 92  ? -3.032  11.187  10.803  1.00 17.71 ? 298 ILE A CG1 1 
ATOM   650  C CG2 . ILE A 1 92  ? -1.759  9.651   9.245   1.00 15.71 ? 298 ILE A CG2 1 
ATOM   651  C CD1 . ILE A 1 92  ? -4.398  10.960  10.108  1.00 17.42 ? 298 ILE A CD1 1 
ATOM   652  N N   . THR A 1 93  ? 0.041   13.630  9.591   1.00 18.73 ? 299 THR A N   1 
ATOM   653  C CA  . THR A 1 93  ? -0.029  15.079  9.516   1.00 21.14 ? 299 THR A CA  1 
ATOM   654  C C   . THR A 1 93  ? -1.423  15.454  9.050   1.00 18.86 ? 299 THR A C   1 
ATOM   655  O O   . THR A 1 93  ? -1.981  16.465  9.473   1.00 24.83 ? 299 THR A O   1 
ATOM   656  C CB  . THR A 1 93  ? 1.038   15.654  8.564   1.00 26.43 ? 299 THR A CB  1 
ATOM   657  O OG1 . THR A 1 93  ? 0.894   15.065  7.266   1.00 31.93 ? 299 THR A OG1 1 
ATOM   658  C CG2 . THR A 1 93  ? 2.425   15.358  9.101   1.00 26.59 ? 299 THR A CG2 1 
ATOM   659  N N   . SER A 1 94  ? -1.977  14.622  8.170   1.00 19.50 ? 300 SER A N   1 
ATOM   660  C CA  A SER A 1 94  ? -3.353  14.780  7.708   0.56 19.20 ? 300 SER A CA  1 
ATOM   661  C CA  B SER A 1 94  ? -3.335  14.795  7.668   0.44 19.20 ? 300 SER A CA  1 
ATOM   662  C C   . SER A 1 94  ? -3.829  13.463  7.102   1.00 19.32 ? 300 SER A C   1 
ATOM   663  O O   . SER A 1 94  ? -3.028  12.690  6.582   1.00 20.20 ? 300 SER A O   1 
ATOM   664  C CB  A SER A 1 94  ? -3.453  15.900  6.669   0.56 22.21 ? 300 SER A CB  1 
ATOM   665  C CB  B SER A 1 94  ? -3.350  15.870  6.579   0.44 22.24 ? 300 SER A CB  1 
ATOM   666  O OG  A SER A 1 94  ? -2.753  15.551  5.487   0.56 24.26 ? 300 SER A OG  1 
ATOM   667  O OG  B SER A 1 94  ? -4.552  15.826  5.837   0.44 21.97 ? 300 SER A OG  1 
ATOM   668  N N   . PHE A 1 95  ? -5.134  13.194  7.187   1.00 18.04 ? 301 PHE A N   1 
ATOM   669  C CA  . PHE A 1 95  ? -5.687  11.980  6.567   1.00 18.95 ? 301 PHE A CA  1 
ATOM   670  C C   . PHE A 1 95  ? -5.901  12.258  5.081   1.00 17.54 ? 301 PHE A C   1 
ATOM   671  O O   . PHE A 1 95  ? -6.738  13.094  4.715   1.00 20.16 ? 301 PHE A O   1 
ATOM   672  C CB  . PHE A 1 95  ? -7.007  11.559  7.223   1.00 17.60 ? 301 PHE A CB  1 
ATOM   673  C CG  . PHE A 1 95  ? -7.597  10.297  6.640   1.00 17.09 ? 301 PHE A CG  1 
ATOM   674  C CD1 . PHE A 1 95  ? -7.087  9.053   6.988   1.00 17.81 ? 301 PHE A CD1 1 
ATOM   675  C CD2 . PHE A 1 95  ? -8.654  10.354  5.749   1.00 16.20 ? 301 PHE A CD2 1 
ATOM   676  C CE1 . PHE A 1 95  ? -7.622  7.879   6.450   1.00 17.26 ? 301 PHE A CE1 1 
ATOM   677  C CE2 . PHE A 1 95  ? -9.199  9.185   5.204   1.00 19.63 ? 301 PHE A CE2 1 
ATOM   678  C CZ  . PHE A 1 95  ? -8.673  7.942   5.562   1.00 17.70 ? 301 PHE A CZ  1 
ATOM   679  N N   . PRO A 1 96  ? -5.137  11.569  4.218   1.00 17.04 ? 302 PRO A N   1 
ATOM   680  C CA  . PRO A 1 96  ? -4.987  11.986  2.816   1.00 19.81 ? 302 PRO A CA  1 
ATOM   681  C C   . PRO A 1 96  ? -5.971  11.353  1.832   1.00 21.83 ? 302 PRO A C   1 
ATOM   682  O O   . PRO A 1 96  ? -5.790  11.504  0.615   1.00 21.91 ? 302 PRO A O   1 
ATOM   683  C CB  . PRO A 1 96  ? -3.564  11.526  2.484   1.00 16.28 ? 302 PRO A CB  1 
ATOM   684  C CG  . PRO A 1 96  ? -3.421  10.228  3.272   1.00 17.82 ? 302 PRO A CG  1 
ATOM   685  C CD  . PRO A 1 96  ? -4.218  10.464  4.568   1.00 16.48 ? 302 PRO A CD  1 
ATOM   686  N N   . PHE A 1 97  ? -6.993  10.668  2.334   1.00 16.56 ? 303 PHE A N   1 
ATOM   687  C CA  . PHE A 1 97  ? -7.990  10.057  1.456   1.00 16.12 ? 303 PHE A CA  1 
ATOM   688  C C   . PHE A 1 97  ? -9.346  10.705  1.630   1.00 17.11 ? 303 PHE A C   1 
ATOM   689  O O   . PHE A 1 97  ? -9.648  11.237  2.698   1.00 16.62 ? 303 PHE A O   1 
ATOM   690  C CB  . PHE A 1 97  ? -8.122  8.558   1.749   1.00 17.59 ? 303 PHE A CB  1 
ATOM   691  C CG  . PHE A 1 97  ? -6.838  7.797   1.580   1.00 16.79 ? 303 PHE A CG  1 
ATOM   692  C CD1 . PHE A 1 97  ? -6.452  7.334   0.330   1.00 13.88 ? 303 PHE A CD1 1 
ATOM   693  C CD2 . PHE A 1 97  ? -6.013  7.560   2.665   1.00 17.47 ? 303 PHE A CD2 1 
ATOM   694  C CE1 . PHE A 1 97  ? -5.259  6.638   0.164   1.00 16.77 ? 303 PHE A CE1 1 
ATOM   695  C CE2 . PHE A 1 97  ? -4.822  6.857   2.514   1.00 14.34 ? 303 PHE A CE2 1 
ATOM   696  C CZ  . PHE A 1 97  ? -4.447  6.393   1.253   1.00 13.64 ? 303 PHE A CZ  1 
ATOM   697  N N   . SER A 1 98  ? -10.182 10.642  0.596   1.00 14.93 ? 304 SER A N   1 
ATOM   698  C CA  . SER A 1 98  ? -11.568 11.082  0.741   1.00 16.80 ? 304 SER A CA  1 
ATOM   699  C C   . SER A 1 98  ? -12.507 10.244  -0.125  1.00 19.78 ? 304 SER A C   1 
ATOM   700  O O   . SER A 1 98  ? -12.111 9.760   -1.181  1.00 20.43 ? 304 SER A O   1 
ATOM   701  C CB  . SER A 1 98  ? -11.697 12.569  0.406   1.00 22.82 ? 304 SER A CB  1 
ATOM   702  O OG  . SER A 1 98  ? -11.125 12.834  -0.850  1.00 29.77 ? 304 SER A OG  1 
ATOM   703  N N   . PRO A 1 99  ? -13.759 10.076  0.320   1.00 19.55 ? 305 PRO A N   1 
ATOM   704  C CA  . PRO A 1 99  ? -14.719 9.254   -0.430  1.00 17.75 ? 305 PRO A CA  1 
ATOM   705  C C   . PRO A 1 99  ? -14.858 9.769   -1.857  1.00 16.34 ? 305 PRO A C   1 
ATOM   706  O O   . PRO A 1 99  ? -14.922 10.984  -2.057  1.00 17.92 ? 305 PRO A O   1 
ATOM   707  C CB  . PRO A 1 99  ? -16.041 9.487   0.312   1.00 17.74 ? 305 PRO A CB  1 
ATOM   708  C CG  . PRO A 1 99  ? -15.676 10.040  1.645   1.00 25.81 ? 305 PRO A CG  1 
ATOM   709  C CD  . PRO A 1 99  ? -14.380 10.769  1.466   1.00 19.95 ? 305 PRO A CD  1 
ATOM   710  N N   . GLY A 1 100 ? -14.872 8.875   -2.840  1.00 13.76 ? 306 GLY A N   1 
ATOM   711  C CA  . GLY A 1 100 ? -15.036 9.285   -4.228  1.00 18.73 ? 306 GLY A CA  1 
ATOM   712  C C   . GLY A 1 100 ? -13.774 9.742   -4.940  1.00 22.76 ? 306 GLY A C   1 
ATOM   713  O O   . GLY A 1 100 ? -13.798 9.944   -6.152  1.00 27.54 ? 306 GLY A O   1 
ATOM   714  N N   . MET A 1 101 ? -12.671 9.891   -4.207  1.00 16.63 ? 307 MET A N   1 
ATOM   715  C CA  . MET A 1 101 ? -11.427 10.466  -4.751  1.00 22.53 ? 307 MET A CA  1 
ATOM   716  C C   . MET A 1 101 ? -10.618 9.467   -5.579  1.00 21.14 ? 307 MET A C   1 
ATOM   717  O O   . MET A 1 101 ? -10.616 8.273   -5.300  1.00 25.03 ? 307 MET A O   1 
ATOM   718  C CB  . MET A 1 101 ? -10.503 10.874  -3.602  1.00 26.48 ? 307 MET A CB  1 
ATOM   719  C CG  . MET A 1 101 ? -9.830  9.604   -3.058  0.39 19.85 ? 307 MET A CG  1 
ATOM   720  S SD  . MET A 1 101 ? -8.554  9.538   -1.840  0.63 18.62 ? 307 MET A SD  1 
ATOM   721  C CE  . MET A 1 101 ? -7.533  10.974  -2.288  1.00 17.26 ? 307 MET A CE  1 
ATOM   722  N N   . TYR A 1 102 ? -9.914  9.972   -6.587  1.00 15.84 ? 308 TYR A N   1 
ATOM   723  C CA  . TYR A 1 102 ? -8.807  9.252   -7.208  1.00 16.53 ? 308 TYR A CA  1 
ATOM   724  C C   . TYR A 1 102 ? -7.598  9.369   -6.296  1.00 17.73 ? 308 TYR A C   1 
ATOM   725  O O   . TYR A 1 102 ? -7.332  10.455  -5.777  1.00 15.60 ? 308 TYR A O   1 
ATOM   726  C CB  . TYR A 1 102 ? -8.472  9.909   -8.554  1.00 16.12 ? 308 TYR A CB  1 
ATOM   727  C CG  . TYR A 1 102 ? -7.223  9.367   -9.223  1.00 13.02 ? 308 TYR A CG  1 
ATOM   728  C CD1 . TYR A 1 102 ? -6.052  10.112  -9.252  1.00 15.39 ? 308 TYR A CD1 1 
ATOM   729  C CD2 . TYR A 1 102 ? -7.223  8.116   -9.828  1.00 15.24 ? 308 TYR A CD2 1 
ATOM   730  C CE1 . TYR A 1 102 ? -4.901  9.626   -9.868  1.00 14.71 ? 308 TYR A CE1 1 
ATOM   731  C CE2 . TYR A 1 102 ? -6.073  7.617   -10.463 1.00 16.48 ? 308 TYR A CE2 1 
ATOM   732  C CZ  . TYR A 1 102 ? -4.926  8.379   -10.476 1.00 17.52 ? 308 TYR A CZ  1 
ATOM   733  O OH  . TYR A 1 102 ? -3.789  7.881   -11.087 1.00 15.90 ? 308 TYR A OH  1 
ATOM   734  N N   . PHE A 1 103 ? -6.861  8.272   -6.093  1.00 16.65 ? 309 PHE A N   1 
ATOM   735  C CA  . PHE A 1 103 ? -5.625  8.327   -5.306  1.00 15.02 ? 309 PHE A CA  1 
ATOM   736  C C   . PHE A 1 103 ? -4.476  7.598   -5.989  1.00 15.30 ? 309 PHE A C   1 
ATOM   737  O O   . PHE A 1 103 ? -4.681  6.673   -6.782  1.00 13.58 ? 309 PHE A O   1 
ATOM   738  C CB  . PHE A 1 103 ? -5.821  7.760   -3.883  1.00 14.94 ? 309 PHE A CB  1 
ATOM   739  C CG  . PHE A 1 103 ? -6.014  6.267   -3.850  1.00 16.19 ? 309 PHE A CG  1 
ATOM   740  C CD1 . PHE A 1 103 ? -4.925  5.412   -3.686  1.00 17.92 ? 309 PHE A CD1 1 
ATOM   741  C CD2 . PHE A 1 103 ? -7.285  5.718   -3.991  1.00 14.68 ? 309 PHE A CD2 1 
ATOM   742  C CE1 . PHE A 1 103 ? -5.097  4.027   -3.672  1.00 15.60 ? 309 PHE A CE1 1 
ATOM   743  C CE2 . PHE A 1 103 ? -7.467  4.342   -3.982  1.00 15.82 ? 309 PHE A CE2 1 
ATOM   744  C CZ  . PHE A 1 103 ? -6.364  3.494   -3.814  1.00 15.53 ? 309 PHE A CZ  1 
ATOM   745  N N   . GLU A 1 104 ? -3.260  8.038   -5.679  1.00 14.77 ? 310 GLU A N   1 
ATOM   746  C CA  . GLU A 1 104 ? -2.047  7.315   -6.031  1.00 12.64 ? 310 GLU A CA  1 
ATOM   747  C C   . GLU A 1 104 ? -1.277  7.118   -4.737  1.00 16.16 ? 310 GLU A C   1 
ATOM   748  O O   . GLU A 1 104 ? -0.912  8.092   -4.073  1.00 16.74 ? 310 GLU A O   1 
ATOM   749  C CB  . GLU A 1 104 ? -1.211  8.107   -7.039  1.00 16.77 ? 310 GLU A CB  1 
ATOM   750  C CG  . GLU A 1 104 ? -1.836  8.135   -8.437  1.00 18.03 ? 310 GLU A CG  1 
ATOM   751  C CD  . GLU A 1 104 ? -1.132  9.081   -9.418  1.00 18.14 ? 310 GLU A CD  1 
ATOM   752  O OE1 . GLU A 1 104 ? -1.560  9.110   -10.585 1.00 17.87 ? 310 GLU A OE1 1 
ATOM   753  O OE2 . GLU A 1 104 ? -0.176  9.797   -9.036  1.00 16.35 ? 310 GLU A OE2 1 
ATOM   754  N N   . MET A 1 105 ? -1.063  5.862   -4.358  1.00 13.46 ? 311 MET A N   1 
ATOM   755  C CA  . MET A 1 105 ? -0.270  5.574   -3.172  1.00 14.04 ? 311 MET A CA  1 
ATOM   756  C C   . MET A 1 105 ? 1.016   4.916   -3.599  1.00 17.43 ? 311 MET A C   1 
ATOM   757  O O   . MET A 1 105 ? 1.006   3.878   -4.276  1.00 15.91 ? 311 MET A O   1 
ATOM   758  C CB  . MET A 1 105 ? -1.011  4.665   -2.198  1.00 14.46 ? 311 MET A CB  1 
ATOM   759  C CG  . MET A 1 105 ? -0.254  4.533   -0.856  1.00 17.46 ? 311 MET A CG  1 
ATOM   760  S SD  . MET A 1 105 ? -1.322  3.922   0.463   1.00 29.49 ? 311 MET A SD  1 
ATOM   761  C CE  . MET A 1 105 ? -1.618  2.299   -0.200  1.00 20.00 ? 311 MET A CE  1 
ATOM   762  N N   . ILE A 1 106 ? 2.127   5.522   -3.202  1.00 15.82 ? 312 ILE A N   1 
ATOM   763  C CA  . ILE A 1 106 ? 3.441   5.009   -3.564  1.00 16.08 ? 312 ILE A CA  1 
ATOM   764  C C   . ILE A 1 106 ? 4.115   4.447   -2.318  1.00 16.17 ? 312 ILE A C   1 
ATOM   765  O O   . ILE A 1 106 ? 4.182   5.122   -1.291  1.00 14.29 ? 312 ILE A O   1 
ATOM   766  C CB  . ILE A 1 106 ? 4.313   6.129   -4.165  1.00 16.20 ? 312 ILE A CB  1 
ATOM   767  C CG1 . ILE A 1 106 ? 3.684   6.647   -5.460  1.00 14.24 ? 312 ILE A CG1 1 
ATOM   768  C CG2 . ILE A 1 106 ? 5.732   5.618   -4.457  1.00 16.76 ? 312 ILE A CG2 1 
ATOM   769  C CD1 . ILE A 1 106 ? 4.427   7.863   -6.038  1.00 22.61 ? 312 ILE A CD1 1 
ATOM   770  N N   . ILE A 1 107 ? 4.589   3.205   -2.400  1.00 14.96 ? 313 ILE A N   1 
ATOM   771  C CA  . ILE A 1 107 ? 5.342   2.604   -1.300  1.00 12.73 ? 313 ILE A CA  1 
ATOM   772  C C   . ILE A 1 107 ? 6.781   2.415   -1.768  1.00 14.27 ? 313 ILE A C   1 
ATOM   773  O O   . ILE A 1 107 ? 7.040   1.686   -2.728  1.00 14.92 ? 313 ILE A O   1 
ATOM   774  C CB  . ILE A 1 107 ? 4.767   1.237   -0.888  1.00 16.27 ? 313 ILE A CB  1 
ATOM   775  C CG1 . ILE A 1 107 ? 3.262   1.336   -0.641  1.00 15.39 ? 313 ILE A CG1 1 
ATOM   776  C CG2 . ILE A 1 107 ? 5.474   0.690   0.368   1.00 15.42 ? 313 ILE A CG2 1 
ATOM   777  C CD1 . ILE A 1 107 ? 2.582   -0.018  -0.584  1.00 17.26 ? 313 ILE A CD1 1 
ATOM   778  N N   . TYR A 1 108 ? 7.707   3.090   -1.101  1.00 13.22 ? 314 TYR A N   1 
ATOM   779  C CA  . TYR A 1 108 ? 9.120   2.987   -1.431  1.00 18.05 ? 314 TYR A CA  1 
ATOM   780  C C   . TYR A 1 108 ? 9.822   2.253   -0.298  1.00 16.86 ? 314 TYR A C   1 
ATOM   781  O O   . TYR A 1 108 ? 9.612   2.569   0.870   1.00 15.57 ? 314 TYR A O   1 
ATOM   782  C CB  . TYR A 1 108 ? 9.720   4.383   -1.595  1.00 16.53 ? 314 TYR A CB  1 
ATOM   783  C CG  . TYR A 1 108 ? 11.211  4.374   -1.825  1.00 16.87 ? 314 TYR A CG  1 
ATOM   784  C CD1 . TYR A 1 108 ? 11.727  4.065   -3.068  1.00 17.12 ? 314 TYR A CD1 1 
ATOM   785  C CD2 . TYR A 1 108 ? 12.096  4.690   -0.801  1.00 18.18 ? 314 TYR A CD2 1 
ATOM   786  C CE1 . TYR A 1 108 ? 13.084  4.053   -3.295  1.00 19.55 ? 314 TYR A CE1 1 
ATOM   787  C CE2 . TYR A 1 108 ? 13.467  4.683   -1.018  1.00 22.67 ? 314 TYR A CE2 1 
ATOM   788  C CZ  . TYR A 1 108 ? 13.947  4.360   -2.269  1.00 22.80 ? 314 TYR A CZ  1 
ATOM   789  O OH  . TYR A 1 108 ? 15.295  4.348   -2.520  1.00 23.91 ? 314 TYR A OH  1 
ATOM   790  N N   . CYS A 1 109 ? 10.642  1.264   -0.640  1.00 18.81 ? 315 CYS A N   1 
ATOM   791  C CA  . CYS A 1 109 ? 11.332  0.474   0.376   1.00 15.18 ? 315 CYS A CA  1 
ATOM   792  C C   . CYS A 1 109 ? 12.741  1.016   0.509   1.00 16.93 ? 315 CYS A C   1 
ATOM   793  O O   . CYS A 1 109 ? 13.545  0.914   -0.425  1.00 19.38 ? 315 CYS A O   1 
ATOM   794  C CB  . CYS A 1 109 ? 11.380  -0.998  -0.040  1.00 18.25 ? 315 CYS A CB  1 
ATOM   795  S SG  . CYS A 1 109 ? 12.092  -2.137  1.216   1.00 19.79 ? 315 CYS A SG  1 
ATOM   796  N N   . ASP A 1 110 ? 13.038  1.625   1.651   1.00 15.80 ? 316 ASP A N   1 
ATOM   797  C CA  . ASP A 1 110 ? 14.393  2.084   1.923   1.00 17.88 ? 316 ASP A CA  1 
ATOM   798  C C   . ASP A 1 110 ? 15.095  1.042   2.802   1.00 19.47 ? 316 ASP A C   1 
ATOM   799  O O   . ASP A 1 110 ? 14.522  -0.001  3.122   1.00 16.13 ? 316 ASP A O   1 
ATOM   800  C CB  . ASP A 1 110 ? 14.366  3.441   2.615   1.00 17.39 ? 316 ASP A CB  1 
ATOM   801  C CG  . ASP A 1 110 ? 15.585  4.289   2.277   1.00 27.18 ? 316 ASP A CG  1 
ATOM   802  O OD1 . ASP A 1 110 ? 16.636  3.717   1.918   1.00 26.32 ? 316 ASP A OD1 1 
ATOM   803  O OD2 . ASP A 1 110 ? 15.494  5.526   2.368   1.00 33.99 ? 316 ASP A OD2 1 
ATOM   804  N N   . VAL A 1 111 ? 16.329  1.320   3.205   1.00 20.98 ? 317 VAL A N   1 
ATOM   805  C CA  . VAL A 1 111 ? 17.094  0.337   3.967   1.00 21.32 ? 317 VAL A CA  1 
ATOM   806  C C   . VAL A 1 111 ? 16.467  0.028   5.328   1.00 21.09 ? 317 VAL A C   1 
ATOM   807  O O   . VAL A 1 111 ? 16.343  -1.137  5.712   1.00 21.02 ? 317 VAL A O   1 
ATOM   808  C CB  . VAL A 1 111 ? 18.552  0.805   4.181   1.00 23.49 ? 317 VAL A CB  1 
ATOM   809  C CG1 . VAL A 1 111 ? 19.322  -0.242  4.974   1.00 22.65 ? 317 VAL A CG1 1 
ATOM   810  C CG2 . VAL A 1 111 ? 19.232  1.059   2.848   1.00 23.41 ? 317 VAL A CG2 1 
ATOM   811  N N   . ARG A 1 112 ? 16.072  1.068   6.061   1.00 21.20 ? 318 ARG A N   1 
ATOM   812  C CA  . ARG A 1 112 ? 15.581  0.882   7.431   1.00 21.43 ? 318 ARG A CA  1 
ATOM   813  C C   . ARG A 1 112 ? 14.064  0.997   7.556   1.00 19.00 ? 318 ARG A C   1 
ATOM   814  O O   . ARG A 1 112 ? 13.488  0.587   8.570   1.00 17.28 ? 318 ARG A O   1 
ATOM   815  C CB  . ARG A 1 112 ? 16.242  1.879   8.391   1.00 22.16 ? 318 ARG A CB  1 
ATOM   816  C CG  . ARG A 1 112 ? 17.775  1.843   8.398   1.00 29.87 ? 318 ARG A CG  1 
ATOM   817  C CD  . ARG A 1 112 ? 18.304  0.438   8.673   1.00 38.75 ? 318 ARG A CD  1 
ATOM   818  N NE  . ARG A 1 112 ? 19.754  0.431   8.877   1.00 47.00 ? 318 ARG A NE  1 
ATOM   819  C CZ  . ARG A 1 112 ? 20.421  -0.565  9.454   1.00 46.33 ? 318 ARG A CZ  1 
ATOM   820  N NH1 . ARG A 1 112 ? 19.769  -1.641  9.884   1.00 39.40 ? 318 ARG A NH1 1 
ATOM   821  N NH2 . ARG A 1 112 ? 21.740  -0.485  9.603   1.00 55.37 ? 318 ARG A NH2 1 
ATOM   822  N N   . GLU A 1 113 ? 13.407  1.545   6.539   1.00 15.87 ? 319 GLU A N   1 
ATOM   823  C CA  . GLU A 1 113 ? 11.952  1.746   6.633   1.00 20.15 ? 319 GLU A CA  1 
ATOM   824  C C   . GLU A 1 113 ? 11.268  1.810   5.276   1.00 21.17 ? 319 GLU A C   1 
ATOM   825  O O   . GLU A 1 113 ? 11.928  1.975   4.239   1.00 18.57 ? 319 GLU A O   1 
ATOM   826  C CB  . GLU A 1 113 ? 11.669  3.050   7.375   1.00 16.23 ? 319 GLU A CB  1 
ATOM   827  C CG  . GLU A 1 113 ? 11.926  4.271   6.508   1.00 19.36 ? 319 GLU A CG  1 
ATOM   828  C CD  . GLU A 1 113 ? 12.992  5.185   7.050   1.00 41.45 ? 319 GLU A CD  1 
ATOM   829  O OE1 . GLU A 1 113 ? 13.957  4.685   7.673   1.00 41.80 ? 319 GLU A OE1 1 
ATOM   830  O OE2 . GLU A 1 113 ? 12.867  6.413   6.835   1.00 47.81 ? 319 GLU A OE2 1 
ATOM   831  N N   . PHE A 1 114 ? 9.942   1.672   5.287   1.00 17.07 ? 320 PHE A N   1 
ATOM   832  C CA  . PHE A 1 114 ? 9.145   1.998   4.116   1.00 16.21 ? 320 PHE A CA  1 
ATOM   833  C C   . PHE A 1 114 ? 8.811   3.467   4.228   1.00 16.56 ? 320 PHE A C   1 
ATOM   834  O O   . PHE A 1 114 ? 8.678   3.997   5.339   1.00 17.71 ? 320 PHE A O   1 
ATOM   835  C CB  . PHE A 1 114 ? 7.817   1.227   4.099   1.00 16.65 ? 320 PHE A CB  1 
ATOM   836  C CG  . PHE A 1 114 ? 7.955   -0.241  3.818   1.00 16.52 ? 320 PHE A CG  1 
ATOM   837  C CD1 . PHE A 1 114 ? 8.198   -0.701  2.530   1.00 15.85 ? 320 PHE A CD1 1 
ATOM   838  C CD2 . PHE A 1 114 ? 7.810   -1.169  4.841   1.00 14.32 ? 320 PHE A CD2 1 
ATOM   839  C CE1 . PHE A 1 114 ? 8.318   -2.070  2.272   1.00 13.47 ? 320 PHE A CE1 1 
ATOM   840  C CE2 . PHE A 1 114 ? 7.924   -2.532  4.589   1.00 14.91 ? 320 PHE A CE2 1 
ATOM   841  C CZ  . PHE A 1 114 ? 8.178   -2.980  3.298   1.00 15.10 ? 320 PHE A CZ  1 
ATOM   842  N N   . LYS A 1 115 ? 8.668   4.119   3.084   1.00 16.86 ? 321 LYS A N   1 
ATOM   843  C CA  . LYS A 1 115 ? 8.118   5.464   3.020   1.00 17.75 ? 321 LYS A CA  1 
ATOM   844  C C   . LYS A 1 115 ? 6.870   5.364   2.154   1.00 20.27 ? 321 LYS A C   1 
ATOM   845  O O   . LYS A 1 115 ? 6.879   4.686   1.125   1.00 16.23 ? 321 LYS A O   1 
ATOM   846  C CB  . LYS A 1 115 ? 9.126   6.423   2.373   1.00 19.51 ? 321 LYS A CB  1 
ATOM   847  C CG  . LYS A 1 115 ? 10.435  6.538   3.154   1.00 18.86 ? 321 LYS A CG  1 
ATOM   848  C CD  . LYS A 1 115 ? 11.395  7.546   2.518   1.00 23.78 ? 321 LYS A CD  1 
ATOM   849  C CE  . LYS A 1 115 ? 12.633  7.722   3.401   1.00 35.99 ? 321 LYS A CE  1 
ATOM   850  N NZ  . LYS A 1 115 ? 13.512  8.841   2.950   1.00 42.24 ? 321 LYS A NZ  1 
ATOM   851  N N   . VAL A 1 116 ? 5.795   6.021   2.574   1.00 14.85 ? 322 VAL A N   1 
ATOM   852  C CA  . VAL A 1 116 ? 4.528   5.922   1.859   1.00 14.47 ? 322 VAL A CA  1 
ATOM   853  C C   . VAL A 1 116 ? 4.053   7.331   1.548   1.00 16.02 ? 322 VAL A C   1 
ATOM   854  O O   . VAL A 1 116 ? 4.036   8.201   2.429   1.00 14.67 ? 322 VAL A O   1 
ATOM   855  C CB  . VAL A 1 116 ? 3.458   5.165   2.680   1.00 17.04 ? 322 VAL A CB  1 
ATOM   856  C CG1 . VAL A 1 116 ? 2.141   5.079   1.901   1.00 15.16 ? 322 VAL A CG1 1 
ATOM   857  C CG2 . VAL A 1 116 ? 3.964   3.743   3.046   1.00 14.61 ? 322 VAL A CG2 1 
ATOM   858  N N   . ALA A 1 117 ? 3.702   7.549   0.284   1.00 12.65 ? 323 ALA A N   1 
ATOM   859  C CA  . ALA A 1 117 ? 3.246   8.843   -0.210  1.00 13.02 ? 323 ALA A CA  1 
ATOM   860  C C   . ALA A 1 117 ? 1.849   8.647   -0.742  1.00 13.71 ? 323 ALA A C   1 
ATOM   861  O O   . ALA A 1 117 ? 1.542   7.588   -1.300  1.00 16.66 ? 323 ALA A O   1 
ATOM   862  C CB  . ALA A 1 117 ? 4.159   9.340   -1.340  1.00 12.94 ? 323 ALA A CB  1 
ATOM   863  N N   . VAL A 1 118 ? 1.002   9.659   -0.585  1.00 13.33 ? 324 VAL A N   1 
ATOM   864  C CA  . VAL A 1 118 ? -0.334  9.626   -1.170  1.00 13.33 ? 324 VAL A CA  1 
ATOM   865  C C   . VAL A 1 118 ? -0.507  10.867  -2.031  1.00 16.93 ? 324 VAL A C   1 
ATOM   866  O O   . VAL A 1 118 ? -0.251  11.986  -1.567  1.00 14.23 ? 324 VAL A O   1 
ATOM   867  C CB  . VAL A 1 118 ? -1.420  9.608   -0.088  1.00 14.11 ? 324 VAL A CB  1 
ATOM   868  C CG1 . VAL A 1 118 ? -2.823  9.643   -0.742  1.00 12.25 ? 324 VAL A CG1 1 
ATOM   869  C CG2 . VAL A 1 118 ? -1.264  8.342   0.775   1.00 15.37 ? 324 VAL A CG2 1 
ATOM   870  N N   . ASN A 1 119 ? -0.919  10.669  -3.282  1.00 15.22 ? 325 ASN A N   1 
ATOM   871  C CA  . ASN A 1 119 ? -1.117  11.782  -4.209  1.00 17.99 ? 325 ASN A CA  1 
ATOM   872  C C   . ASN A 1 119 ? 0.105   12.679  -4.272  1.00 20.92 ? 325 ASN A C   1 
ATOM   873  O O   . ASN A 1 119 ? -0.015  13.903  -4.263  1.00 17.66 ? 325 ASN A O   1 
ATOM   874  C CB  . ASN A 1 119 ? -2.385  12.579  -3.849  1.00 17.08 ? 325 ASN A CB  1 
ATOM   875  C CG  . ASN A 1 119 ? -3.641  11.773  -4.086  1.00 24.24 ? 325 ASN A CG  1 
ATOM   876  O OD1 . ASN A 1 119 ? -3.555  10.615  -4.485  1.00 18.08 ? 325 ASN A OD1 1 
ATOM   877  N ND2 . ASN A 1 119 ? -4.807  12.371  -3.855  1.00 25.99 ? 325 ASN A ND2 1 
ATOM   878  N N   . GLY A 1 120 ? 1.286   12.059  -4.322  1.00 15.94 ? 326 GLY A N   1 
ATOM   879  C CA  . GLY A 1 120 ? 2.503   12.788  -4.636  1.00 17.51 ? 326 GLY A CA  1 
ATOM   880  C C   . GLY A 1 120 ? 3.162   13.449  -3.448  1.00 20.80 ? 326 GLY A C   1 
ATOM   881  O O   . GLY A 1 120 ? 4.198   14.096  -3.596  1.00 21.12 ? 326 GLY A O   1 
ATOM   882  N N   . VAL A 1 121 ? 2.565   13.290  -2.270  1.00 15.85 ? 327 VAL A N   1 
ATOM   883  C CA  . VAL A 1 121 ? 3.089   13.932  -1.068  1.00 17.58 ? 327 VAL A CA  1 
ATOM   884  C C   . VAL A 1 121 ? 3.455   12.879  -0.030  1.00 19.31 ? 327 VAL A C   1 
ATOM   885  O O   . VAL A 1 121 ? 2.628   12.035  0.304   1.00 16.51 ? 327 VAL A O   1 
ATOM   886  C CB  . VAL A 1 121 ? 2.065   14.911  -0.464  1.00 19.13 ? 327 VAL A CB  1 
ATOM   887  C CG1 . VAL A 1 121 ? 2.626   15.552  0.809   1.00 20.09 ? 327 VAL A CG1 1 
ATOM   888  C CG2 . VAL A 1 121 ? 1.690   15.997  -1.495  1.00 17.85 ? 327 VAL A CG2 1 
ATOM   889  N N   . HIS A 1 122 ? 4.693   12.922  0.466   1.00 19.82 ? 328 HIS A N   1 
ATOM   890  C CA  . HIS A 1 122 ? 5.123   12.018  1.542   1.00 19.65 ? 328 HIS A CA  1 
ATOM   891  C C   . HIS A 1 122 ? 4.156   12.038  2.711   1.00 24.43 ? 328 HIS A C   1 
ATOM   892  O O   . HIS A 1 122 ? 3.804   13.112  3.221   1.00 21.13 ? 328 HIS A O   1 
ATOM   893  C CB  . HIS A 1 122 ? 6.510   12.394  2.058   1.00 25.25 ? 328 HIS A CB  1 
ATOM   894  C CG  . HIS A 1 122 ? 6.985   11.533  3.191   1.00 25.52 ? 328 HIS A CG  1 
ATOM   895  N ND1 . HIS A 1 122 ? 7.395   10.230  3.011   1.00 22.61 ? 328 HIS A ND1 1 
ATOM   896  C CD2 . HIS A 1 122 ? 7.106   11.788  4.518   1.00 26.30 ? 328 HIS A CD2 1 
ATOM   897  C CE1 . HIS A 1 122 ? 7.761   9.722   4.178   1.00 27.49 ? 328 HIS A CE1 1 
ATOM   898  N NE2 . HIS A 1 122 ? 7.593   10.646  5.107   1.00 26.85 ? 328 HIS A NE2 1 
ATOM   899  N N   . SER A 1 123 ? 3.733   10.852  3.144   1.00 18.52 ? 329 SER A N   1 
ATOM   900  C CA  . SER A 1 123 ? 2.719   10.746  4.193   1.00 18.01 ? 329 SER A CA  1 
ATOM   901  C C   . SER A 1 123 ? 3.259   10.156  5.494   1.00 22.05 ? 329 SER A C   1 
ATOM   902  O O   . SER A 1 123 ? 2.907   10.619  6.591   1.00 22.16 ? 329 SER A O   1 
ATOM   903  C CB  . SER A 1 123 ? 1.520   9.933   3.695   1.00 18.45 ? 329 SER A CB  1 
ATOM   904  O OG  . SER A 1 123 ? 0.582   9.730   4.744   1.00 24.32 ? 329 SER A OG  1 
ATOM   905  N N   . LEU A 1 124 ? 4.117   9.141   5.391   1.00 18.34 ? 330 LEU A N   1 
ATOM   906  C CA  . LEU A 1 124 ? 4.610   8.484   6.601   1.00 19.59 ? 330 LEU A CA  1 
ATOM   907  C C   . LEU A 1 124 ? 5.809   7.587   6.355   1.00 19.45 ? 330 LEU A C   1 
ATOM   908  O O   . LEU A 1 124 ? 6.070   7.182   5.221   1.00 16.94 ? 330 LEU A O   1 
ATOM   909  C CB  . LEU A 1 124 ? 3.500   7.635   7.201   1.00 18.24 ? 330 LEU A CB  1 
ATOM   910  C CG  . LEU A 1 124 ? 2.934   6.561   6.260   1.00 20.01 ? 330 LEU A CG  1 
ATOM   911  C CD1 . LEU A 1 124 ? 3.550   5.189   6.523   1.00 17.86 ? 330 LEU A CD1 1 
ATOM   912  C CD2 . LEU A 1 124 ? 1.442   6.506   6.412   1.00 21.16 ? 330 LEU A CD2 1 
ATOM   913  N N   . GLU A 1 125 ? 6.516   7.258   7.434   1.00 18.36 ? 331 GLU A N   1 
ATOM   914  C CA  . GLU A 1 125 ? 7.555   6.229   7.396   1.00 18.26 ? 331 GLU A CA  1 
ATOM   915  C C   . GLU A 1 125 ? 7.130   5.071   8.291   1.00 17.51 ? 331 GLU A C   1 
ATOM   916  O O   . GLU A 1 125 ? 6.380   5.259   9.260   1.00 17.67 ? 331 GLU A O   1 
ATOM   917  C CB  . GLU A 1 125 ? 8.902   6.792   7.864   1.00 23.04 ? 331 GLU A CB  1 
ATOM   918  C CG  . GLU A 1 125 ? 9.378   8.004   7.042   1.00 25.62 ? 331 GLU A CG  1 
ATOM   919  C CD  . GLU A 1 125 ? 10.797  8.435   7.382   1.00 36.09 ? 331 GLU A CD  1 
ATOM   920  O OE1 . GLU A 1 125 ? 11.499  8.937   6.476   0.32 32.56 ? 331 GLU A OE1 1 
ATOM   921  O OE2 . GLU A 1 125 ? 11.211  8.271   8.548   0.45 29.29 ? 331 GLU A OE2 1 
ATOM   922  N N   . TYR A 1 126 ? 7.600   3.874   7.960   1.00 16.38 ? 332 TYR A N   1 
ATOM   923  C CA  . TYR A 1 126 ? 7.282   2.681   8.737   1.00 15.13 ? 332 TYR A CA  1 
ATOM   924  C C   . TYR A 1 126 ? 8.547   1.842   8.832   1.00 15.41 ? 332 TYR A C   1 
ATOM   925  O O   . TYR A 1 126 ? 8.976   1.222   7.864   1.00 14.07 ? 332 TYR A O   1 
ATOM   926  C CB  . TYR A 1 126 ? 6.155   1.891   8.066   1.00 13.56 ? 332 TYR A CB  1 
ATOM   927  C CG  . TYR A 1 126 ? 5.594   0.749   8.901   1.00 16.95 ? 332 TYR A CG  1 
ATOM   928  C CD1 . TYR A 1 126 ? 4.494   0.945   9.716   1.00 15.71 ? 332 TYR A CD1 1 
ATOM   929  C CD2 . TYR A 1 126 ? 6.161   -0.519  8.858   1.00 15.94 ? 332 TYR A CD2 1 
ATOM   930  C CE1 . TYR A 1 126 ? 3.961   -0.087  10.465  1.00 14.53 ? 332 TYR A CE1 1 
ATOM   931  C CE2 . TYR A 1 126 ? 5.641   -1.562  9.609   1.00 16.76 ? 332 TYR A CE2 1 
ATOM   932  C CZ  . TYR A 1 126 ? 4.534   -1.335  10.406  1.00 18.95 ? 332 TYR A CZ  1 
ATOM   933  O OH  . TYR A 1 126 ? 4.001   -2.360  11.158  1.00 16.77 ? 332 TYR A OH  1 
ATOM   934  N N   . LYS A 1 127 ? 9.153   1.849   10.007  1.00 16.71 ? 333 LYS A N   1 
ATOM   935  C CA  . LYS A 1 127 ? 10.391  1.124   10.239  1.00 19.15 ? 333 LYS A CA  1 
ATOM   936  C C   . LYS A 1 127 ? 10.139  -0.361  10.031  1.00 19.41 ? 333 LYS A C   1 
ATOM   937  O O   . LYS A 1 127 ? 9.113   -0.889  10.467  1.00 18.19 ? 333 LYS A O   1 
ATOM   938  C CB  . LYS A 1 127 ? 10.867  1.414   11.669  1.00 19.22 ? 333 LYS A CB  1 
ATOM   939  C CG  . LYS A 1 127 ? 12.260  0.923   12.022  1.00 25.75 ? 333 LYS A CG  1 
ATOM   940  C CD  . LYS A 1 127 ? 12.508  1.081   13.524  0.62 22.98 ? 333 LYS A CD  1 
ATOM   941  C CE  . LYS A 1 127 ? 13.934  0.690   13.891  0.44 27.32 ? 333 LYS A CE  1 
ATOM   942  N NZ  . LYS A 1 127 ? 14.224  -0.714  13.500  0.59 26.16 ? 333 LYS A NZ  1 
ATOM   943  N N   . HIS A 1 128 ? 11.054  -1.027  9.332   1.00 18.72 ? 334 HIS A N   1 
ATOM   944  C CA  . HIS A 1 128 ? 10.905  -2.454  9.036   1.00 17.73 ? 334 HIS A CA  1 
ATOM   945  C C   . HIS A 1 128 ? 10.822  -3.277  10.311  1.00 22.90 ? 334 HIS A C   1 
ATOM   946  O O   . HIS A 1 128 ? 11.679  -3.140  11.187  1.00 21.42 ? 334 HIS A O   1 
ATOM   947  C CB  . HIS A 1 128 ? 12.101  -2.954  8.211   1.00 17.44 ? 334 HIS A CB  1 
ATOM   948  C CG  . HIS A 1 128 ? 12.153  -2.393  6.825   1.00 18.91 ? 334 HIS A CG  1 
ATOM   949  N ND1 . HIS A 1 128 ? 11.079  -2.449  5.960   1.00 16.66 ? 334 HIS A ND1 1 
ATOM   950  C CD2 . HIS A 1 128 ? 13.148  -1.771  6.151   1.00 18.48 ? 334 HIS A CD2 1 
ATOM   951  C CE1 . HIS A 1 128 ? 11.411  -1.880  4.813   1.00 18.15 ? 334 HIS A CE1 1 
ATOM   952  N NE2 . HIS A 1 128 ? 12.661  -1.461  4.902   1.00 18.55 ? 334 HIS A NE2 1 
ATOM   953  N N   . ARG A 1 129 ? 9.794   -4.125  10.408  1.00 18.31 ? 335 ARG A N   1 
ATOM   954  C CA  . ARG A 1 129 ? 9.659   -5.086  11.506  1.00 19.54 ? 335 ARG A CA  1 
ATOM   955  C C   . ARG A 1 129 ? 9.942   -6.480  10.978  1.00 24.47 ? 335 ARG A C   1 
ATOM   956  O O   . ARG A 1 129 ? 10.570  -7.304  11.654  1.00 25.42 ? 335 ARG A O   1 
ATOM   957  C CB  . ARG A 1 129 ? 8.249   -5.052  12.092  1.00 21.35 ? 335 ARG A CB  1 
ATOM   958  C CG  . ARG A 1 129 ? 7.835   -3.708  12.656  1.00 21.08 ? 335 ARG A CG  1 
ATOM   959  C CD  . ARG A 1 129 ? 6.467   -3.811  13.324  1.00 20.06 ? 335 ARG A CD  1 
ATOM   960  N NE  . ARG A 1 129 ? 5.888   -2.486  13.565  1.00 18.52 ? 335 ARG A NE  1 
ATOM   961  C CZ  . ARG A 1 129 ? 4.678   -2.289  14.070  1.00 21.08 ? 335 ARG A CZ  1 
ATOM   962  N NH1 . ARG A 1 129 ? 3.921   -3.329  14.393  1.00 17.66 ? 335 ARG A NH1 1 
ATOM   963  N NH2 . ARG A 1 129 ? 4.222   -1.056  14.244  1.00 19.68 ? 335 ARG A NH2 1 
ATOM   964  N N   . PHE A 1 130 ? 9.473   -6.744  9.762   1.00 20.14 ? 336 PHE A N   1 
ATOM   965  C CA  . PHE A 1 130 ? 9.873   -7.945  9.037   1.00 20.51 ? 336 PHE A CA  1 
ATOM   966  C C   . PHE A 1 130 ? 11.180  -7.607  8.313   1.00 21.11 ? 336 PHE A C   1 
ATOM   967  O O   . PHE A 1 130 ? 11.188  -6.814  7.364   1.00 18.40 ? 336 PHE A O   1 
ATOM   968  C CB  . PHE A 1 130 ? 8.778   -8.360  8.048   1.00 21.67 ? 336 PHE A CB  1 
ATOM   969  C CG  . PHE A 1 130 ? 9.019   -9.693  7.399   1.00 20.51 ? 336 PHE A CG  1 
ATOM   970  C CD1 . PHE A 1 130 ? 8.565   -10.862 7.987   1.00 26.25 ? 336 PHE A CD1 1 
ATOM   971  C CD2 . PHE A 1 130 ? 9.713   -9.774  6.200   1.00 18.87 ? 336 PHE A CD2 1 
ATOM   972  C CE1 . PHE A 1 130 ? 8.786   -12.104 7.378   1.00 27.24 ? 336 PHE A CE1 1 
ATOM   973  C CE2 . PHE A 1 130 ? 9.949   -10.994 5.591   1.00 20.72 ? 336 PHE A CE2 1 
ATOM   974  C CZ  . PHE A 1 130 ? 9.484   -12.170 6.181   1.00 23.75 ? 336 PHE A CZ  1 
ATOM   975  N N   . LYS A 1 131 ? 12.283  -8.204  8.763   1.00 19.14 ? 337 LYS A N   1 
ATOM   976  C CA  . LYS A 1 131 ? 13.625  -7.773  8.340   1.00 20.00 ? 337 LYS A CA  1 
ATOM   977  C C   . LYS A 1 131 ? 14.136  -8.372  7.031   1.00 21.11 ? 337 LYS A C   1 
ATOM   978  O O   . LYS A 1 131 ? 14.999  -7.786  6.368   1.00 18.54 ? 337 LYS A O   1 
ATOM   979  C CB  . LYS A 1 131 ? 14.643  -8.080  9.449   1.00 28.27 ? 337 LYS A CB  1 
ATOM   980  C CG  . LYS A 1 131 ? 14.366  -7.378  10.780  1.00 30.00 ? 337 LYS A CG  1 
ATOM   981  C CD  . LYS A 1 131 ? 14.398  -5.864  10.608  1.00 32.31 ? 337 LYS A CD  1 
ATOM   982  C CE  . LYS A 1 131 ? 14.316  -5.131  11.948  1.00 38.56 ? 337 LYS A CE  1 
ATOM   983  N NZ  . LYS A 1 131 ? 14.371  -3.649  11.723  1.00 40.37 ? 337 LYS A NZ  1 
ATOM   984  N N   . GLU A 1 132 ? 13.630  -9.547  6.668   1.00 18.15 ? 338 GLU A N   1 
ATOM   985  C CA  . GLU A 1 132 ? 14.142  -10.270 5.502   1.00 20.83 ? 338 GLU A CA  1 
ATOM   986  C C   . GLU A 1 132 ? 13.444  -9.758  4.261   1.00 18.65 ? 338 GLU A C   1 
ATOM   987  O O   . GLU A 1 132 ? 12.539  -10.405 3.728   1.00 19.61 ? 338 GLU A O   1 
ATOM   988  C CB  . GLU A 1 132 ? 13.922  -11.780 5.665   1.00 19.09 ? 338 GLU A CB  1 
ATOM   989  C CG  . GLU A 1 132 ? 14.650  -12.376 6.896   1.00 27.07 ? 338 GLU A CG  1 
ATOM   990  C CD  . GLU A 1 132 ? 14.047  -11.950 8.230   0.60 22.91 ? 338 GLU A CD  1 
ATOM   991  O OE1 . GLU A 1 132 ? 14.808  -11.862 9.217   0.48 24.59 ? 338 GLU A OE1 1 
ATOM   992  O OE2 . GLU A 1 132 ? 12.818  -11.698 8.297   0.81 25.23 ? 338 GLU A OE2 1 
ATOM   993  N N   . LEU A 1 133 ? 13.869  -8.584  3.803   1.00 20.24 ? 339 LEU A N   1 
ATOM   994  C CA  . LEU A 1 133 ? 13.107  -7.828  2.817   1.00 18.05 ? 339 LEU A CA  1 
ATOM   995  C C   . LEU A 1 133 ? 12.818  -8.579  1.523   1.00 25.06 ? 339 LEU A C   1 
ATOM   996  O O   . LEU A 1 133 ? 11.747  -8.407  0.943   1.00 20.63 ? 339 LEU A O   1 
ATOM   997  C CB  . LEU A 1 133 ? 13.801  -6.499  2.502   1.00 20.38 ? 339 LEU A CB  1 
ATOM   998  C CG  . LEU A 1 133 ? 14.018  -5.542  3.666   1.00 20.64 ? 339 LEU A CG  1 
ATOM   999  C CD1 . LEU A 1 133 ? 14.704  -4.291  3.154   1.00 21.80 ? 339 LEU A CD1 1 
ATOM   1000 C CD2 . LEU A 1 133 ? 12.686  -5.202  4.333   1.00 17.23 ? 339 LEU A CD2 1 
ATOM   1001 N N   . SER A 1 134 ? 13.748  -9.415  1.059   1.00 18.67 ? 340 SER A N   1 
ATOM   1002 C CA  . SER A 1 134 ? 13.550  -10.046 -0.254  1.00 19.17 ? 340 SER A CA  1 
ATOM   1003 C C   . SER A 1 134 ? 12.580  -11.236 -0.199  1.00 21.47 ? 340 SER A C   1 
ATOM   1004 O O   . SER A 1 134 ? 12.260  -11.839 -1.236  1.00 20.01 ? 340 SER A O   1 
ATOM   1005 C CB  . SER A 1 134 ? 14.879  -10.448 -0.895  1.00 20.69 ? 340 SER A CB  1 
ATOM   1006 O OG  . SER A 1 134 ? 15.532  -11.432 -0.115  1.00 23.56 ? 340 SER A OG  1 
ATOM   1007 N N   . SER A 1 135 ? 12.112  -11.565 1.003   1.00 18.54 ? 341 SER A N   1 
ATOM   1008 C CA  . SER A 1 135 ? 11.036  -12.546 1.165   1.00 21.75 ? 341 SER A CA  1 
ATOM   1009 C C   . SER A 1 135 ? 9.663   -11.890 1.043   1.00 19.63 ? 341 SER A C   1 
ATOM   1010 O O   . SER A 1 135 ? 8.641   -12.584 0.997   1.00 18.85 ? 341 SER A O   1 
ATOM   1011 C CB  . SER A 1 135 ? 11.139  -13.269 2.508   1.00 21.47 ? 341 SER A CB  1 
ATOM   1012 O OG  . SER A 1 135 ? 12.223  -14.184 2.507   1.00 25.32 ? 341 SER A OG  1 
ATOM   1013 N N   . ILE A 1 136 ? 9.641   -10.561 0.986   1.00 18.00 ? 342 ILE A N   1 
ATOM   1014 C CA  . ILE A 1 136 ? 8.381   -9.824  0.823   1.00 16.70 ? 342 ILE A CA  1 
ATOM   1015 C C   . ILE A 1 136 ? 8.062   -9.761  -0.661  1.00 16.83 ? 342 ILE A C   1 
ATOM   1016 O O   . ILE A 1 136 ? 8.607   -8.929  -1.396  1.00 19.24 ? 342 ILE A O   1 
ATOM   1017 C CB  . ILE A 1 136 ? 8.469   -8.401  1.406   1.00 16.45 ? 342 ILE A CB  1 
ATOM   1018 C CG1 . ILE A 1 136 ? 8.954   -8.437  2.847   1.00 18.92 ? 342 ILE A CG1 1 
ATOM   1019 C CG2 . ILE A 1 136 ? 7.102   -7.691  1.352   1.00 20.23 ? 342 ILE A CG2 1 
ATOM   1020 C CD1 . ILE A 1 136 ? 9.179   -7.028  3.443   1.00 22.54 ? 342 ILE A CD1 1 
ATOM   1021 N N   . ASP A 1 137 ? 7.169   -10.643 -1.105  1.00 16.63 ? 343 ASP A N   1 
ATOM   1022 C CA  . ASP A 1 137 ? 7.054   -10.931 -2.528  1.00 24.05 ? 343 ASP A CA  1 
ATOM   1023 C C   . ASP A 1 137 ? 5.625   -10.869 -3.049  1.00 21.12 ? 343 ASP A C   1 
ATOM   1024 O O   . ASP A 1 137 ? 5.355   -11.232 -4.208  1.00 23.67 ? 343 ASP A O   1 
ATOM   1025 C CB  . ASP A 1 137 ? 7.653   -12.317 -2.810  1.00 22.00 ? 343 ASP A CB  1 
ATOM   1026 C CG  . ASP A 1 137 ? 6.839   -13.446 -2.209  1.00 25.79 ? 343 ASP A CG  1 
ATOM   1027 O OD1 . ASP A 1 137 ? 7.085   -14.606 -2.596  1.00 38.62 ? 343 ASP A OD1 1 
ATOM   1028 O OD2 . ASP A 1 137 ? 5.948   -13.198 -1.359  1.00 23.00 ? 343 ASP A OD2 1 
ATOM   1029 N N   . THR A 1 138 ? 4.717   -10.401 -2.196  1.00 17.42 ? 344 THR A N   1 
ATOM   1030 C CA  . THR A 1 138 ? 3.287   -10.507 -2.474  1.00 20.04 ? 344 THR A CA  1 
ATOM   1031 C C   . THR A 1 138 ? 2.548   -9.242  -2.073  1.00 19.44 ? 344 THR A C   1 
ATOM   1032 O O   . THR A 1 138 ? 2.792   -8.676  -1.001  1.00 16.23 ? 344 THR A O   1 
ATOM   1033 C CB  . THR A 1 138 ? 2.699   -11.725 -1.729  1.00 27.27 ? 344 THR A CB  1 
ATOM   1034 O OG1 . THR A 1 138 ? 3.351   -12.915 -2.198  1.00 28.70 ? 344 THR A OG1 1 
ATOM   1035 C CG2 . THR A 1 138 ? 1.193   -11.853 -1.957  1.00 23.30 ? 344 THR A CG2 1 
ATOM   1036 N N   . LEU A 1 139 ? 1.649   -8.800  -2.948  1.00 16.90 ? 345 LEU A N   1 
ATOM   1037 C CA  . LEU A 1 139 ? 0.847   -7.604  -2.727  1.00 18.34 ? 345 LEU A CA  1 
ATOM   1038 C C   . LEU A 1 139 ? -0.606  -8.044  -2.664  1.00 19.07 ? 345 LEU A C   1 
ATOM   1039 O O   . LEU A 1 139 ? -1.079  -8.766  -3.551  1.00 18.14 ? 345 LEU A O   1 
ATOM   1040 C CB  . LEU A 1 139 ? 1.039   -6.629  -3.894  1.00 19.66 ? 345 LEU A CB  1 
ATOM   1041 C CG  . LEU A 1 139 ? 0.148   -5.385  -3.942  1.00 22.65 ? 345 LEU A CG  1 
ATOM   1042 C CD1 . LEU A 1 139 ? 0.412   -4.464  -2.768  1.00 15.57 ? 345 LEU A CD1 1 
ATOM   1043 C CD2 . LEU A 1 139 ? 0.347   -4.639  -5.249  1.00 21.49 ? 345 LEU A CD2 1 
ATOM   1044 N N   . GLU A 1 140 ? -1.309  -7.643  -1.609  1.00 15.56 ? 346 GLU A N   1 
ATOM   1045 C CA  . GLU A 1 140 ? -2.735  -7.925  -1.518  1.00 15.45 ? 346 GLU A CA  1 
ATOM   1046 C C   . GLU A 1 140 ? -3.484  -6.640  -1.241  1.00 16.88 ? 346 GLU A C   1 
ATOM   1047 O O   . GLU A 1 140 ? -3.039  -5.804  -0.451  1.00 16.00 ? 346 GLU A O   1 
ATOM   1048 C CB  . GLU A 1 140 ? -3.024  -8.986  -0.448  1.00 19.86 ? 346 GLU A CB  1 
ATOM   1049 C CG  . GLU A 1 140 ? -2.367  -10.342 -0.766  1.00 21.92 ? 346 GLU A CG  1 
ATOM   1050 C CD  . GLU A 1 140 ? -2.729  -11.432 0.220   0.50 22.61 ? 346 GLU A CD  1 
ATOM   1051 O OE1 . GLU A 1 140 ? -2.486  -12.614 -0.099  0.71 23.67 ? 346 GLU A OE1 1 
ATOM   1052 O OE2 . GLU A 1 140 ? -3.251  -11.109 1.307   0.61 25.12 ? 346 GLU A OE2 1 
ATOM   1053 N N   . ILE A 1 141 ? -4.618  -6.479  -1.912  1.00 16.32 ? 347 ILE A N   1 
ATOM   1054 C CA  . ILE A 1 141 ? -5.402  -5.253  -1.814  1.00 14.99 ? 347 ILE A CA  1 
ATOM   1055 C C   . ILE A 1 141 ? -6.863  -5.659  -1.682  1.00 16.49 ? 347 ILE A C   1 
ATOM   1056 O O   . ILE A 1 141 ? -7.335  -6.550  -2.398  1.00 16.13 ? 347 ILE A O   1 
ATOM   1057 C CB  . ILE A 1 141 ? -5.218  -4.373  -3.080  1.00 14.56 ? 347 ILE A CB  1 
ATOM   1058 C CG1 . ILE A 1 141 ? -3.753  -3.982  -3.263  1.00 13.38 ? 347 ILE A CG1 1 
ATOM   1059 C CG2 . ILE A 1 141 ? -6.062  -3.108  -2.997  1.00 13.96 ? 347 ILE A CG2 1 
ATOM   1060 C CD1 . ILE A 1 141 ? -3.471  -3.172  -4.518  1.00 14.14 ? 347 ILE A CD1 1 
ATOM   1061 N N   . ASN A 1 142 ? -7.595  -5.017  -0.779  1.00 15.87 ? 348 ASN A N   1 
ATOM   1062 C CA  . ASN A 1 142 ? -8.999  -5.362  -0.608  1.00 15.22 ? 348 ASN A CA  1 
ATOM   1063 C C   . ASN A 1 142 ? -9.764  -4.151  -0.087  1.00 18.35 ? 348 ASN A C   1 
ATOM   1064 O O   . ASN A 1 142 ? -9.159  -3.149  0.310   1.00 15.40 ? 348 ASN A O   1 
ATOM   1065 C CB  . ASN A 1 142 ? -9.130  -6.551  0.367   1.00 14.70 ? 348 ASN A CB  1 
ATOM   1066 C CG  . ASN A 1 142 ? -10.506 -7.214  0.315   1.00 23.23 ? 348 ASN A CG  1 
ATOM   1067 O OD1 . ASN A 1 142 ? -11.310 -6.939  -0.580  1.00 21.15 ? 348 ASN A OD1 1 
ATOM   1068 N ND2 . ASN A 1 142 ? -10.768 -8.111  1.258   1.00 21.05 ? 348 ASN A ND2 1 
ATOM   1069 N N   . GLY A 1 143 ? -11.092 -4.232  -0.080  1.00 13.99 ? 349 GLY A N   1 
ATOM   1070 C CA  . GLY A 1 143 ? -11.892 -3.172  0.509   1.00 13.61 ? 349 GLY A CA  1 
ATOM   1071 C C   . GLY A 1 143 ? -12.633 -2.308  -0.498  1.00 15.64 ? 349 GLY A C   1 
ATOM   1072 O O   . GLY A 1 143 ? -12.792 -2.671  -1.669  1.00 15.07 ? 349 GLY A O   1 
ATOM   1073 N N   . ASP A 1 144 ? -13.089 -1.151  -0.031  1.00 14.30 ? 350 ASP A N   1 
ATOM   1074 C CA  . ASP A 1 144 ? -14.081 -0.363  -0.747  1.00 15.53 ? 350 ASP A CA  1 
ATOM   1075 C C   . ASP A 1 144 ? -13.458 0.604   -1.753  1.00 16.03 ? 350 ASP A C   1 
ATOM   1076 O O   . ASP A 1 144 ? -13.596 1.822   -1.628  1.00 11.76 ? 350 ASP A O   1 
ATOM   1077 C CB  . ASP A 1 144 ? -14.951 0.383   0.280   1.00 11.19 ? 350 ASP A CB  1 
ATOM   1078 C CG  . ASP A 1 144 ? -15.514 -0.563  1.355   1.00 16.10 ? 350 ASP A CG  1 
ATOM   1079 O OD1 . ASP A 1 144 ? -15.806 -0.132  2.490   1.00 14.01 ? 350 ASP A OD1 1 
ATOM   1080 O OD2 . ASP A 1 144 ? -15.658 -1.762  1.060   1.00 15.27 ? 350 ASP A OD2 1 
ATOM   1081 N N   . ILE A 1 145 ? -12.790 0.058   -2.763  1.00 15.53 ? 351 ILE A N   1 
ATOM   1082 C CA  . ILE A 1 145 ? -12.150 0.887   -3.781  1.00 12.00 ? 351 ILE A CA  1 
ATOM   1083 C C   . ILE A 1 145 ? -12.355 0.329   -5.183  1.00 14.60 ? 351 ILE A C   1 
ATOM   1084 O O   . ILE A 1 145 ? -12.719 -0.838  -5.363  1.00 11.72 ? 351 ILE A O   1 
ATOM   1085 C CB  . ILE A 1 145 ? -10.621 1.021   -3.553  1.00 13.08 ? 351 ILE A CB  1 
ATOM   1086 C CG1 . ILE A 1 145 ? -9.945  -0.351  -3.624  1.00 13.28 ? 351 ILE A CG1 1 
ATOM   1087 C CG2 . ILE A 1 145 ? -10.329 1.731   -2.221  1.00 13.86 ? 351 ILE A CG2 1 
ATOM   1088 C CD1 . ILE A 1 145 ? -8.400  -0.279  -3.758  1.00 16.11 ? 351 ILE A CD1 1 
ATOM   1089 N N   . HIS A 1 146 ? -12.118 1.189   -6.168  1.00 13.57 ? 352 HIS A N   1 
ATOM   1090 C CA  . HIS A 1 146 ? -11.996 0.778   -7.556  1.00 16.15 ? 352 HIS A CA  1 
ATOM   1091 C C   . HIS A 1 146 ? -10.510 0.813   -7.872  1.00 15.36 ? 352 HIS A C   1 
ATOM   1092 O O   . HIS A 1 146 ? -9.910  1.891   -7.882  1.00 15.42 ? 352 HIS A O   1 
ATOM   1093 C CB  . HIS A 1 146 ? -12.714 1.789   -8.462  1.00 13.65 ? 352 HIS A CB  1 
ATOM   1094 C CG  . HIS A 1 146 ? -12.712 1.405   -9.909  1.00 15.74 ? 352 HIS A CG  1 
ATOM   1095 N ND1 . HIS A 1 146 ? -12.941 2.316   -10.919 1.00 16.59 ? 352 HIS A ND1 1 
ATOM   1096 C CD2 . HIS A 1 146 ? -12.549 0.205   -10.514 1.00 13.87 ? 352 HIS A CD2 1 
ATOM   1097 C CE1 . HIS A 1 146 ? -12.894 1.695   -12.086 1.00 16.99 ? 352 HIS A CE1 1 
ATOM   1098 N NE2 . HIS A 1 146 ? -12.663 0.412   -11.868 1.00 15.54 ? 352 HIS A NE2 1 
ATOM   1099 N N   . LEU A 1 147 ? -9.906  -0.343  -8.120  1.00 14.34 ? 353 LEU A N   1 
ATOM   1100 C CA  . LEU A 1 147 ? -8.478  -0.386  -8.431  1.00 13.46 ? 353 LEU A CA  1 
ATOM   1101 C C   . LEU A 1 147 ? -8.329  -0.125  -9.925  1.00 16.61 ? 353 LEU A C   1 
ATOM   1102 O O   . LEU A 1 147 ? -9.110  -0.647  -10.733 1.00 20.27 ? 353 LEU A O   1 
ATOM   1103 C CB  . LEU A 1 147 ? -7.925  -1.770  -8.063  1.00 17.15 ? 353 LEU A CB  1 
ATOM   1104 C CG  . LEU A 1 147 ? -6.437  -2.074  -7.949  1.00 24.01 ? 353 LEU A CG  1 
ATOM   1105 C CD1 . LEU A 1 147 ? -5.742  -1.075  -7.016  1.00 20.12 ? 353 LEU A CD1 1 
ATOM   1106 C CD2 . LEU A 1 147 ? -6.263  -3.498  -7.448  1.00 20.20 ? 353 LEU A CD2 1 
ATOM   1107 N N   . LEU A 1 148 ? -7.352  0.686   -10.312 1.00 13.16 ? 354 LEU A N   1 
ATOM   1108 C CA  . LEU A 1 148 ? -7.149  0.968   -11.733 1.00 18.86 ? 354 LEU A CA  1 
ATOM   1109 C C   . LEU A 1 148 ? -5.879  0.310   -12.251 1.00 15.51 ? 354 LEU A C   1 
ATOM   1110 O O   . LEU A 1 148 ? -5.859  -0.232  -13.358 1.00 18.95 ? 354 LEU A O   1 
ATOM   1111 C CB  . LEU A 1 148 ? -7.081  2.474   -11.982 1.00 14.14 ? 354 LEU A CB  1 
ATOM   1112 C CG  . LEU A 1 148 ? -8.361  3.227   -11.640 1.00 18.02 ? 354 LEU A CG  1 
ATOM   1113 C CD1 . LEU A 1 148 ? -8.137  4.738   -11.703 1.00 17.00 ? 354 LEU A CD1 1 
ATOM   1114 C CD2 . LEU A 1 148 ? -9.464  2.821   -12.590 1.00 20.82 ? 354 LEU A CD2 1 
ATOM   1115 N N   . GLU A 1 149 ? -4.822  0.353   -11.447 1.00 15.37 ? 355 GLU A N   1 
ATOM   1116 C CA  . GLU A 1 149 ? -3.537  -0.171  -11.883 1.00 15.94 ? 355 GLU A CA  1 
ATOM   1117 C C   . GLU A 1 149 ? -2.595  -0.339  -10.709 1.00 20.70 ? 355 GLU A C   1 
ATOM   1118 O O   . GLU A 1 149 ? -2.643  0.432   -9.743  1.00 16.61 ? 355 GLU A O   1 
ATOM   1119 C CB  . GLU A 1 149 ? -2.912  0.787   -12.894 1.00 19.65 ? 355 GLU A CB  1 
ATOM   1120 C CG  . GLU A 1 149 ? -1.638  0.294   -13.528 1.00 23.28 ? 355 GLU A CG  1 
ATOM   1121 C CD  . GLU A 1 149 ? -1.106  1.281   -14.542 1.00 32.24 ? 355 GLU A CD  1 
ATOM   1122 O OE1 . GLU A 1 149 ? -1.260  1.034   -15.753 1.00 38.87 ? 355 GLU A OE1 1 
ATOM   1123 O OE2 . GLU A 1 149 ? -0.548  2.312   -14.128 1.00 35.33 ? 355 GLU A OE2 1 
ATOM   1124 N N   . VAL A 1 150 ? -1.751  -1.363  -10.785 1.00 14.90 ? 356 VAL A N   1 
ATOM   1125 C CA  . VAL A 1 150 ? -0.620  -1.489  -9.878  1.00 17.32 ? 356 VAL A CA  1 
ATOM   1126 C C   . VAL A 1 150 ? 0.644   -1.536  -10.735 1.00 21.96 ? 356 VAL A C   1 
ATOM   1127 O O   . VAL A 1 150 ? 0.663   -2.165  -11.804 1.00 20.23 ? 356 VAL A O   1 
ATOM   1128 C CB  . VAL A 1 150 ? -0.709  -2.767  -9.013  1.00 21.78 ? 356 VAL A CB  1 
ATOM   1129 C CG1 . VAL A 1 150 ? 0.615   -3.035  -8.330  1.00 24.76 ? 356 VAL A CG1 1 
ATOM   1130 C CG2 . VAL A 1 150 ? -1.827  -2.644  -7.967  1.00 16.64 ? 356 VAL A CG2 1 
ATOM   1131 N N   . ARG A 1 151 ? 1.684   -0.838  -10.298 1.00 17.36 ? 357 ARG A N   1 
ATOM   1132 C CA  . ARG A 1 151 ? 2.986   -0.944  -10.952 1.00 22.51 ? 357 ARG A CA  1 
ATOM   1133 C C   . ARG A 1 151 ? 4.074   -1.099  -9.904  1.00 26.15 ? 357 ARG A C   1 
ATOM   1134 O O   . ARG A 1 151 ? 3.938   -0.621  -8.766  1.00 21.27 ? 357 ARG A O   1 
ATOM   1135 C CB  . ARG A 1 151 ? 3.286   0.297   -11.802 1.00 29.18 ? 357 ARG A CB  1 
ATOM   1136 C CG  . ARG A 1 151 ? 2.151   0.750   -12.682 1.00 31.65 ? 357 ARG A CG  1 
ATOM   1137 C CD  . ARG A 1 151 ? 2.597   1.888   -13.571 1.00 39.42 ? 357 ARG A CD  1 
ATOM   1138 N NE  . ARG A 1 151 ? 3.651   1.441   -14.467 1.00 43.05 ? 357 ARG A NE  1 
ATOM   1139 C CZ  . ARG A 1 151 ? 3.480   1.197   -15.761 1.00 46.07 ? 357 ARG A CZ  1 
ATOM   1140 N NH1 . ARG A 1 151 ? 2.292   1.381   -16.330 1.00 42.02 ? 357 ARG A NH1 1 
ATOM   1141 N NH2 . ARG A 1 151 ? 4.506   0.781   -16.490 1.00 46.73 ? 357 ARG A NH2 1 
ATOM   1142 N N   . SER A 1 152 ? 5.162   -1.760  -10.283 1.00 25.81 ? 358 SER A N   1 
ATOM   1143 C CA  . SER A 1 152 ? 6.307   -1.864  -9.399  1.00 24.01 ? 358 SER A CA  1 
ATOM   1144 C C   . SER A 1 152 ? 7.588   -1.820  -10.201 1.00 33.83 ? 358 SER A C   1 
ATOM   1145 O O   . SER A 1 152 ? 7.639   -2.283  -11.345 1.00 27.20 ? 358 SER A O   1 
ATOM   1146 C CB  . SER A 1 152 ? 6.244   -3.137  -8.557  1.00 27.44 ? 358 SER A CB  1 
ATOM   1147 O OG  . SER A 1 152 ? 6.089   -4.276  -9.372  1.00 39.84 ? 358 SER A OG  1 
ATOM   1148 N N   . TRP A 1 153 ? 8.613   -1.233  -9.599  1.00 30.80 ? 359 TRP A N   1 
ATOM   1149 C CA  . TRP A 1 153 ? 9.909   -1.092  -10.241 1.00 34.75 ? 359 TRP A CA  1 
ATOM   1150 C C   . TRP A 1 153 ? 10.953  -0.908  -9.154  1.00 42.27 ? 359 TRP A C   1 
ATOM   1151 O O   . TRP A 1 153 ? 10.726  -1.354  -8.020  1.00 34.97 ? 359 TRP A O   1 
ATOM   1152 C CB  . TRP A 1 153 ? 9.926   0.080   -11.235 1.00 31.89 ? 359 TRP A CB  1 
ATOM   1153 C CG  . TRP A 1 153 ? 9.691   1.430   -10.630 1.00 32.39 ? 359 TRP A CG  1 
ATOM   1154 C CD1 . TRP A 1 153 ? 10.620  2.248   -10.047 1.00 33.21 ? 359 TRP A CD1 1 
ATOM   1155 C CD2 . TRP A 1 153 ? 8.446   2.132   -10.569 1.00 31.27 ? 359 TRP A CD2 1 
ATOM   1156 N NE1 . TRP A 1 153 ? 10.022  3.410   -9.618  1.00 33.80 ? 359 TRP A NE1 1 
ATOM   1157 C CE2 . TRP A 1 153 ? 8.686   3.363   -9.928  1.00 29.85 ? 359 TRP A CE2 1 
ATOM   1158 C CE3 . TRP A 1 153 ? 7.147   1.834   -10.986 1.00 32.62 ? 359 TRP A CE3 1 
ATOM   1159 C CZ2 . TRP A 1 153 ? 7.678   4.290   -9.695  1.00 28.35 ? 359 TRP A CZ2 1 
ATOM   1160 C CZ3 . TRP A 1 153 ? 6.148   2.752   -10.758 1.00 35.11 ? 359 TRP A CZ3 1 
ATOM   1161 C CH2 . TRP A 1 153 ? 6.414   3.966   -10.115 1.00 35.50 ? 359 TRP A CH2 1 
ATOM   1162 O OXT . TRP A 1 153 ? 12.024  -0.337  -9.387  1.00 44.14 ? 359 TRP A OXT 1 
ATOM   1163 N N   . ASN B 2 4   ? 7.205   5.286   -18.561 1.00 40.33 ? 371 ASN B N   1 
ATOM   1164 C CA  . ASN B 2 4   ? 6.375   6.209   -17.791 1.00 41.08 ? 371 ASN B CA  1 
ATOM   1165 C C   . ASN B 2 4   ? 5.487   5.454   -16.799 1.00 31.11 ? 371 ASN B C   1 
ATOM   1166 O O   . ASN B 2 4   ? 4.717   4.584   -17.198 1.00 39.65 ? 371 ASN B O   1 
ATOM   1167 C CB  . ASN B 2 4   ? 5.524   7.078   -18.731 1.00 42.83 ? 371 ASN B CB  1 
ATOM   1168 C CG  . ASN B 2 4   ? 4.980   8.330   -18.047 1.00 43.81 ? 371 ASN B CG  1 
ATOM   1169 O OD1 . ASN B 2 4   ? 4.544   8.285   -16.894 1.00 39.65 ? 371 ASN B OD1 1 
ATOM   1170 N ND2 . ASN B 2 4   ? 5.008   9.459   -18.761 1.00 37.20 ? 371 ASN B ND2 1 
ATOM   1171 N N   . PRO B 2 5   ? 5.614   5.773   -15.498 1.00 34.96 ? 372 PRO B N   1 
ATOM   1172 C CA  . PRO B 2 5   ? 4.785   5.153   -14.457 1.00 34.94 ? 372 PRO B CA  1 
ATOM   1173 C C   . PRO B 2 5   ? 3.359   5.708   -14.423 1.00 32.24 ? 372 PRO B C   1 
ATOM   1174 O O   . PRO B 2 5   ? 2.535   5.192   -13.664 1.00 27.67 ? 372 PRO B O   1 
ATOM   1175 C CB  . PRO B 2 5   ? 5.516   5.522   -13.163 1.00 28.54 ? 372 PRO B CB  1 
ATOM   1176 C CG  . PRO B 2 5   ? 6.247   6.791   -13.489 1.00 28.82 ? 372 PRO B CG  1 
ATOM   1177 C CD  . PRO B 2 5   ? 6.663   6.641   -14.930 1.00 35.19 ? 372 PRO B CD  1 
ATOM   1178 N N   . GLY B 2 6   ? 3.076   6.745   -15.218 1.00 28.23 ? 373 GLY B N   1 
ATOM   1179 C CA  . GLY B 2 6   ? 1.736   7.308   -15.291 1.00 27.75 ? 373 GLY B CA  1 
ATOM   1180 C C   . GLY B 2 6   ? 1.218   7.840   -13.965 1.00 22.04 ? 373 GLY B C   1 
ATOM   1181 O O   . GLY B 2 6   ? 0.145   7.447   -13.499 1.00 22.46 ? 373 GLY B O   1 
ATOM   1182 N N   . LEU B 2 7   ? 1.981   8.742   -13.362 1.00 16.84 ? 374 LEU B N   1 
ATOM   1183 C CA  . LEU B 2 7   ? 1.653   9.306   -12.060 1.00 19.82 ? 374 LEU B CA  1 
ATOM   1184 C C   . LEU B 2 7   ? 1.114   10.715  -12.223 1.00 22.17 ? 374 LEU B C   1 
ATOM   1185 O O   . LEU B 2 7   ? 1.854   11.641  -12.540 1.00 20.71 ? 374 LEU B O   1 
ATOM   1186 C CB  . LEU B 2 7   ? 2.902   9.345   -11.167 1.00 19.81 ? 374 LEU B CB  1 
ATOM   1187 C CG  . LEU B 2 7   ? 3.553   8.002   -10.840 1.00 23.40 ? 374 LEU B CG  1 
ATOM   1188 C CD1 . LEU B 2 7   ? 4.856   8.203   -10.083 1.00 22.64 ? 374 LEU B CD1 1 
ATOM   1189 C CD2 . LEU B 2 7   ? 2.606   7.163   -10.020 1.00 21.46 ? 374 LEU B CD2 1 
ATOM   1190 N N   . ALA B 2 8   ? -0.177  10.887  -11.989 1.00 20.01 ? 375 ALA B N   1 
ATOM   1191 C CA  . ALA B 2 8   ? -0.779  12.204  -12.137 1.00 22.90 ? 375 ALA B CA  1 
ATOM   1192 C C   . ALA B 2 8   ? -0.171  13.182  -11.122 1.00 25.99 ? 375 ALA B C   1 
ATOM   1193 O O   . ALA B 2 8   ? -0.071  14.384  -11.382 1.00 23.02 ? 375 ALA B O   1 
ATOM   1194 C CB  . ALA B 2 8   ? -2.297  12.100  -11.988 1.00 21.09 ? 375 ALA B CB  1 
ATOM   1195 N N   . TYR B 2 9   ? 0.270   12.662  -9.976  1.00 18.50 ? 376 TYR B N   1 
ATOM   1196 C CA  . TYR B 2 9   ? 0.794   13.519  -8.907  1.00 22.87 ? 376 TYR B CA  1 
ATOM   1197 C C   . TYR B 2 9   ? 2.316   13.525  -8.755  1.00 22.12 ? 376 TYR B C   1 
ATOM   1198 O O   . TYR B 2 9   ? 2.849   14.191  -7.870  1.00 25.61 ? 376 TYR B O   1 
ATOM   1199 C CB  . TYR B 2 9   ? 0.158   13.127  -7.574  1.00 23.36 ? 376 TYR B CB  1 
ATOM   1200 C CG  . TYR B 2 9   ? -1.309  13.462  -7.485  1.00 21.32 ? 376 TYR B CG  1 
ATOM   1201 C CD1 . TYR B 2 9   ? -1.730  14.782  -7.326  1.00 23.32 ? 376 TYR B CD1 1 
ATOM   1202 C CD2 . TYR B 2 9   ? -2.274  12.467  -7.557  1.00 21.56 ? 376 TYR B CD2 1 
ATOM   1203 C CE1 . TYR B 2 9   ? -3.076  15.099  -7.234  1.00 25.02 ? 376 TYR B CE1 1 
ATOM   1204 C CE2 . TYR B 2 9   ? -3.618  12.776  -7.474  1.00 20.78 ? 376 TYR B CE2 1 
ATOM   1205 C CZ  . TYR B 2 9   ? -4.010  14.093  -7.309  1.00 25.93 ? 376 TYR B CZ  1 
ATOM   1206 O OH  . TYR B 2 9   ? -5.351  14.400  -7.225  1.00 29.97 ? 376 TYR B OH  1 
ATOM   1207 N N   . GLY B 2 10  ? 3.014   12.787  -9.610  1.00 23.89 ? 377 GLY B N   1 
ATOM   1208 C CA  . GLY B 2 10  ? 4.456   12.670  -9.503  1.00 24.81 ? 377 GLY B CA  1 
ATOM   1209 C C   . GLY B 2 10  ? 4.926   11.742  -8.393  1.00 31.77 ? 377 GLY B C   1 
ATOM   1210 O O   . GLY B 2 10  ? 4.121   11.116  -7.684  1.00 22.08 ? 377 GLY B O   1 
ATOM   1211 N N   . ASN B 2 11  ? 6.245   11.660  -8.242  1.00 22.11 ? 378 ASN B N   1 
ATOM   1212 C CA  . ASN B 2 11  ? 6.864   10.749  -7.288  1.00 27.01 ? 378 ASN B CA  1 
ATOM   1213 C C   . ASN B 2 11  ? 7.863   11.519  -6.426  1.00 27.83 ? 378 ASN B C   1 
ATOM   1214 O O   . ASN B 2 11  ? 8.929   11.889  -6.909  1.00 28.19 ? 378 ASN B O   1 
ATOM   1215 C CB  . ASN B 2 11  ? 7.565   9.616   -8.051  1.00 22.16 ? 378 ASN B CB  1 
ATOM   1216 C CG  . ASN B 2 11  ? 8.227   8.594   -7.129  1.00 23.90 ? 378 ASN B CG  1 
ATOM   1217 O OD1 . ASN B 2 11  ? 8.230   8.742   -5.903  1.00 19.28 ? 378 ASN B OD1 1 
ATOM   1218 N ND2 . ASN B 2 11  ? 8.790   7.545   -7.722  1.00 22.60 ? 378 ASN B ND2 1 
ATOM   1219 N N   . PRO B 2 12  ? 7.527   11.746  -5.142  1.00 24.61 ? 379 PRO B N   1 
ATOM   1220 C CA  . PRO B 2 12  ? 8.388   12.511  -4.226  1.00 27.49 ? 379 PRO B CA  1 
ATOM   1221 C C   . PRO B 2 12  ? 9.671   11.769  -3.881  1.00 29.57 ? 379 PRO B C   1 
ATOM   1222 O O   . PRO B 2 12  ? 10.552  12.343  -3.242  1.00 32.95 ? 379 PRO B O   1 
ATOM   1223 C CB  . PRO B 2 12  ? 7.533   12.638  -2.966  1.00 24.14 ? 379 PRO B CB  1 
ATOM   1224 C CG  . PRO B 2 12  ? 6.647   11.405  -2.996  1.00 20.47 ? 379 PRO B CG  1 
ATOM   1225 C CD  . PRO B 2 12  ? 6.340   11.191  -4.459  1.00 22.92 ? 379 PRO B CD  1 
ATOM   1226 N N   . TYR B 2 13  ? 9.776   10.508  -4.291  1.00 26.05 ? 380 TYR B N   1 
ATOM   1227 C CA  . TYR B 2 13  ? 10.956  9.718   -3.958  1.00 28.35 ? 380 TYR B CA  1 
ATOM   1228 C C   . TYR B 2 13  ? 11.923  9.594   -5.139  1.00 33.17 ? 380 TYR B C   1 
ATOM   1229 O O   . TYR B 2 13  ? 12.974  8.962   -5.019  1.00 31.34 ? 380 TYR B O   1 
ATOM   1230 C CB  . TYR B 2 13  ? 10.538  8.338   -3.444  1.00 24.81 ? 380 TYR B CB  1 
ATOM   1231 C CG  . TYR B 2 13  ? 9.534   8.406   -2.302  1.00 23.17 ? 380 TYR B CG  1 
ATOM   1232 C CD1 . TYR B 2 13  ? 8.329   7.710   -2.369  1.00 19.04 ? 380 TYR B CD1 1 
ATOM   1233 C CD2 . TYR B 2 13  ? 9.790   9.167   -1.167  1.00 21.84 ? 380 TYR B CD2 1 
ATOM   1234 C CE1 . TYR B 2 13  ? 7.408   7.767   -1.338  1.00 18.61 ? 380 TYR B CE1 1 
ATOM   1235 C CE2 . TYR B 2 13  ? 8.872   9.236   -0.125  1.00 18.29 ? 380 TYR B CE2 1 
ATOM   1236 C CZ  . TYR B 2 13  ? 7.684   8.530   -0.222  1.00 18.02 ? 380 TYR B CZ  1 
ATOM   1237 O OH  . TYR B 2 13  ? 6.761   8.587   0.802   1.00 15.35 ? 380 TYR B OH  1 
ATOM   1238 N N   . SER B 2 14  ? 11.576  10.193  -6.276  1.00 30.81 ? 381 SER B N   1 
ATOM   1239 C CA  . SER B 2 14  ? 12.464  10.144  -7.442  1.00 41.59 ? 381 SER B CA  1 
ATOM   1240 C C   . SER B 2 14  ? 13.526  11.236  -7.349  1.00 43.09 ? 381 SER B C   1 
ATOM   1241 O O   . SER B 2 14  ? 13.243  12.349  -6.891  1.00 44.33 ? 381 SER B O   1 
ATOM   1242 C CB  . SER B 2 14  ? 11.683  10.288  -8.753  1.00 34.81 ? 381 SER B CB  1 
ATOM   1243 O OG  . SER B 2 14  ? 11.135  11.591  -8.867  1.00 49.54 ? 381 SER B OG  1 
HETATM 1244 C C1  . GOL C 3 .   ? -15.842 -5.697  -4.941  1.00 17.45 ? 401 GOL A C1  1 
HETATM 1245 O O1  . GOL C 3 .   ? -14.902 -5.705  -6.002  1.00 17.25 ? 401 GOL A O1  1 
HETATM 1246 C C2  . GOL C 3 .   ? -16.297 -4.270  -4.661  1.00 18.72 ? 401 GOL A C2  1 
HETATM 1247 O O2  . GOL C 3 .   ? -16.951 -3.698  -5.785  1.00 15.54 ? 401 GOL A O2  1 
HETATM 1248 C C3  . GOL C 3 .   ? -15.094 -3.412  -4.294  1.00 17.23 ? 401 GOL A C3  1 
HETATM 1249 O O3  . GOL C 3 .   ? -15.573 -2.112  -4.000  1.00 21.26 ? 401 GOL A O3  1 
HETATM 1250 C C1  . GOL D 3 .   ? -6.196  -5.164  10.951  1.00 27.53 ? 402 GOL A C1  1 
HETATM 1251 O O1  . GOL D 3 .   ? -6.677  -4.029  10.254  1.00 24.36 ? 402 GOL A O1  1 
HETATM 1252 C C2  . GOL D 3 .   ? -5.602  -4.782  12.312  1.00 24.33 ? 402 GOL A C2  1 
HETATM 1253 O O2  . GOL D 3 .   ? -6.597  -4.237  13.157  1.00 24.81 ? 402 GOL A O2  1 
HETATM 1254 C C3  . GOL D 3 .   ? -4.470  -3.774  12.158  1.00 20.12 ? 402 GOL A C3  1 
HETATM 1255 O O3  . GOL D 3 .   ? -3.936  -3.479  13.435  1.00 22.81 ? 402 GOL A O3  1 
HETATM 1256 O O   . HOH E 4 .   ? 1.611   9.380   -4.539  1.00 17.64 ? 501 HOH A O   1 
HETATM 1257 O O   . HOH E 4 .   ? -19.773 2.083   -4.476  1.00 13.46 ? 502 HOH A O   1 
HETATM 1258 O O   . HOH E 4 .   ? -4.610  7.810   11.944  1.00 17.72 ? 503 HOH A O   1 
HETATM 1259 O O   . HOH E 4 .   ? 9.542   -4.877  6.405   1.00 15.85 ? 504 HOH A O   1 
HETATM 1260 O O   . HOH E 4 .   ? -11.782 -9.969  -11.258 1.00 18.73 ? 505 HOH A O   1 
HETATM 1261 O O   . HOH E 4 .   ? 7.860   3.460   12.199  1.00 19.70 ? 506 HOH A O   1 
HETATM 1262 O O   . HOH E 4 .   ? 2.525   6.474   14.618  1.00 17.79 ? 507 HOH A O   1 
HETATM 1263 O O   . HOH E 4 .   ? -10.931 -2.805  -9.522  1.00 12.91 ? 508 HOH A O   1 
HETATM 1264 O O   . HOH E 4 .   ? -8.181  12.514  10.658  0.55 14.54 ? 509 HOH A O   1 
HETATM 1265 O O   . HOH E 4 .   ? 7.484   -0.149  12.578  1.00 16.95 ? 510 HOH A O   1 
HETATM 1266 O O   . HOH E 4 .   ? -17.684 7.099   2.598   1.00 24.87 ? 511 HOH A O   1 
HETATM 1267 O O   . HOH E 4 .   ? -6.728  14.603  9.051   1.00 24.77 ? 512 HOH A O   1 
HETATM 1268 O O   . HOH E 4 .   ? -7.640  -1.517  15.366  1.00 25.76 ? 513 HOH A O   1 
HETATM 1269 O O   . HOH E 4 .   ? -11.357 12.679  4.095   1.00 26.57 ? 514 HOH A O   1 
HETATM 1270 O O   . HOH E 4 .   ? 0.054   5.634   16.892  1.00 23.82 ? 515 HOH A O   1 
HETATM 1271 O O   . HOH E 4 .   ? 0.818   11.877  7.552   1.00 22.85 ? 516 HOH A O   1 
HETATM 1272 O O   . HOH E 4 .   ? -1.800  -3.389  -12.544 1.00 22.91 ? 517 HOH A O   1 
HETATM 1273 O O   . HOH E 4 .   ? -4.253  13.394  -0.385  1.00 24.93 ? 518 HOH A O   1 
HETATM 1274 O O   . HOH E 4 .   ? -17.013 -1.662  4.058   1.00 22.17 ? 519 HOH A O   1 
HETATM 1275 O O   . HOH E 4 .   ? 6.459   15.050  -0.142  1.00 25.15 ? 520 HOH A O   1 
HETATM 1276 O O   . HOH E 4 .   ? -1.969  -0.989  18.951  1.00 26.76 ? 521 HOH A O   1 
HETATM 1277 O O   . HOH E 4 .   ? 16.555  3.760   5.476   1.00 26.19 ? 522 HOH A O   1 
HETATM 1278 O O   . HOH E 4 .   ? 16.049  -10.504 2.503   1.00 26.09 ? 523 HOH A O   1 
HETATM 1279 O O   . HOH E 4 .   ? -16.584 11.306  5.077   1.00 26.17 ? 524 HOH A O   1 
HETATM 1280 O O   . HOH E 4 .   ? 16.400  -5.576  7.113   1.00 25.78 ? 525 HOH A O   1 
HETATM 1281 O O   . HOH E 4 .   ? -5.160  -7.764  6.052   1.00 31.69 ? 526 HOH A O   1 
HETATM 1282 O O   . HOH E 4 .   ? 8.445   -15.375 1.350   1.00 26.36 ? 527 HOH A O   1 
HETATM 1283 O O   . HOH E 4 .   ? 4.596   -4.363  17.728  1.00 28.84 ? 528 HOH A O   1 
HETATM 1284 O O   . HOH E 4 .   ? 18.837  4.855   3.587   1.00 43.63 ? 529 HOH A O   1 
HETATM 1285 O O   . HOH E 4 .   ? -13.344 7.902   -13.355 1.00 33.98 ? 530 HOH A O   1 
HETATM 1286 O O   . HOH E 4 .   ? 4.004   4.446   10.376  1.00 14.61 ? 531 HOH A O   1 
HETATM 1287 O O   . HOH E 4 .   ? 7.843   -4.761  8.419   1.00 16.14 ? 532 HOH A O   1 
HETATM 1288 O O   . HOH E 4 .   ? -0.773  12.146  5.407   1.00 20.32 ? 533 HOH A O   1 
HETATM 1289 O O   . HOH E 4 .   ? -9.552  -5.037  -15.677 1.00 19.66 ? 534 HOH A O   1 
HETATM 1290 O O   . HOH E 4 .   ? -11.229 -11.440 -6.042  1.00 23.18 ? 535 HOH A O   1 
HETATM 1291 O O   . HOH E 4 .   ? 14.786  -0.470  10.636  1.00 28.09 ? 536 HOH A O   1 
HETATM 1292 O O   . HOH E 4 .   ? 5.190   14.278  -6.065  1.00 31.86 ? 537 HOH A O   1 
HETATM 1293 O O   . HOH E 4 .   ? -18.523 5.598   -5.696  1.00 24.94 ? 538 HOH A O   1 
HETATM 1294 O O   . HOH E 4 .   ? 4.665   6.253   13.324  1.00 33.42 ? 539 HOH A O   1 
HETATM 1295 O O   . HOH E 4 .   ? -10.475 -1.808  8.337   1.00 34.73 ? 540 HOH A O   1 
HETATM 1296 O O   . HOH E 4 .   ? 5.543   8.654   9.917   1.00 31.43 ? 541 HOH A O   1 
HETATM 1297 O O   . HOH E 4 .   ? 12.223  -15.340 5.506   1.00 37.40 ? 542 HOH A O   1 
HETATM 1298 O O   . HOH E 4 .   ? 10.920  -13.738 -2.541  1.00 32.05 ? 543 HOH A O   1 
HETATM 1299 O O   . HOH E 4 .   ? -16.448 -3.387  -1.018  1.00 25.15 ? 544 HOH A O   1 
HETATM 1300 O O   . HOH E 4 .   ? -4.084  -5.289  -18.937 1.00 32.37 ? 545 HOH A O   1 
HETATM 1301 O O   . HOH E 4 .   ? -10.490 -2.740  5.989   1.00 36.22 ? 546 HOH A O   1 
HETATM 1302 O O   . HOH E 4 .   ? -3.862  -9.364  3.059   1.00 32.33 ? 547 HOH A O   1 
HETATM 1303 O O   . HOH E 4 .   ? -4.358  15.839  3.033   1.00 36.57 ? 548 HOH A O   1 
HETATM 1304 O O   . HOH E 4 .   ? -18.110 -9.776  -12.298 1.00 32.66 ? 549 HOH A O   1 
HETATM 1305 O O   . HOH E 4 .   ? -19.617 4.333   -3.768  1.00 22.42 ? 550 HOH A O   1 
HETATM 1306 O O   . HOH E 4 .   ? -2.014  16.137  -3.621  1.00 35.15 ? 551 HOH A O   1 
HETATM 1307 O O   . HOH E 4 .   ? -6.209  -8.115  1.974   1.00 32.23 ? 552 HOH A O   1 
HETATM 1308 O O   . HOH E 4 .   ? 5.025   10.325  14.254  1.00 35.13 ? 553 HOH A O   1 
HETATM 1309 O O   . HOH E 4 .   ? -3.039  -0.254  -17.189 1.00 34.36 ? 554 HOH A O   1 
HETATM 1310 O O   . HOH E 4 .   ? -15.268 -7.818  -13.015 1.00 31.63 ? 555 HOH A O   1 
HETATM 1311 O O   . HOH E 4 .   ? 3.026   9.839   9.801   1.00 33.59 ? 556 HOH A O   1 
HETATM 1312 O O   . HOH E 4 .   ? -6.814  -6.525  -17.786 1.00 30.34 ? 557 HOH A O   1 
HETATM 1313 O O   . HOH E 4 .   ? -1.745  13.812  0.215   1.00 34.55 ? 558 HOH A O   1 
HETATM 1314 O O   . HOH E 4 .   ? 2.129   -14.304 10.646  1.00 34.80 ? 559 HOH A O   1 
HETATM 1315 O O   . HOH E 4 .   ? -10.174 -3.852  3.654   1.00 30.75 ? 560 HOH A O   1 
HETATM 1316 O O   . HOH E 4 .   ? -0.812  -6.344  -11.935 1.00 37.78 ? 561 HOH A O   1 
HETATM 1317 O O   . HOH E 4 .   ? 11.630  -2.707  13.988  1.00 34.76 ? 562 HOH A O   1 
HETATM 1318 O O   . HOH E 4 .   ? -16.242 0.143   12.674  1.00 46.91 ? 563 HOH A O   1 
HETATM 1319 O O   . HOH E 4 .   ? -13.103 0.951   9.856   1.00 36.00 ? 564 HOH A O   1 
HETATM 1320 O O   . HOH E 4 .   ? 1.209   -7.166  -10.432 1.00 42.33 ? 565 HOH A O   1 
HETATM 1321 O O   . HOH E 4 .   ? 9.114   -0.517  14.676  1.00 30.21 ? 566 HOH A O   1 
HETATM 1322 O O   . HOH E 4 .   ? 18.162  -6.550  9.391   1.00 30.87 ? 567 HOH A O   1 
HETATM 1323 O O   . HOH E 4 .   ? -14.159 10.374  -13.025 1.00 34.51 ? 568 HOH A O   1 
HETATM 1324 O O   . HOH E 4 .   ? 17.600  -3.560  5.378   1.00 31.37 ? 569 HOH A O   1 
HETATM 1325 O O   . HOH E 4 .   ? 0.073   13.490  3.294   1.00 31.40 ? 570 HOH A O   1 
HETATM 1326 O O   . HOH E 4 .   ? 3.517   -5.489  -10.265 1.00 39.56 ? 571 HOH A O   1 
HETATM 1327 O O   . HOH E 4 .   ? 7.274   11.132  8.247   1.00 43.74 ? 572 HOH A O   1 
HETATM 1328 O O   . HOH E 4 .   ? 12.295  2.090   -7.340  1.00 31.56 ? 573 HOH A O   1 
HETATM 1329 O O   . HOH E 4 .   ? 8.901   5.583   11.736  1.00 35.03 ? 574 HOH A O   1 
HETATM 1330 O O   . HOH E 4 .   ? 18.556  -4.014  2.965   0.50 35.31 ? 575 HOH A O   1 
HETATM 1331 O O   . HOH E 4 .   ? -13.304 14.035  3.034   1.00 36.70 ? 576 HOH A O   1 
HETATM 1332 O O   . HOH E 4 .   ? -16.461 8.916   4.590   1.00 34.86 ? 577 HOH A O   1 
HETATM 1333 O O   . HOH E 4 .   ? 8.919   2.864   14.912  1.00 34.93 ? 578 HOH A O   1 
HETATM 1334 O O   . HOH E 4 .   ? 5.897   13.383  7.501   1.00 45.24 ? 579 HOH A O   1 
HETATM 1335 O O   . HOH E 4 .   ? 6.467   -1.593  17.543  1.00 47.68 ? 580 HOH A O   1 
HETATM 1336 O O   . HOH E 4 .   ? 6.016   16.596  -2.136  0.50 37.43 ? 581 HOH A O   1 
HETATM 1337 O O   . HOH E 4 .   ? -0.043  16.125  5.083   1.00 37.32 ? 582 HOH A O   1 
HETATM 1338 O O   . HOH E 4 .   ? 2.030   14.857  4.735   1.00 38.30 ? 583 HOH A O   1 
HETATM 1339 O O   . HOH E 4 .   ? -9.336  -3.941  9.667   1.00 42.13 ? 584 HOH A O   1 
HETATM 1340 O O   . HOH E 4 .   ? 16.287  -7.213  -0.573  0.50 28.44 ? 585 HOH A O   1 
HETATM 1341 O O   . HOH E 4 .   ? -17.856 9.235   9.482   1.00 34.50 ? 586 HOH A O   1 
HETATM 1342 O O   . HOH E 4 .   ? 3.166   12.417  11.607  1.00 37.14 ? 587 HOH A O   1 
HETATM 1343 O O   . HOH E 4 .   ? 3.814   13.967  6.594   1.00 42.24 ? 588 HOH A O   1 
HETATM 1344 O O   . HOH E 4 .   ? 5.519   -7.350  -10.791 1.00 43.89 ? 589 HOH A O   1 
HETATM 1345 O O   . HOH E 4 .   ? 7.534   -6.751  -9.818  1.00 41.17 ? 590 HOH A O   1 
HETATM 1346 O O   . HOH E 4 .   ? -11.901 11.662  -8.285  1.00 37.74 ? 591 HOH A O   1 
HETATM 1347 O O   . HOH E 4 .   ? -19.746 6.760   9.297   1.00 39.99 ? 592 HOH A O   1 
HETATM 1348 O O   . HOH E 4 .   ? 2.523   -9.934  -11.223 1.00 49.20 ? 593 HOH A O   1 
HETATM 1349 O O   . HOH E 4 .   ? 8.732   -13.315 -6.573  1.00 41.20 ? 594 HOH A O   1 
HETATM 1350 O O   . HOH E 4 .   ? -6.436  -11.800 -7.666  1.00 27.33 ? 595 HOH A O   1 
HETATM 1351 O O   . HOH E 4 .   ? -2.720  -4.871  18.617  1.00 44.92 ? 596 HOH A O   1 
HETATM 1352 O O   . HOH E 4 .   ? -6.302  -9.572  -0.889  1.00 37.73 ? 597 HOH A O   1 
HETATM 1353 O O   . HOH E 4 .   ? -10.390 13.968  6.012   1.00 33.49 ? 598 HOH A O   1 
HETATM 1354 O O   . HOH E 4 .   ? -14.491 -5.543  -0.665  1.00 34.48 ? 599 HOH A O   1 
HETATM 1355 O O   . HOH E 4 .   ? -0.015  3.324   -16.589 1.00 41.11 ? 600 HOH A O   1 
HETATM 1356 O O   . HOH E 4 .   ? 19.713  4.582   5.889   1.00 46.39 ? 601 HOH A O   1 
HETATM 1357 O O   . HOH E 4 .   ? 9.286   14.430  0.192   1.00 43.90 ? 602 HOH A O   1 
HETATM 1358 O O   . HOH E 4 .   ? 11.953  -10.639 10.622  1.00 29.34 ? 603 HOH A O   1 
HETATM 1359 O O   . HOH E 4 .   ? 6.927   0.178   -14.682 1.00 48.77 ? 604 HOH A O   1 
HETATM 1360 O O   . HOH E 4 .   ? 8.540   15.360  4.362   1.00 49.80 ? 605 HOH A O   1 
HETATM 1361 O O   . HOH E 4 .   ? 5.607   1.413   17.040  1.00 45.77 ? 606 HOH A O   1 
HETATM 1362 O O   . HOH E 4 .   ? -3.802  -10.600 16.574  1.00 31.54 ? 607 HOH A O   1 
HETATM 1363 O O   . HOH E 4 .   ? 5.980   16.751  2.508   1.00 47.68 ? 608 HOH A O   1 
HETATM 1364 O O   . HOH E 4 .   ? -7.354  12.863  -6.363  1.00 27.35 ? 609 HOH A O   1 
HETATM 1365 O O   . HOH E 4 .   ? 3.443   -8.282  14.876  1.00 30.02 ? 610 HOH A O   1 
HETATM 1366 O O   . HOH E 4 .   ? 4.493   -6.242  14.616  1.00 26.94 ? 611 HOH A O   1 
HETATM 1367 O O   . HOH F 4 .   ? 10.731  5.687   -6.553  1.00 30.79 ? 401 HOH B O   1 
HETATM 1368 O O   . HOH F 4 .   ? 4.572   9.864   -14.446 1.00 30.81 ? 402 HOH B O   1 
HETATM 1369 O O   . HOH F 4 .   ? 1.818   9.702   -7.114  1.00 23.27 ? 403 HOH B O   1 
HETATM 1370 O O   . HOH F 4 .   ? 7.773   13.637  -10.082 1.00 41.48 ? 404 HOH B O   1 
HETATM 1371 O O   . HOH F 4 .   ? 9.098   7.813   -10.774 1.00 39.89 ? 405 HOH B O   1 
HETATM 1372 O O   . HOH F 4 .   ? 10.275  14.855  -2.552  1.00 37.84 ? 406 HOH B O   1 
HETATM 1373 O O   . HOH F 4 .   ? 11.036  14.114  -6.567  1.00 42.00 ? 407 HOH B O   1 
HETATM 1374 O O   . HOH F 4 .   ? 7.985   10.148  -11.916 1.00 43.99 ? 408 HOH B O   1 
# 
